data_2FUJ
# 
_entry.id   2FUJ 
# 
_audit_conform.dict_name       mmcif_pdbx.dic 
_audit_conform.dict_version    5.388 
_audit_conform.dict_location   http://mmcif.pdb.org/dictionaries/ascii/mmcif_pdbx.dic 
# 
loop_
_database_2.database_id 
_database_2.database_code 
_database_2.pdbx_database_accession 
_database_2.pdbx_DOI 
PDB   2FUJ         pdb_00002fuj 10.2210/pdb2fuj/pdb 
RCSB  RCSB036328   ?            ?                   
WWPDB D_1000036328 ?            ?                   
# 
loop_
_pdbx_audit_revision_history.ordinal 
_pdbx_audit_revision_history.data_content_type 
_pdbx_audit_revision_history.major_revision 
_pdbx_audit_revision_history.minor_revision 
_pdbx_audit_revision_history.revision_date 
1 'Structure model' 1 0 2006-07-04 
2 'Structure model' 1 1 2008-05-01 
3 'Structure model' 1 2 2011-07-13 
4 'Structure model' 1 3 2024-03-13 
# 
_pdbx_audit_revision_details.ordinal             1 
_pdbx_audit_revision_details.revision_ordinal    1 
_pdbx_audit_revision_details.data_content_type   'Structure model' 
_pdbx_audit_revision_details.provider            repository 
_pdbx_audit_revision_details.type                'Initial release' 
_pdbx_audit_revision_details.description         ? 
_pdbx_audit_revision_details.details             ? 
# 
loop_
_pdbx_audit_revision_group.ordinal 
_pdbx_audit_revision_group.revision_ordinal 
_pdbx_audit_revision_group.data_content_type 
_pdbx_audit_revision_group.group 
1 2 'Structure model' 'Version format compliance' 
2 3 'Structure model' 'Derived calculations'      
3 3 'Structure model' 'Version format compliance' 
4 4 'Structure model' 'Data collection'           
5 4 'Structure model' 'Database references'       
# 
loop_
_pdbx_audit_revision_category.ordinal 
_pdbx_audit_revision_category.revision_ordinal 
_pdbx_audit_revision_category.data_content_type 
_pdbx_audit_revision_category.category 
1 4 'Structure model' chem_comp_atom     
2 4 'Structure model' chem_comp_bond     
3 4 'Structure model' database_2         
4 4 'Structure model' struct_ref_seq_dif 
# 
loop_
_pdbx_audit_revision_item.ordinal 
_pdbx_audit_revision_item.revision_ordinal 
_pdbx_audit_revision_item.data_content_type 
_pdbx_audit_revision_item.item 
1 4 'Structure model' '_database_2.pdbx_DOI'                
2 4 'Structure model' '_database_2.pdbx_database_accession' 
3 4 'Structure model' '_struct_ref_seq_dif.details'         
# 
_pdbx_database_status.status_code                     REL 
_pdbx_database_status.entry_id                        2FUJ 
_pdbx_database_status.recvd_initial_deposition_date   2006-01-27 
_pdbx_database_status.deposit_site                    RCSB 
_pdbx_database_status.process_site                    PDBJ 
_pdbx_database_status.status_code_sf                  ? 
_pdbx_database_status.status_code_mr                  ? 
_pdbx_database_status.SG_entry                        ? 
_pdbx_database_status.pdb_format_compatible           Y 
_pdbx_database_status.status_code_cs                  ? 
_pdbx_database_status.status_code_nmr_data            ? 
_pdbx_database_status.methods_development_category    ? 
# 
loop_
_audit_author.name 
_audit_author.pdbx_ordinal 
'Chin, K.H.' 1 
'Chou, C.C.' 2 
'Wang, A.H.' 3 
'Chou, S.H.' 4 
# 
_citation.id                        primary 
_citation.title                     
;Crystal structure of a putative acyl-CoA thioesterase from Xanthomonas campestris (XC229) adopts a tetrameric hotdog fold of epsilongamma mode.
;
_citation.journal_abbrev            Proteins 
_citation.journal_volume            64 
_citation.page_first                823 
_citation.page_last                 826 
_citation.year                      2006 
_citation.journal_id_ASTM           PSFGEY 
_citation.country                   US 
_citation.journal_id_ISSN           0887-3585 
_citation.journal_id_CSD            0867 
_citation.book_publisher            ? 
_citation.pdbx_database_id_PubMed   16763992 
_citation.pdbx_database_id_DOI      10.1002/prot.21037 
# 
loop_
_citation_author.citation_id 
_citation_author.name 
_citation_author.ordinal 
_citation_author.identifier_ORCID 
primary 'Chin, K.H.' 1 ? 
primary 'Chou, C.C.' 2 ? 
primary 'Wang, A.H.' 3 ? 
primary 'Chou, S.H.' 4 ? 
# 
loop_
_entity.id 
_entity.type 
_entity.src_method 
_entity.pdbx_description 
_entity.formula_weight 
_entity.pdbx_number_of_molecules 
_entity.pdbx_ec 
_entity.pdbx_mutation 
_entity.pdbx_fragment 
_entity.details 
1 polymer man 'conserved hypothetical protein' 15198.329 1   ? ? ? ? 
2 water   nat water                            18.015    171 ? ? ? ? 
# 
_entity_name_com.entity_id   1 
_entity_name_com.name        'XC229, putative acyl-CoA thioesterase' 
# 
_entity_poly.entity_id                      1 
_entity_poly.type                           'polypeptide(L)' 
_entity_poly.nstd_linkage                   no 
_entity_poly.nstd_monomer                   no 
_entity_poly.pdbx_seq_one_letter_code       
;SNAMSEHKILARVPISVRWRDMDSMGHVNNAKYISYLEEARVRWMLGVEGVAMTDRIAPVVAATNVNYKRPLVWPNDILV
ELFVERLGSSSVTIGHRILDQKDEGVLYSDGNVVVVWIDTQTGKSASLPDAVRAASS
;
_entity_poly.pdbx_seq_one_letter_code_can   
;SNAMSEHKILARVPISVRWRDMDSMGHVNNAKYISYLEEARVRWMLGVEGVAMTDRIAPVVAATNVNYKRPLVWPNDILV
ELFVERLGSSSVTIGHRILDQKDEGVLYSDGNVVVVWIDTQTGKSASLPDAVRAASS
;
_entity_poly.pdbx_strand_id                 A 
_entity_poly.pdbx_target_identifier         ? 
# 
_pdbx_entity_nonpoly.entity_id   2 
_pdbx_entity_nonpoly.name        water 
_pdbx_entity_nonpoly.comp_id     HOH 
# 
loop_
_entity_poly_seq.entity_id 
_entity_poly_seq.num 
_entity_poly_seq.mon_id 
_entity_poly_seq.hetero 
1 1   SER n 
1 2   ASN n 
1 3   ALA n 
1 4   MET n 
1 5   SER n 
1 6   GLU n 
1 7   HIS n 
1 8   LYS n 
1 9   ILE n 
1 10  LEU n 
1 11  ALA n 
1 12  ARG n 
1 13  VAL n 
1 14  PRO n 
1 15  ILE n 
1 16  SER n 
1 17  VAL n 
1 18  ARG n 
1 19  TRP n 
1 20  ARG n 
1 21  ASP n 
1 22  MET n 
1 23  ASP n 
1 24  SER n 
1 25  MET n 
1 26  GLY n 
1 27  HIS n 
1 28  VAL n 
1 29  ASN n 
1 30  ASN n 
1 31  ALA n 
1 32  LYS n 
1 33  TYR n 
1 34  ILE n 
1 35  SER n 
1 36  TYR n 
1 37  LEU n 
1 38  GLU n 
1 39  GLU n 
1 40  ALA n 
1 41  ARG n 
1 42  VAL n 
1 43  ARG n 
1 44  TRP n 
1 45  MET n 
1 46  LEU n 
1 47  GLY n 
1 48  VAL n 
1 49  GLU n 
1 50  GLY n 
1 51  VAL n 
1 52  ALA n 
1 53  MET n 
1 54  THR n 
1 55  ASP n 
1 56  ARG n 
1 57  ILE n 
1 58  ALA n 
1 59  PRO n 
1 60  VAL n 
1 61  VAL n 
1 62  ALA n 
1 63  ALA n 
1 64  THR n 
1 65  ASN n 
1 66  VAL n 
1 67  ASN n 
1 68  TYR n 
1 69  LYS n 
1 70  ARG n 
1 71  PRO n 
1 72  LEU n 
1 73  VAL n 
1 74  TRP n 
1 75  PRO n 
1 76  ASN n 
1 77  ASP n 
1 78  ILE n 
1 79  LEU n 
1 80  VAL n 
1 81  GLU n 
1 82  LEU n 
1 83  PHE n 
1 84  VAL n 
1 85  GLU n 
1 86  ARG n 
1 87  LEU n 
1 88  GLY n 
1 89  SER n 
1 90  SER n 
1 91  SER n 
1 92  VAL n 
1 93  THR n 
1 94  ILE n 
1 95  GLY n 
1 96  HIS n 
1 97  ARG n 
1 98  ILE n 
1 99  LEU n 
1 100 ASP n 
1 101 GLN n 
1 102 LYS n 
1 103 ASP n 
1 104 GLU n 
1 105 GLY n 
1 106 VAL n 
1 107 LEU n 
1 108 TYR n 
1 109 SER n 
1 110 ASP n 
1 111 GLY n 
1 112 ASN n 
1 113 VAL n 
1 114 VAL n 
1 115 VAL n 
1 116 VAL n 
1 117 TRP n 
1 118 ILE n 
1 119 ASP n 
1 120 THR n 
1 121 GLN n 
1 122 THR n 
1 123 GLY n 
1 124 LYS n 
1 125 SER n 
1 126 ALA n 
1 127 SER n 
1 128 LEU n 
1 129 PRO n 
1 130 ASP n 
1 131 ALA n 
1 132 VAL n 
1 133 ARG n 
1 134 ALA n 
1 135 ALA n 
1 136 SER n 
1 137 SER n 
# 
_entity_src_gen.entity_id                          1 
_entity_src_gen.pdbx_src_id                        1 
_entity_src_gen.pdbx_alt_source_flag               sample 
_entity_src_gen.pdbx_seq_type                      ? 
_entity_src_gen.pdbx_beg_seq_num                   ? 
_entity_src_gen.pdbx_end_seq_num                   ? 
_entity_src_gen.gene_src_common_name               ? 
_entity_src_gen.gene_src_genus                     Xanthomonas 
_entity_src_gen.pdbx_gene_src_gene                 ? 
_entity_src_gen.gene_src_species                   'Xanthomonas campestris' 
_entity_src_gen.gene_src_strain                    'ATCC 33913' 
_entity_src_gen.gene_src_tissue                    ? 
_entity_src_gen.gene_src_tissue_fraction           ? 
_entity_src_gen.gene_src_details                   ? 
_entity_src_gen.pdbx_gene_src_fragment             ? 
_entity_src_gen.pdbx_gene_src_scientific_name      'Xanthomonas campestris pv. campestris' 
_entity_src_gen.pdbx_gene_src_ncbi_taxonomy_id     340 
_entity_src_gen.pdbx_gene_src_variant              ? 
_entity_src_gen.pdbx_gene_src_cell_line            ? 
_entity_src_gen.pdbx_gene_src_atcc                 ? 
_entity_src_gen.pdbx_gene_src_organ                ? 
_entity_src_gen.pdbx_gene_src_organelle            ? 
_entity_src_gen.pdbx_gene_src_cell                 ? 
_entity_src_gen.pdbx_gene_src_cellular_location    ? 
_entity_src_gen.host_org_common_name               ? 
_entity_src_gen.pdbx_host_org_scientific_name      'Escherichia coli BL21' 
_entity_src_gen.pdbx_host_org_ncbi_taxonomy_id     511693 
_entity_src_gen.host_org_genus                     Escherichia 
_entity_src_gen.pdbx_host_org_gene                 ? 
_entity_src_gen.pdbx_host_org_organ                ? 
_entity_src_gen.host_org_species                   'Escherichia coli' 
_entity_src_gen.pdbx_host_org_tissue               ? 
_entity_src_gen.pdbx_host_org_tissue_fraction      ? 
_entity_src_gen.pdbx_host_org_strain               BL21 
_entity_src_gen.pdbx_host_org_variant              ? 
_entity_src_gen.pdbx_host_org_cell_line            ? 
_entity_src_gen.pdbx_host_org_atcc                 ? 
_entity_src_gen.pdbx_host_org_culture_collection   ? 
_entity_src_gen.pdbx_host_org_cell                 ? 
_entity_src_gen.pdbx_host_org_organelle            ? 
_entity_src_gen.pdbx_host_org_cellular_location    ? 
_entity_src_gen.pdbx_host_org_vector_type          plasmid 
_entity_src_gen.pdbx_host_org_vector               ? 
_entity_src_gen.host_org_details                   ? 
_entity_src_gen.expression_system_id               ? 
_entity_src_gen.plasmid_name                       pET20b 
_entity_src_gen.plasmid_details                    ? 
_entity_src_gen.pdbx_description                   ? 
# 
loop_
_chem_comp.id 
_chem_comp.type 
_chem_comp.mon_nstd_flag 
_chem_comp.name 
_chem_comp.pdbx_synonyms 
_chem_comp.formula 
_chem_comp.formula_weight 
ALA 'L-peptide linking' y ALANINE         ? 'C3 H7 N O2'     89.093  
ARG 'L-peptide linking' y ARGININE        ? 'C6 H15 N4 O2 1' 175.209 
ASN 'L-peptide linking' y ASPARAGINE      ? 'C4 H8 N2 O3'    132.118 
ASP 'L-peptide linking' y 'ASPARTIC ACID' ? 'C4 H7 N O4'     133.103 
GLN 'L-peptide linking' y GLUTAMINE       ? 'C5 H10 N2 O3'   146.144 
GLU 'L-peptide linking' y 'GLUTAMIC ACID' ? 'C5 H9 N O4'     147.129 
GLY 'peptide linking'   y GLYCINE         ? 'C2 H5 N O2'     75.067  
HIS 'L-peptide linking' y HISTIDINE       ? 'C6 H10 N3 O2 1' 156.162 
HOH non-polymer         . WATER           ? 'H2 O'           18.015  
ILE 'L-peptide linking' y ISOLEUCINE      ? 'C6 H13 N O2'    131.173 
LEU 'L-peptide linking' y LEUCINE         ? 'C6 H13 N O2'    131.173 
LYS 'L-peptide linking' y LYSINE          ? 'C6 H15 N2 O2 1' 147.195 
MET 'L-peptide linking' y METHIONINE      ? 'C5 H11 N O2 S'  149.211 
PHE 'L-peptide linking' y PHENYLALANINE   ? 'C9 H11 N O2'    165.189 
PRO 'L-peptide linking' y PROLINE         ? 'C5 H9 N O2'     115.130 
SER 'L-peptide linking' y SERINE          ? 'C3 H7 N O3'     105.093 
THR 'L-peptide linking' y THREONINE       ? 'C4 H9 N O3'     119.119 
TRP 'L-peptide linking' y TRYPTOPHAN      ? 'C11 H12 N2 O2'  204.225 
TYR 'L-peptide linking' y TYROSINE        ? 'C9 H11 N O3'    181.189 
VAL 'L-peptide linking' y VALINE          ? 'C5 H11 N O2'    117.146 
# 
loop_
_pdbx_poly_seq_scheme.asym_id 
_pdbx_poly_seq_scheme.entity_id 
_pdbx_poly_seq_scheme.seq_id 
_pdbx_poly_seq_scheme.mon_id 
_pdbx_poly_seq_scheme.ndb_seq_num 
_pdbx_poly_seq_scheme.pdb_seq_num 
_pdbx_poly_seq_scheme.auth_seq_num 
_pdbx_poly_seq_scheme.pdb_mon_id 
_pdbx_poly_seq_scheme.auth_mon_id 
_pdbx_poly_seq_scheme.pdb_strand_id 
_pdbx_poly_seq_scheme.pdb_ins_code 
_pdbx_poly_seq_scheme.hetero 
A 1 1   SER 1   -2  ?   ?   ?   A . n 
A 1 2   ASN 2   -1  ?   ?   ?   A . n 
A 1 3   ALA 3   0   ?   ?   ?   A . n 
A 1 4   MET 4   1   ?   ?   ?   A . n 
A 1 5   SER 5   2   ?   ?   ?   A . n 
A 1 6   GLU 6   3   ?   ?   ?   A . n 
A 1 7   HIS 7   4   ?   ?   ?   A . n 
A 1 8   LYS 8   5   5   LYS LYS A . n 
A 1 9   ILE 9   6   6   ILE ILE A . n 
A 1 10  LEU 10  7   7   LEU LEU A . n 
A 1 11  ALA 11  8   8   ALA ALA A . n 
A 1 12  ARG 12  9   9   ARG ARG A . n 
A 1 13  VAL 13  10  10  VAL VAL A . n 
A 1 14  PRO 14  11  11  PRO PRO A . n 
A 1 15  ILE 15  12  12  ILE ILE A . n 
A 1 16  SER 16  13  13  SER SER A . n 
A 1 17  VAL 17  14  14  VAL VAL A . n 
A 1 18  ARG 18  15  15  ARG ARG A . n 
A 1 19  TRP 19  16  16  TRP TRP A . n 
A 1 20  ARG 20  17  17  ARG ARG A . n 
A 1 21  ASP 21  18  18  ASP ASP A . n 
A 1 22  MET 22  19  19  MET MET A . n 
A 1 23  ASP 23  20  20  ASP ASP A . n 
A 1 24  SER 24  21  21  SER SER A . n 
A 1 25  MET 25  22  22  MET MET A . n 
A 1 26  GLY 26  23  23  GLY GLY A . n 
A 1 27  HIS 27  24  24  HIS HIS A . n 
A 1 28  VAL 28  25  25  VAL VAL A . n 
A 1 29  ASN 29  26  26  ASN ASN A . n 
A 1 30  ASN 30  27  27  ASN ASN A . n 
A 1 31  ALA 31  28  28  ALA ALA A . n 
A 1 32  LYS 32  29  29  LYS LYS A . n 
A 1 33  TYR 33  30  30  TYR TYR A . n 
A 1 34  ILE 34  31  31  ILE ILE A . n 
A 1 35  SER 35  32  32  SER SER A . n 
A 1 36  TYR 36  33  33  TYR TYR A . n 
A 1 37  LEU 37  34  34  LEU LEU A . n 
A 1 38  GLU 38  35  35  GLU GLU A . n 
A 1 39  GLU 39  36  36  GLU GLU A . n 
A 1 40  ALA 40  37  37  ALA ALA A . n 
A 1 41  ARG 41  38  38  ARG ARG A . n 
A 1 42  VAL 42  39  39  VAL VAL A . n 
A 1 43  ARG 43  40  40  ARG ARG A . n 
A 1 44  TRP 44  41  41  TRP TRP A . n 
A 1 45  MET 45  42  42  MET MET A . n 
A 1 46  LEU 46  43  43  LEU LEU A . n 
A 1 47  GLY 47  44  44  GLY GLY A . n 
A 1 48  VAL 48  45  45  VAL VAL A . n 
A 1 49  GLU 49  46  46  GLU GLU A . n 
A 1 50  GLY 50  47  47  GLY GLY A . n 
A 1 51  VAL 51  48  48  VAL VAL A . n 
A 1 52  ALA 52  49  49  ALA ALA A . n 
A 1 53  MET 53  50  50  MET MET A . n 
A 1 54  THR 54  51  51  THR THR A . n 
A 1 55  ASP 55  52  52  ASP ASP A . n 
A 1 56  ARG 56  53  53  ARG ARG A . n 
A 1 57  ILE 57  54  54  ILE ILE A . n 
A 1 58  ALA 58  55  55  ALA ALA A . n 
A 1 59  PRO 59  56  56  PRO PRO A . n 
A 1 60  VAL 60  57  57  VAL VAL A . n 
A 1 61  VAL 61  58  58  VAL VAL A . n 
A 1 62  ALA 62  59  59  ALA ALA A . n 
A 1 63  ALA 63  60  60  ALA ALA A . n 
A 1 64  THR 64  61  61  THR THR A . n 
A 1 65  ASN 65  62  62  ASN ASN A . n 
A 1 66  VAL 66  63  63  VAL VAL A . n 
A 1 67  ASN 67  64  64  ASN ASN A . n 
A 1 68  TYR 68  65  65  TYR TYR A . n 
A 1 69  LYS 69  66  66  LYS LYS A . n 
A 1 70  ARG 70  67  67  ARG ARG A . n 
A 1 71  PRO 71  68  68  PRO PRO A . n 
A 1 72  LEU 72  69  69  LEU LEU A . n 
A 1 73  VAL 73  70  70  VAL VAL A . n 
A 1 74  TRP 74  71  71  TRP TRP A . n 
A 1 75  PRO 75  72  72  PRO PRO A . n 
A 1 76  ASN 76  73  73  ASN ASN A . n 
A 1 77  ASP 77  74  74  ASP ASP A . n 
A 1 78  ILE 78  75  75  ILE ILE A . n 
A 1 79  LEU 79  76  76  LEU LEU A . n 
A 1 80  VAL 80  77  77  VAL VAL A . n 
A 1 81  GLU 81  78  78  GLU GLU A . n 
A 1 82  LEU 82  79  79  LEU LEU A . n 
A 1 83  PHE 83  80  80  PHE PHE A . n 
A 1 84  VAL 84  81  81  VAL VAL A . n 
A 1 85  GLU 85  82  82  GLU GLU A . n 
A 1 86  ARG 86  83  83  ARG ARG A . n 
A 1 87  LEU 87  84  84  LEU LEU A . n 
A 1 88  GLY 88  85  85  GLY GLY A . n 
A 1 89  SER 89  86  86  SER SER A . n 
A 1 90  SER 90  87  87  SER SER A . n 
A 1 91  SER 91  88  88  SER SER A . n 
A 1 92  VAL 92  89  89  VAL VAL A . n 
A 1 93  THR 93  90  90  THR THR A . n 
A 1 94  ILE 94  91  91  ILE ILE A . n 
A 1 95  GLY 95  92  92  GLY GLY A . n 
A 1 96  HIS 96  93  93  HIS HIS A . n 
A 1 97  ARG 97  94  94  ARG ARG A . n 
A 1 98  ILE 98  95  95  ILE ILE A . n 
A 1 99  LEU 99  96  96  LEU LEU A . n 
A 1 100 ASP 100 97  97  ASP ASP A . n 
A 1 101 GLN 101 98  98  GLN GLN A . n 
A 1 102 LYS 102 99  99  LYS LYS A . n 
A 1 103 ASP 103 100 100 ASP ASP A . n 
A 1 104 GLU 104 101 101 GLU GLU A . n 
A 1 105 GLY 105 102 102 GLY GLY A . n 
A 1 106 VAL 106 103 103 VAL VAL A . n 
A 1 107 LEU 107 104 104 LEU LEU A . n 
A 1 108 TYR 108 105 105 TYR TYR A . n 
A 1 109 SER 109 106 106 SER SER A . n 
A 1 110 ASP 110 107 107 ASP ASP A . n 
A 1 111 GLY 111 108 108 GLY GLY A . n 
A 1 112 ASN 112 109 109 ASN ASN A . n 
A 1 113 VAL 113 110 110 VAL VAL A . n 
A 1 114 VAL 114 111 111 VAL VAL A . n 
A 1 115 VAL 115 112 112 VAL VAL A . n 
A 1 116 VAL 116 113 113 VAL VAL A . n 
A 1 117 TRP 117 114 114 TRP TRP A . n 
A 1 118 ILE 118 115 115 ILE ILE A . n 
A 1 119 ASP 119 116 116 ASP ASP A . n 
A 1 120 THR 120 117 117 THR THR A . n 
A 1 121 GLN 121 118 118 GLN GLN A . n 
A 1 122 THR 122 119 119 THR THR A . n 
A 1 123 GLY 123 120 120 GLY GLY A . n 
A 1 124 LYS 124 121 121 LYS LYS A . n 
A 1 125 SER 125 122 122 SER SER A . n 
A 1 126 ALA 126 123 ?   ?   ?   A . n 
A 1 127 SER 127 124 ?   ?   ?   A . n 
A 1 128 LEU 128 125 ?   ?   ?   A . n 
A 1 129 PRO 129 126 ?   ?   ?   A . n 
A 1 130 ASP 130 127 ?   ?   ?   A . n 
A 1 131 ALA 131 128 ?   ?   ?   A . n 
A 1 132 VAL 132 129 ?   ?   ?   A . n 
A 1 133 ARG 133 130 ?   ?   ?   A . n 
A 1 134 ALA 134 131 ?   ?   ?   A . n 
A 1 135 ALA 135 132 ?   ?   ?   A . n 
A 1 136 SER 136 133 ?   ?   ?   A . n 
A 1 137 SER 137 134 ?   ?   ?   A . n 
# 
loop_
_pdbx_nonpoly_scheme.asym_id 
_pdbx_nonpoly_scheme.entity_id 
_pdbx_nonpoly_scheme.mon_id 
_pdbx_nonpoly_scheme.ndb_seq_num 
_pdbx_nonpoly_scheme.pdb_seq_num 
_pdbx_nonpoly_scheme.auth_seq_num 
_pdbx_nonpoly_scheme.pdb_mon_id 
_pdbx_nonpoly_scheme.auth_mon_id 
_pdbx_nonpoly_scheme.pdb_strand_id 
_pdbx_nonpoly_scheme.pdb_ins_code 
B 2 HOH 1   135 116 HOH HOH A . 
B 2 HOH 2   136 117 HOH HOH A . 
B 2 HOH 3   137 119 HOH HOH A . 
B 2 HOH 4   138 121 HOH HOH A . 
B 2 HOH 5   139 123 HOH HOH A . 
B 2 HOH 6   140 124 HOH HOH A . 
B 2 HOH 7   141 125 HOH HOH A . 
B 2 HOH 8   142 126 HOH HOH A . 
B 2 HOH 9   143 127 HOH HOH A . 
B 2 HOH 10  144 128 HOH HOH A . 
B 2 HOH 11  145 130 HOH HOH A . 
B 2 HOH 12  146 131 HOH HOH A . 
B 2 HOH 13  147 133 HOH HOH A . 
B 2 HOH 14  148 134 HOH HOH A . 
B 2 HOH 15  149 137 HOH HOH A . 
B 2 HOH 16  150 138 HOH HOH A . 
B 2 HOH 17  151 139 HOH HOH A . 
B 2 HOH 18  152 141 HOH HOH A . 
B 2 HOH 19  153 143 HOH HOH A . 
B 2 HOH 20  154 144 HOH HOH A . 
B 2 HOH 21  155 145 HOH HOH A . 
B 2 HOH 22  156 146 HOH HOH A . 
B 2 HOH 23  157 150 HOH HOH A . 
B 2 HOH 24  158 151 HOH HOH A . 
B 2 HOH 25  159 157 HOH HOH A . 
B 2 HOH 26  160 158 HOH HOH A . 
B 2 HOH 27  161 159 HOH HOH A . 
B 2 HOH 28  162 161 HOH HOH A . 
B 2 HOH 29  163 164 HOH HOH A . 
B 2 HOH 30  164 165 HOH HOH A . 
B 2 HOH 31  165 166 HOH HOH A . 
B 2 HOH 32  166 167 HOH HOH A . 
B 2 HOH 33  167 168 HOH HOH A . 
B 2 HOH 34  168 169 HOH HOH A . 
B 2 HOH 35  169 170 HOH HOH A . 
B 2 HOH 36  170 171 HOH HOH A . 
B 2 HOH 37  171 172 HOH HOH A . 
B 2 HOH 38  172 173 HOH HOH A . 
B 2 HOH 39  173 174 HOH HOH A . 
B 2 HOH 40  174 175 HOH HOH A . 
B 2 HOH 41  175 176 HOH HOH A . 
B 2 HOH 42  176 177 HOH HOH A . 
B 2 HOH 43  177 178 HOH HOH A . 
B 2 HOH 44  178 179 HOH HOH A . 
B 2 HOH 45  179 180 HOH HOH A . 
B 2 HOH 46  180 182 HOH HOH A . 
B 2 HOH 47  181 183 HOH HOH A . 
B 2 HOH 48  182 185 HOH HOH A . 
B 2 HOH 49  183 186 HOH HOH A . 
B 2 HOH 50  184 188 HOH HOH A . 
B 2 HOH 51  185 189 HOH HOH A . 
B 2 HOH 52  186 190 HOH HOH A . 
B 2 HOH 53  187 191 HOH HOH A . 
B 2 HOH 54  188 195 HOH HOH A . 
B 2 HOH 55  189 196 HOH HOH A . 
B 2 HOH 56  190 199 HOH HOH A . 
B 2 HOH 57  191 200 HOH HOH A . 
B 2 HOH 58  192 201 HOH HOH A . 
B 2 HOH 59  193 202 HOH HOH A . 
B 2 HOH 60  194 203 HOH HOH A . 
B 2 HOH 61  195 204 HOH HOH A . 
B 2 HOH 62  196 206 HOH HOH A . 
B 2 HOH 63  197 207 HOH HOH A . 
B 2 HOH 64  198 208 HOH HOH A . 
B 2 HOH 65  199 209 HOH HOH A . 
B 2 HOH 66  200 210 HOH HOH A . 
B 2 HOH 67  201 211 HOH HOH A . 
B 2 HOH 68  202 212 HOH HOH A . 
B 2 HOH 69  203 213 HOH HOH A . 
B 2 HOH 70  204 214 HOH HOH A . 
B 2 HOH 71  205 215 HOH HOH A . 
B 2 HOH 72  206 216 HOH HOH A . 
B 2 HOH 73  207 217 HOH HOH A . 
B 2 HOH 74  208 220 HOH HOH A . 
B 2 HOH 75  209 221 HOH HOH A . 
B 2 HOH 76  210 222 HOH HOH A . 
B 2 HOH 77  211 223 HOH HOH A . 
B 2 HOH 78  212 225 HOH HOH A . 
B 2 HOH 79  213 226 HOH HOH A . 
B 2 HOH 80  214 228 HOH HOH A . 
B 2 HOH 81  215 229 HOH HOH A . 
B 2 HOH 82  216 230 HOH HOH A . 
B 2 HOH 83  217 231 HOH HOH A . 
B 2 HOH 84  218 232 HOH HOH A . 
B 2 HOH 85  219 233 HOH HOH A . 
B 2 HOH 86  220 234 HOH HOH A . 
B 2 HOH 87  221 235 HOH HOH A . 
B 2 HOH 88  222 236 HOH HOH A . 
B 2 HOH 89  223 237 HOH HOH A . 
B 2 HOH 90  224 238 HOH HOH A . 
B 2 HOH 91  225 239 HOH HOH A . 
B 2 HOH 92  226 240 HOH HOH A . 
B 2 HOH 93  227 241 HOH HOH A . 
B 2 HOH 94  228 242 HOH HOH A . 
B 2 HOH 95  229 243 HOH HOH A . 
B 2 HOH 96  230 244 HOH HOH A . 
B 2 HOH 97  231 246 HOH HOH A . 
B 2 HOH 98  232 248 HOH HOH A . 
B 2 HOH 99  233 249 HOH HOH A . 
B 2 HOH 100 234 251 HOH HOH A . 
B 2 HOH 101 235 252 HOH HOH A . 
B 2 HOH 102 236 253 HOH HOH A . 
B 2 HOH 103 237 254 HOH HOH A . 
B 2 HOH 104 238 255 HOH HOH A . 
B 2 HOH 105 239 256 HOH HOH A . 
B 2 HOH 106 240 258 HOH HOH A . 
B 2 HOH 107 241 259 HOH HOH A . 
B 2 HOH 108 242 261 HOH HOH A . 
B 2 HOH 109 243 262 HOH HOH A . 
B 2 HOH 110 244 263 HOH HOH A . 
B 2 HOH 111 245 264 HOH HOH A . 
B 2 HOH 112 246 265 HOH HOH A . 
B 2 HOH 113 247 266 HOH HOH A . 
B 2 HOH 114 248 268 HOH HOH A . 
B 2 HOH 115 249 269 HOH HOH A . 
B 2 HOH 116 250 270 HOH HOH A . 
B 2 HOH 117 251 271 HOH HOH A . 
B 2 HOH 118 252 272 HOH HOH A . 
B 2 HOH 119 253 273 HOH HOH A . 
B 2 HOH 120 254 274 HOH HOH A . 
B 2 HOH 121 255 275 HOH HOH A . 
B 2 HOH 122 256 276 HOH HOH A . 
B 2 HOH 123 257 277 HOH HOH A . 
B 2 HOH 124 258 280 HOH HOH A . 
B 2 HOH 125 259 281 HOH HOH A . 
B 2 HOH 126 260 282 HOH HOH A . 
B 2 HOH 127 261 284 HOH HOH A . 
B 2 HOH 128 262 285 HOH HOH A . 
B 2 HOH 129 263 286 HOH HOH A . 
B 2 HOH 130 264 287 HOH HOH A . 
B 2 HOH 131 265 288 HOH HOH A . 
B 2 HOH 132 266 289 HOH HOH A . 
B 2 HOH 133 267 290 HOH HOH A . 
B 2 HOH 134 268 291 HOH HOH A . 
B 2 HOH 135 269 292 HOH HOH A . 
B 2 HOH 136 270 293 HOH HOH A . 
B 2 HOH 137 271 294 HOH HOH A . 
B 2 HOH 138 272 295 HOH HOH A . 
B 2 HOH 139 273 296 HOH HOH A . 
B 2 HOH 140 274 297 HOH HOH A . 
B 2 HOH 141 275 298 HOH HOH A . 
B 2 HOH 142 276 299 HOH HOH A . 
B 2 HOH 143 277 300 HOH HOH A . 
B 2 HOH 144 278 301 HOH HOH A . 
B 2 HOH 145 279 302 HOH HOH A . 
B 2 HOH 146 280 303 HOH HOH A . 
B 2 HOH 147 281 304 HOH HOH A . 
B 2 HOH 148 282 305 HOH HOH A . 
B 2 HOH 149 283 306 HOH HOH A . 
B 2 HOH 150 284 307 HOH HOH A . 
B 2 HOH 151 285 308 HOH HOH A . 
B 2 HOH 152 286 309 HOH HOH A . 
B 2 HOH 153 287 310 HOH HOH A . 
B 2 HOH 154 288 311 HOH HOH A . 
B 2 HOH 155 289 312 HOH HOH A . 
B 2 HOH 156 290 313 HOH HOH A . 
B 2 HOH 157 291 314 HOH HOH A . 
B 2 HOH 158 292 315 HOH HOH A . 
B 2 HOH 159 293 316 HOH HOH A . 
B 2 HOH 160 294 317 HOH HOH A . 
B 2 HOH 161 295 318 HOH HOH A . 
B 2 HOH 162 296 319 HOH HOH A . 
B 2 HOH 163 297 320 HOH HOH A . 
B 2 HOH 164 298 321 HOH HOH A . 
B 2 HOH 165 299 322 HOH HOH A . 
B 2 HOH 166 300 323 HOH HOH A . 
B 2 HOH 167 301 324 HOH HOH A . 
B 2 HOH 168 302 325 HOH HOH A . 
B 2 HOH 169 303 326 HOH HOH A . 
B 2 HOH 170 304 327 HOH HOH A . 
B 2 HOH 171 305 328 HOH HOH A . 
# 
loop_
_software.name 
_software.classification 
_software.version 
_software.citation_id 
_software.pdbx_ordinal 
DENZO 'data reduction' .         ? 1 
SCALA 'data scaling'   .         ? 2 
SOLVE phasing          .         ? 3 
CNS   refinement       .         ? 4 
CCP4  'data scaling'   '(SCALA)' ? 5 
# 
_cell.entry_id           2FUJ 
_cell.length_a           106.590 
_cell.length_b           106.590 
_cell.length_c           106.590 
_cell.angle_alpha        90.00 
_cell.angle_beta         90.00 
_cell.angle_gamma        90.00 
_cell.Z_PDB              24 
_cell.pdbx_unique_axis   ? 
_cell.length_a_esd       ? 
_cell.length_b_esd       ? 
_cell.length_c_esd       ? 
_cell.angle_alpha_esd    ? 
_cell.angle_beta_esd     ? 
_cell.angle_gamma_esd    ? 
# 
_symmetry.entry_id                         2FUJ 
_symmetry.space_group_name_H-M             'I 2 3' 
_symmetry.pdbx_full_space_group_name_H-M   ? 
_symmetry.cell_setting                     ? 
_symmetry.Int_Tables_number                197 
_symmetry.space_group_name_Hall            ? 
# 
_exptl.entry_id          2FUJ 
_exptl.method            'X-RAY DIFFRACTION' 
_exptl.crystals_number   2 
# 
_exptl_crystal.id                    1 
_exptl_crystal.density_meas          ? 
_exptl_crystal.density_Matthews      3.32 
_exptl_crystal.density_percent_sol   62.94 
_exptl_crystal.description           ? 
_exptl_crystal.F_000                 ? 
_exptl_crystal.preparation           ? 
# 
_exptl_crystal_grow.crystal_id      1 
_exptl_crystal_grow.method          'VAPOR DIFFUSION, SITTING DROP' 
_exptl_crystal_grow.temp            295 
_exptl_crystal_grow.temp_details    ? 
_exptl_crystal_grow.pH              8.0 
_exptl_crystal_grow.pdbx_details    'MPD33%, pH 8.0, VAPOR DIFFUSION, SITTING DROP, temperature 295K' 
_exptl_crystal_grow.pdbx_pH_range   . 
# 
_diffrn.id                     1 
_diffrn.ambient_temp           100 
_diffrn.ambient_temp_details   ? 
_diffrn.crystal_id             1 
# 
_diffrn_detector.diffrn_id              1 
_diffrn_detector.detector               CCD 
_diffrn_detector.type                   'ADSC QUANTUM 4' 
_diffrn_detector.pdbx_collection_date   2005-06-03 
_diffrn_detector.details                ? 
# 
_diffrn_radiation.diffrn_id                        1 
_diffrn_radiation.wavelength_id                    1 
_diffrn_radiation.pdbx_monochromatic_or_laue_m_l   M 
_diffrn_radiation.monochromator                    Se-Met 
_diffrn_radiation.pdbx_diffrn_protocol             'SINGLE WAVELENGTH' 
_diffrn_radiation.pdbx_scattering_type             x-ray 
# 
_diffrn_radiation_wavelength.id           1 
_diffrn_radiation_wavelength.wavelength   0.98230 
_diffrn_radiation_wavelength.wt           1.0 
# 
_diffrn_source.diffrn_id                   1 
_diffrn_source.source                      SYNCHROTRON 
_diffrn_source.type                        'SPRING-8 BEAMLINE BL12B2' 
_diffrn_source.pdbx_synchrotron_site       SPring-8 
_diffrn_source.pdbx_synchrotron_beamline   BL12B2 
_diffrn_source.pdbx_wavelength             ? 
_diffrn_source.pdbx_wavelength_list        0.98230 
# 
_reflns.entry_id                     2FUJ 
_reflns.observed_criterion_sigma_I   2.0 
_reflns.observed_criterion_sigma_F   2.0 
_reflns.d_resolution_low             26.6 
_reflns.d_resolution_high            1.7 
_reflns.number_obs                   41911 
_reflns.number_all                   43207 
_reflns.percent_possible_obs         97.3 
_reflns.pdbx_Rmerge_I_obs            ? 
_reflns.pdbx_Rsym_value              ? 
_reflns.pdbx_netI_over_sigmaI        ? 
_reflns.B_iso_Wilson_estimate        ? 
_reflns.pdbx_redundancy              ? 
_reflns.R_free_details               ? 
_reflns.limit_h_max                  ? 
_reflns.limit_h_min                  ? 
_reflns.limit_k_max                  ? 
_reflns.limit_k_min                  ? 
_reflns.limit_l_max                  ? 
_reflns.limit_l_min                  ? 
_reflns.observed_criterion_F_max     ? 
_reflns.observed_criterion_F_min     ? 
_reflns.pdbx_chi_squared             ? 
_reflns.pdbx_scaling_rejects         ? 
_reflns.pdbx_ordinal                 1 
_reflns.pdbx_diffrn_id               1 
# 
_refine.entry_id                                 2FUJ 
_refine.ls_number_reflns_obs                     41911 
_refine.ls_number_reflns_all                     43207 
_refine.pdbx_ls_sigma_I                          ? 
_refine.pdbx_ls_sigma_F                          2.0 
_refine.pdbx_data_cutoff_high_absF               ? 
_refine.pdbx_data_cutoff_low_absF                ? 
_refine.pdbx_data_cutoff_high_rms_absF           ? 
_refine.ls_d_res_low                             26.6 
_refine.ls_d_res_high                            1.7 
_refine.ls_percent_reflns_obs                    ? 
_refine.ls_R_factor_obs                          ? 
_refine.ls_R_factor_all                          ? 
_refine.ls_R_factor_R_work                       0.242 
_refine.ls_R_factor_R_free                       0.266 
_refine.ls_R_factor_R_free_error                 ? 
_refine.ls_R_factor_R_free_error_details         ? 
_refine.ls_percent_reflns_R_free                 ? 
_refine.ls_number_reflns_R_free                  250 
_refine.ls_number_parameters                     ? 
_refine.ls_number_restraints                     ? 
_refine.occupancy_min                            ? 
_refine.occupancy_max                            ? 
_refine.correlation_coeff_Fo_to_Fc               ? 
_refine.correlation_coeff_Fo_to_Fc_free          ? 
_refine.B_iso_mean                               ? 
_refine.aniso_B[1][1]                            ? 
_refine.aniso_B[2][2]                            ? 
_refine.aniso_B[3][3]                            ? 
_refine.aniso_B[1][2]                            ? 
_refine.aniso_B[1][3]                            ? 
_refine.aniso_B[2][3]                            ? 
_refine.solvent_model_details                    ? 
_refine.solvent_model_param_ksol                 ? 
_refine.solvent_model_param_bsol                 ? 
_refine.pdbx_solvent_vdw_probe_radii             ? 
_refine.pdbx_solvent_ion_probe_radii             ? 
_refine.pdbx_solvent_shrinkage_radii             ? 
_refine.pdbx_ls_cross_valid_method               ? 
_refine.details                                  ? 
_refine.pdbx_starting_model                      ? 
_refine.pdbx_method_to_determine_struct          SAD 
_refine.pdbx_isotropic_thermal_model             ? 
_refine.pdbx_stereochemistry_target_values       'Engh & Huber' 
_refine.pdbx_stereochem_target_val_spec_case     ? 
_refine.pdbx_R_Free_selection_details            Random 
_refine.pdbx_overall_ESU_R                       ? 
_refine.pdbx_overall_ESU_R_Free                  ? 
_refine.overall_SU_ML                            ? 
_refine.overall_SU_B                             ? 
_refine.ls_redundancy_reflns_obs                 ? 
_refine.B_iso_min                                ? 
_refine.B_iso_max                                ? 
_refine.overall_SU_R_Cruickshank_DPI             ? 
_refine.overall_SU_R_free                        ? 
_refine.ls_wR_factor_R_free                      ? 
_refine.ls_wR_factor_R_work                      ? 
_refine.overall_FOM_free_R_set                   ? 
_refine.overall_FOM_work_R_set                   ? 
_refine.pdbx_refine_id                           'X-RAY DIFFRACTION' 
_refine.pdbx_diffrn_id                           1 
_refine.pdbx_TLS_residual_ADP_flag               ? 
_refine.pdbx_overall_phase_error                 ? 
_refine.pdbx_overall_SU_R_free_Cruickshank_DPI   ? 
_refine.pdbx_overall_SU_R_Blow_DPI               ? 
_refine.pdbx_overall_SU_R_free_Blow_DPI          ? 
# 
_refine_hist.pdbx_refine_id                   'X-RAY DIFFRACTION' 
_refine_hist.cycle_id                         LAST 
_refine_hist.pdbx_number_atoms_protein        935 
_refine_hist.pdbx_number_atoms_nucleic_acid   0 
_refine_hist.pdbx_number_atoms_ligand         0 
_refine_hist.number_atoms_solvent             171 
_refine_hist.number_atoms_total               1106 
_refine_hist.d_res_high                       1.7 
_refine_hist.d_res_low                        26.6 
# 
_struct.entry_id                  2FUJ 
_struct.title                     'A putative acyl-CoA thioesterase from Xanthomonas campestris (XC229)' 
_struct.pdbx_model_details        ? 
_struct.pdbx_CASP_flag            ? 
_struct.pdbx_model_type_details   ? 
# 
_struct_keywords.entry_id        2FUJ 
_struct_keywords.pdbx_keywords   HYDROLASE 
_struct_keywords.text            
'Xanthomonas campestris, structural genomics, conserved hypothetical protein, hot dog domain, acyl-CoA thioesterase, HYDROLASE' 
# 
loop_
_struct_asym.id 
_struct_asym.pdbx_blank_PDB_chainid_flag 
_struct_asym.pdbx_modified 
_struct_asym.entity_id 
_struct_asym.details 
A N N 1 ? 
B N N 2 ? 
# 
_struct_ref.id                         1 
_struct_ref.db_name                    UNP 
_struct_ref.db_code                    Q8PBH4_XANCP 
_struct_ref.pdbx_db_accession          Q8PBH4 
_struct_ref.entity_id                  1 
_struct_ref.pdbx_seq_one_letter_code   
;MSEHKILARVPISVRWRDMDSMGHVNNAKYISYLEEARVRWMLGVEGVAMTDRIAPVVAATNVNYKRPLVWPNDILVELF
VERLGSSSVTIGHRILDQKDEGVLYSDGNVVVVWIDTQTGKSASLPDAVRAASS
;
_struct_ref.pdbx_align_begin           1 
_struct_ref.pdbx_db_isoform            ? 
# 
_struct_ref_seq.align_id                      1 
_struct_ref_seq.ref_id                        1 
_struct_ref_seq.pdbx_PDB_id_code              2FUJ 
_struct_ref_seq.pdbx_strand_id                A 
_struct_ref_seq.seq_align_beg                 4 
_struct_ref_seq.pdbx_seq_align_beg_ins_code   ? 
_struct_ref_seq.seq_align_end                 137 
_struct_ref_seq.pdbx_seq_align_end_ins_code   ? 
_struct_ref_seq.pdbx_db_accession             Q8PBH4 
_struct_ref_seq.db_align_beg                  1 
_struct_ref_seq.pdbx_db_align_beg_ins_code    ? 
_struct_ref_seq.db_align_end                  134 
_struct_ref_seq.pdbx_db_align_end_ins_code    ? 
_struct_ref_seq.pdbx_auth_seq_align_beg       1 
_struct_ref_seq.pdbx_auth_seq_align_end       134 
# 
loop_
_struct_ref_seq_dif.align_id 
_struct_ref_seq_dif.pdbx_pdb_id_code 
_struct_ref_seq_dif.mon_id 
_struct_ref_seq_dif.pdbx_pdb_strand_id 
_struct_ref_seq_dif.seq_num 
_struct_ref_seq_dif.pdbx_pdb_ins_code 
_struct_ref_seq_dif.pdbx_seq_db_name 
_struct_ref_seq_dif.pdbx_seq_db_accession_code 
_struct_ref_seq_dif.db_mon_id 
_struct_ref_seq_dif.pdbx_seq_db_seq_num 
_struct_ref_seq_dif.details 
_struct_ref_seq_dif.pdbx_auth_seq_num 
_struct_ref_seq_dif.pdbx_ordinal 
1 2FUJ SER A 1 ? UNP Q8PBH4 ? ? 'cloning artifact' -2 1 
1 2FUJ ASN A 2 ? UNP Q8PBH4 ? ? 'cloning artifact' -1 2 
1 2FUJ ALA A 3 ? UNP Q8PBH4 ? ? 'cloning artifact' 0  3 
# 
_pdbx_struct_assembly.id                   1 
_pdbx_struct_assembly.details              author_and_software_defined_assembly 
_pdbx_struct_assembly.method_details       PISA,PQS 
_pdbx_struct_assembly.oligomeric_details   tetrameric 
_pdbx_struct_assembly.oligomeric_count     4 
# 
loop_
_pdbx_struct_assembly_prop.biol_id 
_pdbx_struct_assembly_prop.type 
_pdbx_struct_assembly_prop.value 
_pdbx_struct_assembly_prop.details 
1 'ABSA (A^2)' 7540  ? 
1 MORE         -16   ? 
1 'SSA (A^2)'  23540 ? 
# 
_pdbx_struct_assembly_gen.assembly_id       1 
_pdbx_struct_assembly_gen.oper_expression   1,2,3,4 
_pdbx_struct_assembly_gen.asym_id_list      A,B 
# 
loop_
_pdbx_struct_oper_list.id 
_pdbx_struct_oper_list.type 
_pdbx_struct_oper_list.name 
_pdbx_struct_oper_list.symmetry_operation 
_pdbx_struct_oper_list.matrix[1][1] 
_pdbx_struct_oper_list.matrix[1][2] 
_pdbx_struct_oper_list.matrix[1][3] 
_pdbx_struct_oper_list.vector[1] 
_pdbx_struct_oper_list.matrix[2][1] 
_pdbx_struct_oper_list.matrix[2][2] 
_pdbx_struct_oper_list.matrix[2][3] 
_pdbx_struct_oper_list.vector[2] 
_pdbx_struct_oper_list.matrix[3][1] 
_pdbx_struct_oper_list.matrix[3][2] 
_pdbx_struct_oper_list.matrix[3][3] 
_pdbx_struct_oper_list.vector[3] 
1 'identity operation'         1_555 x,y,z       1.0000000000  0.0000000000  0.0000000000  0.0000000000   0.0000000000  1.0000000000  0.0000000000  0.0000000000  0.0000000000  0.0000000000  1.0000000000  0.0000000000  
2 'crystal symmetry operation' 2_665 -x+1,-y+1,z -0.4302255529 -0.6993858273 0.5707586515  -12.2832703282 -0.6993858273 -0.1415190030 -0.7005939169 12.4475184850 0.5707586515  -0.7005939169 -0.4282554441 27.5148025043 
3 'crystal symmetry operation' 3_655 -x+1,y,-z   -0.7016079565 0.5804214628  0.4133487643  -23.5528551992 0.5804214628  0.1290149378  0.8040311383  2.5924948587  0.4133487643  0.8040311383  -0.4274069813 13.3621905097 
4 'crystal symmetry operation' 4_565 x,-y+1,-z   0.1318335094  0.1189643645  -0.9841074158 3.6632014968   0.1189643645  -0.9874959348 -0.1034372214 19.1916949280 -0.9841074158 -0.1034372214 -0.1443375746 6.5330896743 
# 
_struct_biol.id                    1 
_struct_biol.details               
;XC229 was shown to be a homotetramer. However, there was only one subunit per asymmetric unit in the crystals employed in this study. The tetramer was constructed by rotating the contents of the asymmetric unit using the crystallographic I-centered 2-fold symmetry(I23).
;
_struct_biol.pdbx_parent_biol_id   ? 
# 
loop_
_struct_conf.conf_type_id 
_struct_conf.id 
_struct_conf.pdbx_PDB_helix_id 
_struct_conf.beg_label_comp_id 
_struct_conf.beg_label_asym_id 
_struct_conf.beg_label_seq_id 
_struct_conf.pdbx_beg_PDB_ins_code 
_struct_conf.end_label_comp_id 
_struct_conf.end_label_asym_id 
_struct_conf.end_label_seq_id 
_struct_conf.pdbx_end_PDB_ins_code 
_struct_conf.beg_auth_comp_id 
_struct_conf.beg_auth_asym_id 
_struct_conf.beg_auth_seq_id 
_struct_conf.end_auth_comp_id 
_struct_conf.end_auth_asym_id 
_struct_conf.end_auth_seq_id 
_struct_conf.pdbx_PDB_helix_class 
_struct_conf.details 
_struct_conf.pdbx_PDB_helix_length 
HELX_P HELX_P1 1 ARG A 18 ? MET A 22 ? ARG A 15 MET A 19 5 ? 5  
HELX_P HELX_P2 2 ASN A 29 ? VAL A 48 ? ASN A 26 VAL A 45 1 ? 20 
# 
_struct_conf_type.id          HELX_P 
_struct_conf_type.criteria    ? 
_struct_conf_type.reference   ? 
# 
_struct_mon_prot_cis.pdbx_id                1 
_struct_mon_prot_cis.label_comp_id          TRP 
_struct_mon_prot_cis.label_seq_id           74 
_struct_mon_prot_cis.label_asym_id          A 
_struct_mon_prot_cis.label_alt_id           . 
_struct_mon_prot_cis.pdbx_PDB_ins_code      ? 
_struct_mon_prot_cis.auth_comp_id           TRP 
_struct_mon_prot_cis.auth_seq_id            71 
_struct_mon_prot_cis.auth_asym_id           A 
_struct_mon_prot_cis.pdbx_label_comp_id_2   PRO 
_struct_mon_prot_cis.pdbx_label_seq_id_2    75 
_struct_mon_prot_cis.pdbx_label_asym_id_2   A 
_struct_mon_prot_cis.pdbx_PDB_ins_code_2    ? 
_struct_mon_prot_cis.pdbx_auth_comp_id_2    PRO 
_struct_mon_prot_cis.pdbx_auth_seq_id_2     72 
_struct_mon_prot_cis.pdbx_auth_asym_id_2    A 
_struct_mon_prot_cis.pdbx_PDB_model_num     1 
_struct_mon_prot_cis.pdbx_omega_angle       0.24 
# 
_struct_sheet.id               A 
_struct_sheet.type             ? 
_struct_sheet.number_strands   5 
_struct_sheet.details          ? 
# 
loop_
_struct_sheet_order.sheet_id 
_struct_sheet_order.range_id_1 
_struct_sheet_order.range_id_2 
_struct_sheet_order.offset 
_struct_sheet_order.sense 
A 1 2 ? anti-parallel 
A 2 3 ? anti-parallel 
A 3 4 ? anti-parallel 
A 4 5 ? anti-parallel 
# 
loop_
_struct_sheet_range.sheet_id 
_struct_sheet_range.id 
_struct_sheet_range.beg_label_comp_id 
_struct_sheet_range.beg_label_asym_id 
_struct_sheet_range.beg_label_seq_id 
_struct_sheet_range.pdbx_beg_PDB_ins_code 
_struct_sheet_range.end_label_comp_id 
_struct_sheet_range.end_label_asym_id 
_struct_sheet_range.end_label_seq_id 
_struct_sheet_range.pdbx_end_PDB_ins_code 
_struct_sheet_range.beg_auth_comp_id 
_struct_sheet_range.beg_auth_asym_id 
_struct_sheet_range.beg_auth_seq_id 
_struct_sheet_range.end_auth_comp_id 
_struct_sheet_range.end_auth_asym_id 
_struct_sheet_range.end_auth_seq_id 
A 1 ILE A 9   ? ILE A 15  ? ILE A 6   ILE A 12  
A 2 ILE A 78  ? LEU A 87  ? ILE A 75  LEU A 84  
A 3 SER A 91  ? ASP A 100 ? SER A 88  ASP A 97  
A 4 LEU A 107 ? ILE A 118 ? LEU A 104 ILE A 115 
A 5 ALA A 58  ? TYR A 68  ? ALA A 55  TYR A 65  
# 
loop_
_pdbx_struct_sheet_hbond.sheet_id 
_pdbx_struct_sheet_hbond.range_id_1 
_pdbx_struct_sheet_hbond.range_id_2 
_pdbx_struct_sheet_hbond.range_1_label_atom_id 
_pdbx_struct_sheet_hbond.range_1_label_comp_id 
_pdbx_struct_sheet_hbond.range_1_label_asym_id 
_pdbx_struct_sheet_hbond.range_1_label_seq_id 
_pdbx_struct_sheet_hbond.range_1_PDB_ins_code 
_pdbx_struct_sheet_hbond.range_1_auth_atom_id 
_pdbx_struct_sheet_hbond.range_1_auth_comp_id 
_pdbx_struct_sheet_hbond.range_1_auth_asym_id 
_pdbx_struct_sheet_hbond.range_1_auth_seq_id 
_pdbx_struct_sheet_hbond.range_2_label_atom_id 
_pdbx_struct_sheet_hbond.range_2_label_comp_id 
_pdbx_struct_sheet_hbond.range_2_label_asym_id 
_pdbx_struct_sheet_hbond.range_2_label_seq_id 
_pdbx_struct_sheet_hbond.range_2_PDB_ins_code 
_pdbx_struct_sheet_hbond.range_2_auth_atom_id 
_pdbx_struct_sheet_hbond.range_2_auth_comp_id 
_pdbx_struct_sheet_hbond.range_2_auth_asym_id 
_pdbx_struct_sheet_hbond.range_2_auth_seq_id 
A 1 2 N ALA A 11  ? N ALA A 8   O LEU A 82  ? O LEU A 79  
A 2 3 N LEU A 79  ? N LEU A 76  O LEU A 99  ? O LEU A 96  
A 3 4 N VAL A 92  ? N VAL A 89  O VAL A 115 ? O VAL A 112 
A 4 5 O ASN A 112 ? O ASN A 109 N ASN A 65  ? N ASN A 62  
# 
loop_
_pdbx_validate_close_contact.id 
_pdbx_validate_close_contact.PDB_model_num 
_pdbx_validate_close_contact.auth_atom_id_1 
_pdbx_validate_close_contact.auth_asym_id_1 
_pdbx_validate_close_contact.auth_comp_id_1 
_pdbx_validate_close_contact.auth_seq_id_1 
_pdbx_validate_close_contact.PDB_ins_code_1 
_pdbx_validate_close_contact.label_alt_id_1 
_pdbx_validate_close_contact.auth_atom_id_2 
_pdbx_validate_close_contact.auth_asym_id_2 
_pdbx_validate_close_contact.auth_comp_id_2 
_pdbx_validate_close_contact.auth_seq_id_2 
_pdbx_validate_close_contact.PDB_ins_code_2 
_pdbx_validate_close_contact.label_alt_id_2 
_pdbx_validate_close_contact.dist 
1 1 NH1 A ARG 94  ? ? O A HOH 305 ? ? 1.82 
2 1 CB  A THR 51  ? ? O A HOH 300 ? ? 1.92 
3 1 O   A HOH 222 ? ? O A HOH 290 ? ? 1.96 
4 1 O   A ILE 115 ? ? O A HOH 299 ? ? 1.97 
5 1 O   A HOH 236 ? ? O A HOH 303 ? ? 2.06 
6 1 O   A HOH 273 ? ? O A HOH 292 ? ? 2.10 
7 1 O   A HOH 263 ? ? O A HOH 296 ? ? 2.12 
8 1 CA  A THR 51  ? ? O A HOH 300 ? ? 2.19 
# 
_pdbx_validate_symm_contact.id                1 
_pdbx_validate_symm_contact.PDB_model_num     1 
_pdbx_validate_symm_contact.auth_atom_id_1    CD1 
_pdbx_validate_symm_contact.auth_asym_id_1    A 
_pdbx_validate_symm_contact.auth_comp_id_1    ILE 
_pdbx_validate_symm_contact.auth_seq_id_1     31 
_pdbx_validate_symm_contact.PDB_ins_code_1    ? 
_pdbx_validate_symm_contact.label_alt_id_1    ? 
_pdbx_validate_symm_contact.site_symmetry_1   1_555 
_pdbx_validate_symm_contact.auth_atom_id_2    CD1 
_pdbx_validate_symm_contact.auth_asym_id_2    A 
_pdbx_validate_symm_contact.auth_comp_id_2    ILE 
_pdbx_validate_symm_contact.auth_seq_id_2     31 
_pdbx_validate_symm_contact.PDB_ins_code_2    ? 
_pdbx_validate_symm_contact.label_alt_id_2    ? 
_pdbx_validate_symm_contact.site_symmetry_2   4_565 
_pdbx_validate_symm_contact.dist              1.75 
# 
loop_
_pdbx_validate_torsion.id 
_pdbx_validate_torsion.PDB_model_num 
_pdbx_validate_torsion.auth_comp_id 
_pdbx_validate_torsion.auth_asym_id 
_pdbx_validate_torsion.auth_seq_id 
_pdbx_validate_torsion.PDB_ins_code 
_pdbx_validate_torsion.label_alt_id 
_pdbx_validate_torsion.phi 
_pdbx_validate_torsion.psi 
1 1 VAL A 45  ? ? 1.00    -95.11  
2 1 MET A 50  ? ? -175.77 129.24  
3 1 ARG A 53  ? ? 92.28   -124.36 
4 1 ILE A 54  ? ? -58.36  96.21   
5 1 PRO A 72  ? ? -95.68  32.57   
6 1 ILE A 115 ? ? -150.08 -101.01 
7 1 ASP A 116 ? ? 71.14   32.72   
8 1 THR A 117 ? ? 176.26  -67.89  
9 1 LYS A 121 ? ? -175.62 16.50   
# 
_pdbx_struct_special_symmetry.id              1 
_pdbx_struct_special_symmetry.PDB_model_num   1 
_pdbx_struct_special_symmetry.auth_asym_id    A 
_pdbx_struct_special_symmetry.auth_comp_id    HOH 
_pdbx_struct_special_symmetry.auth_seq_id     144 
_pdbx_struct_special_symmetry.PDB_ins_code    ? 
_pdbx_struct_special_symmetry.label_asym_id   B 
_pdbx_struct_special_symmetry.label_comp_id   HOH 
_pdbx_struct_special_symmetry.label_seq_id    . 
# 
loop_
_pdbx_unobs_or_zero_occ_residues.id 
_pdbx_unobs_or_zero_occ_residues.PDB_model_num 
_pdbx_unobs_or_zero_occ_residues.polymer_flag 
_pdbx_unobs_or_zero_occ_residues.occupancy_flag 
_pdbx_unobs_or_zero_occ_residues.auth_asym_id 
_pdbx_unobs_or_zero_occ_residues.auth_comp_id 
_pdbx_unobs_or_zero_occ_residues.auth_seq_id 
_pdbx_unobs_or_zero_occ_residues.PDB_ins_code 
_pdbx_unobs_or_zero_occ_residues.label_asym_id 
_pdbx_unobs_or_zero_occ_residues.label_comp_id 
_pdbx_unobs_or_zero_occ_residues.label_seq_id 
1  1 Y 1 A SER -2  ? A SER 1   
2  1 Y 1 A ASN -1  ? A ASN 2   
3  1 Y 1 A ALA 0   ? A ALA 3   
4  1 Y 1 A MET 1   ? A MET 4   
5  1 Y 1 A SER 2   ? A SER 5   
6  1 Y 1 A GLU 3   ? A GLU 6   
7  1 Y 1 A HIS 4   ? A HIS 7   
8  1 Y 1 A ALA 123 ? A ALA 126 
9  1 Y 1 A SER 124 ? A SER 127 
10 1 Y 1 A LEU 125 ? A LEU 128 
11 1 Y 1 A PRO 126 ? A PRO 129 
12 1 Y 1 A ASP 127 ? A ASP 130 
13 1 Y 1 A ALA 128 ? A ALA 131 
14 1 Y 1 A VAL 129 ? A VAL 132 
15 1 Y 1 A ARG 130 ? A ARG 133 
16 1 Y 1 A ALA 131 ? A ALA 134 
17 1 Y 1 A ALA 132 ? A ALA 135 
18 1 Y 1 A SER 133 ? A SER 136 
19 1 Y 1 A SER 134 ? A SER 137 
# 
loop_
_chem_comp_atom.comp_id 
_chem_comp_atom.atom_id 
_chem_comp_atom.type_symbol 
_chem_comp_atom.pdbx_aromatic_flag 
_chem_comp_atom.pdbx_stereo_config 
_chem_comp_atom.pdbx_ordinal 
ALA N    N N N 1   
ALA CA   C N S 2   
ALA C    C N N 3   
ALA O    O N N 4   
ALA CB   C N N 5   
ALA OXT  O N N 6   
ALA H    H N N 7   
ALA H2   H N N 8   
ALA HA   H N N 9   
ALA HB1  H N N 10  
ALA HB2  H N N 11  
ALA HB3  H N N 12  
ALA HXT  H N N 13  
ARG N    N N N 14  
ARG CA   C N S 15  
ARG C    C N N 16  
ARG O    O N N 17  
ARG CB   C N N 18  
ARG CG   C N N 19  
ARG CD   C N N 20  
ARG NE   N N N 21  
ARG CZ   C N N 22  
ARG NH1  N N N 23  
ARG NH2  N N N 24  
ARG OXT  O N N 25  
ARG H    H N N 26  
ARG H2   H N N 27  
ARG HA   H N N 28  
ARG HB2  H N N 29  
ARG HB3  H N N 30  
ARG HG2  H N N 31  
ARG HG3  H N N 32  
ARG HD2  H N N 33  
ARG HD3  H N N 34  
ARG HE   H N N 35  
ARG HH11 H N N 36  
ARG HH12 H N N 37  
ARG HH21 H N N 38  
ARG HH22 H N N 39  
ARG HXT  H N N 40  
ASN N    N N N 41  
ASN CA   C N S 42  
ASN C    C N N 43  
ASN O    O N N 44  
ASN CB   C N N 45  
ASN CG   C N N 46  
ASN OD1  O N N 47  
ASN ND2  N N N 48  
ASN OXT  O N N 49  
ASN H    H N N 50  
ASN H2   H N N 51  
ASN HA   H N N 52  
ASN HB2  H N N 53  
ASN HB3  H N N 54  
ASN HD21 H N N 55  
ASN HD22 H N N 56  
ASN HXT  H N N 57  
ASP N    N N N 58  
ASP CA   C N S 59  
ASP C    C N N 60  
ASP O    O N N 61  
ASP CB   C N N 62  
ASP CG   C N N 63  
ASP OD1  O N N 64  
ASP OD2  O N N 65  
ASP OXT  O N N 66  
ASP H    H N N 67  
ASP H2   H N N 68  
ASP HA   H N N 69  
ASP HB2  H N N 70  
ASP HB3  H N N 71  
ASP HD2  H N N 72  
ASP HXT  H N N 73  
GLN N    N N N 74  
GLN CA   C N S 75  
GLN C    C N N 76  
GLN O    O N N 77  
GLN CB   C N N 78  
GLN CG   C N N 79  
GLN CD   C N N 80  
GLN OE1  O N N 81  
GLN NE2  N N N 82  
GLN OXT  O N N 83  
GLN H    H N N 84  
GLN H2   H N N 85  
GLN HA   H N N 86  
GLN HB2  H N N 87  
GLN HB3  H N N 88  
GLN HG2  H N N 89  
GLN HG3  H N N 90  
GLN HE21 H N N 91  
GLN HE22 H N N 92  
GLN HXT  H N N 93  
GLU N    N N N 94  
GLU CA   C N S 95  
GLU C    C N N 96  
GLU O    O N N 97  
GLU CB   C N N 98  
GLU CG   C N N 99  
GLU CD   C N N 100 
GLU OE1  O N N 101 
GLU OE2  O N N 102 
GLU OXT  O N N 103 
GLU H    H N N 104 
GLU H2   H N N 105 
GLU HA   H N N 106 
GLU HB2  H N N 107 
GLU HB3  H N N 108 
GLU HG2  H N N 109 
GLU HG3  H N N 110 
GLU HE2  H N N 111 
GLU HXT  H N N 112 
GLY N    N N N 113 
GLY CA   C N N 114 
GLY C    C N N 115 
GLY O    O N N 116 
GLY OXT  O N N 117 
GLY H    H N N 118 
GLY H2   H N N 119 
GLY HA2  H N N 120 
GLY HA3  H N N 121 
GLY HXT  H N N 122 
HIS N    N N N 123 
HIS CA   C N S 124 
HIS C    C N N 125 
HIS O    O N N 126 
HIS CB   C N N 127 
HIS CG   C Y N 128 
HIS ND1  N Y N 129 
HIS CD2  C Y N 130 
HIS CE1  C Y N 131 
HIS NE2  N Y N 132 
HIS OXT  O N N 133 
HIS H    H N N 134 
HIS H2   H N N 135 
HIS HA   H N N 136 
HIS HB2  H N N 137 
HIS HB3  H N N 138 
HIS HD1  H N N 139 
HIS HD2  H N N 140 
HIS HE1  H N N 141 
HIS HE2  H N N 142 
HIS HXT  H N N 143 
HOH O    O N N 144 
HOH H1   H N N 145 
HOH H2   H N N 146 
ILE N    N N N 147 
ILE CA   C N S 148 
ILE C    C N N 149 
ILE O    O N N 150 
ILE CB   C N S 151 
ILE CG1  C N N 152 
ILE CG2  C N N 153 
ILE CD1  C N N 154 
ILE OXT  O N N 155 
ILE H    H N N 156 
ILE H2   H N N 157 
ILE HA   H N N 158 
ILE HB   H N N 159 
ILE HG12 H N N 160 
ILE HG13 H N N 161 
ILE HG21 H N N 162 
ILE HG22 H N N 163 
ILE HG23 H N N 164 
ILE HD11 H N N 165 
ILE HD12 H N N 166 
ILE HD13 H N N 167 
ILE HXT  H N N 168 
LEU N    N N N 169 
LEU CA   C N S 170 
LEU C    C N N 171 
LEU O    O N N 172 
LEU CB   C N N 173 
LEU CG   C N N 174 
LEU CD1  C N N 175 
LEU CD2  C N N 176 
LEU OXT  O N N 177 
LEU H    H N N 178 
LEU H2   H N N 179 
LEU HA   H N N 180 
LEU HB2  H N N 181 
LEU HB3  H N N 182 
LEU HG   H N N 183 
LEU HD11 H N N 184 
LEU HD12 H N N 185 
LEU HD13 H N N 186 
LEU HD21 H N N 187 
LEU HD22 H N N 188 
LEU HD23 H N N 189 
LEU HXT  H N N 190 
LYS N    N N N 191 
LYS CA   C N S 192 
LYS C    C N N 193 
LYS O    O N N 194 
LYS CB   C N N 195 
LYS CG   C N N 196 
LYS CD   C N N 197 
LYS CE   C N N 198 
LYS NZ   N N N 199 
LYS OXT  O N N 200 
LYS H    H N N 201 
LYS H2   H N N 202 
LYS HA   H N N 203 
LYS HB2  H N N 204 
LYS HB3  H N N 205 
LYS HG2  H N N 206 
LYS HG3  H N N 207 
LYS HD2  H N N 208 
LYS HD3  H N N 209 
LYS HE2  H N N 210 
LYS HE3  H N N 211 
LYS HZ1  H N N 212 
LYS HZ2  H N N 213 
LYS HZ3  H N N 214 
LYS HXT  H N N 215 
MET N    N N N 216 
MET CA   C N S 217 
MET C    C N N 218 
MET O    O N N 219 
MET CB   C N N 220 
MET CG   C N N 221 
MET SD   S N N 222 
MET CE   C N N 223 
MET OXT  O N N 224 
MET H    H N N 225 
MET H2   H N N 226 
MET HA   H N N 227 
MET HB2  H N N 228 
MET HB3  H N N 229 
MET HG2  H N N 230 
MET HG3  H N N 231 
MET HE1  H N N 232 
MET HE2  H N N 233 
MET HE3  H N N 234 
MET HXT  H N N 235 
PHE N    N N N 236 
PHE CA   C N S 237 
PHE C    C N N 238 
PHE O    O N N 239 
PHE CB   C N N 240 
PHE CG   C Y N 241 
PHE CD1  C Y N 242 
PHE CD2  C Y N 243 
PHE CE1  C Y N 244 
PHE CE2  C Y N 245 
PHE CZ   C Y N 246 
PHE OXT  O N N 247 
PHE H    H N N 248 
PHE H2   H N N 249 
PHE HA   H N N 250 
PHE HB2  H N N 251 
PHE HB3  H N N 252 
PHE HD1  H N N 253 
PHE HD2  H N N 254 
PHE HE1  H N N 255 
PHE HE2  H N N 256 
PHE HZ   H N N 257 
PHE HXT  H N N 258 
PRO N    N N N 259 
PRO CA   C N S 260 
PRO C    C N N 261 
PRO O    O N N 262 
PRO CB   C N N 263 
PRO CG   C N N 264 
PRO CD   C N N 265 
PRO OXT  O N N 266 
PRO H    H N N 267 
PRO HA   H N N 268 
PRO HB2  H N N 269 
PRO HB3  H N N 270 
PRO HG2  H N N 271 
PRO HG3  H N N 272 
PRO HD2  H N N 273 
PRO HD3  H N N 274 
PRO HXT  H N N 275 
SER N    N N N 276 
SER CA   C N S 277 
SER C    C N N 278 
SER O    O N N 279 
SER CB   C N N 280 
SER OG   O N N 281 
SER OXT  O N N 282 
SER H    H N N 283 
SER H2   H N N 284 
SER HA   H N N 285 
SER HB2  H N N 286 
SER HB3  H N N 287 
SER HG   H N N 288 
SER HXT  H N N 289 
THR N    N N N 290 
THR CA   C N S 291 
THR C    C N N 292 
THR O    O N N 293 
THR CB   C N R 294 
THR OG1  O N N 295 
THR CG2  C N N 296 
THR OXT  O N N 297 
THR H    H N N 298 
THR H2   H N N 299 
THR HA   H N N 300 
THR HB   H N N 301 
THR HG1  H N N 302 
THR HG21 H N N 303 
THR HG22 H N N 304 
THR HG23 H N N 305 
THR HXT  H N N 306 
TRP N    N N N 307 
TRP CA   C N S 308 
TRP C    C N N 309 
TRP O    O N N 310 
TRP CB   C N N 311 
TRP CG   C Y N 312 
TRP CD1  C Y N 313 
TRP CD2  C Y N 314 
TRP NE1  N Y N 315 
TRP CE2  C Y N 316 
TRP CE3  C Y N 317 
TRP CZ2  C Y N 318 
TRP CZ3  C Y N 319 
TRP CH2  C Y N 320 
TRP OXT  O N N 321 
TRP H    H N N 322 
TRP H2   H N N 323 
TRP HA   H N N 324 
TRP HB2  H N N 325 
TRP HB3  H N N 326 
TRP HD1  H N N 327 
TRP HE1  H N N 328 
TRP HE3  H N N 329 
TRP HZ2  H N N 330 
TRP HZ3  H N N 331 
TRP HH2  H N N 332 
TRP HXT  H N N 333 
TYR N    N N N 334 
TYR CA   C N S 335 
TYR C    C N N 336 
TYR O    O N N 337 
TYR CB   C N N 338 
TYR CG   C Y N 339 
TYR CD1  C Y N 340 
TYR CD2  C Y N 341 
TYR CE1  C Y N 342 
TYR CE2  C Y N 343 
TYR CZ   C Y N 344 
TYR OH   O N N 345 
TYR OXT  O N N 346 
TYR H    H N N 347 
TYR H2   H N N 348 
TYR HA   H N N 349 
TYR HB2  H N N 350 
TYR HB3  H N N 351 
TYR HD1  H N N 352 
TYR HD2  H N N 353 
TYR HE1  H N N 354 
TYR HE2  H N N 355 
TYR HH   H N N 356 
TYR HXT  H N N 357 
VAL N    N N N 358 
VAL CA   C N S 359 
VAL C    C N N 360 
VAL O    O N N 361 
VAL CB   C N N 362 
VAL CG1  C N N 363 
VAL CG2  C N N 364 
VAL OXT  O N N 365 
VAL H    H N N 366 
VAL H2   H N N 367 
VAL HA   H N N 368 
VAL HB   H N N 369 
VAL HG11 H N N 370 
VAL HG12 H N N 371 
VAL HG13 H N N 372 
VAL HG21 H N N 373 
VAL HG22 H N N 374 
VAL HG23 H N N 375 
VAL HXT  H N N 376 
# 
loop_
_chem_comp_bond.comp_id 
_chem_comp_bond.atom_id_1 
_chem_comp_bond.atom_id_2 
_chem_comp_bond.value_order 
_chem_comp_bond.pdbx_aromatic_flag 
_chem_comp_bond.pdbx_stereo_config 
_chem_comp_bond.pdbx_ordinal 
ALA N   CA   sing N N 1   
ALA N   H    sing N N 2   
ALA N   H2   sing N N 3   
ALA CA  C    sing N N 4   
ALA CA  CB   sing N N 5   
ALA CA  HA   sing N N 6   
ALA C   O    doub N N 7   
ALA C   OXT  sing N N 8   
ALA CB  HB1  sing N N 9   
ALA CB  HB2  sing N N 10  
ALA CB  HB3  sing N N 11  
ALA OXT HXT  sing N N 12  
ARG N   CA   sing N N 13  
ARG N   H    sing N N 14  
ARG N   H2   sing N N 15  
ARG CA  C    sing N N 16  
ARG CA  CB   sing N N 17  
ARG CA  HA   sing N N 18  
ARG C   O    doub N N 19  
ARG C   OXT  sing N N 20  
ARG CB  CG   sing N N 21  
ARG CB  HB2  sing N N 22  
ARG CB  HB3  sing N N 23  
ARG CG  CD   sing N N 24  
ARG CG  HG2  sing N N 25  
ARG CG  HG3  sing N N 26  
ARG CD  NE   sing N N 27  
ARG CD  HD2  sing N N 28  
ARG CD  HD3  sing N N 29  
ARG NE  CZ   sing N N 30  
ARG NE  HE   sing N N 31  
ARG CZ  NH1  sing N N 32  
ARG CZ  NH2  doub N N 33  
ARG NH1 HH11 sing N N 34  
ARG NH1 HH12 sing N N 35  
ARG NH2 HH21 sing N N 36  
ARG NH2 HH22 sing N N 37  
ARG OXT HXT  sing N N 38  
ASN N   CA   sing N N 39  
ASN N   H    sing N N 40  
ASN N   H2   sing N N 41  
ASN CA  C    sing N N 42  
ASN CA  CB   sing N N 43  
ASN CA  HA   sing N N 44  
ASN C   O    doub N N 45  
ASN C   OXT  sing N N 46  
ASN CB  CG   sing N N 47  
ASN CB  HB2  sing N N 48  
ASN CB  HB3  sing N N 49  
ASN CG  OD1  doub N N 50  
ASN CG  ND2  sing N N 51  
ASN ND2 HD21 sing N N 52  
ASN ND2 HD22 sing N N 53  
ASN OXT HXT  sing N N 54  
ASP N   CA   sing N N 55  
ASP N   H    sing N N 56  
ASP N   H2   sing N N 57  
ASP CA  C    sing N N 58  
ASP CA  CB   sing N N 59  
ASP CA  HA   sing N N 60  
ASP C   O    doub N N 61  
ASP C   OXT  sing N N 62  
ASP CB  CG   sing N N 63  
ASP CB  HB2  sing N N 64  
ASP CB  HB3  sing N N 65  
ASP CG  OD1  doub N N 66  
ASP CG  OD2  sing N N 67  
ASP OD2 HD2  sing N N 68  
ASP OXT HXT  sing N N 69  
GLN N   CA   sing N N 70  
GLN N   H    sing N N 71  
GLN N   H2   sing N N 72  
GLN CA  C    sing N N 73  
GLN CA  CB   sing N N 74  
GLN CA  HA   sing N N 75  
GLN C   O    doub N N 76  
GLN C   OXT  sing N N 77  
GLN CB  CG   sing N N 78  
GLN CB  HB2  sing N N 79  
GLN CB  HB3  sing N N 80  
GLN CG  CD   sing N N 81  
GLN CG  HG2  sing N N 82  
GLN CG  HG3  sing N N 83  
GLN CD  OE1  doub N N 84  
GLN CD  NE2  sing N N 85  
GLN NE2 HE21 sing N N 86  
GLN NE2 HE22 sing N N 87  
GLN OXT HXT  sing N N 88  
GLU N   CA   sing N N 89  
GLU N   H    sing N N 90  
GLU N   H2   sing N N 91  
GLU CA  C    sing N N 92  
GLU CA  CB   sing N N 93  
GLU CA  HA   sing N N 94  
GLU C   O    doub N N 95  
GLU C   OXT  sing N N 96  
GLU CB  CG   sing N N 97  
GLU CB  HB2  sing N N 98  
GLU CB  HB3  sing N N 99  
GLU CG  CD   sing N N 100 
GLU CG  HG2  sing N N 101 
GLU CG  HG3  sing N N 102 
GLU CD  OE1  doub N N 103 
GLU CD  OE2  sing N N 104 
GLU OE2 HE2  sing N N 105 
GLU OXT HXT  sing N N 106 
GLY N   CA   sing N N 107 
GLY N   H    sing N N 108 
GLY N   H2   sing N N 109 
GLY CA  C    sing N N 110 
GLY CA  HA2  sing N N 111 
GLY CA  HA3  sing N N 112 
GLY C   O    doub N N 113 
GLY C   OXT  sing N N 114 
GLY OXT HXT  sing N N 115 
HIS N   CA   sing N N 116 
HIS N   H    sing N N 117 
HIS N   H2   sing N N 118 
HIS CA  C    sing N N 119 
HIS CA  CB   sing N N 120 
HIS CA  HA   sing N N 121 
HIS C   O    doub N N 122 
HIS C   OXT  sing N N 123 
HIS CB  CG   sing N N 124 
HIS CB  HB2  sing N N 125 
HIS CB  HB3  sing N N 126 
HIS CG  ND1  sing Y N 127 
HIS CG  CD2  doub Y N 128 
HIS ND1 CE1  doub Y N 129 
HIS ND1 HD1  sing N N 130 
HIS CD2 NE2  sing Y N 131 
HIS CD2 HD2  sing N N 132 
HIS CE1 NE2  sing Y N 133 
HIS CE1 HE1  sing N N 134 
HIS NE2 HE2  sing N N 135 
HIS OXT HXT  sing N N 136 
HOH O   H1   sing N N 137 
HOH O   H2   sing N N 138 
ILE N   CA   sing N N 139 
ILE N   H    sing N N 140 
ILE N   H2   sing N N 141 
ILE CA  C    sing N N 142 
ILE CA  CB   sing N N 143 
ILE CA  HA   sing N N 144 
ILE C   O    doub N N 145 
ILE C   OXT  sing N N 146 
ILE CB  CG1  sing N N 147 
ILE CB  CG2  sing N N 148 
ILE CB  HB   sing N N 149 
ILE CG1 CD1  sing N N 150 
ILE CG1 HG12 sing N N 151 
ILE CG1 HG13 sing N N 152 
ILE CG2 HG21 sing N N 153 
ILE CG2 HG22 sing N N 154 
ILE CG2 HG23 sing N N 155 
ILE CD1 HD11 sing N N 156 
ILE CD1 HD12 sing N N 157 
ILE CD1 HD13 sing N N 158 
ILE OXT HXT  sing N N 159 
LEU N   CA   sing N N 160 
LEU N   H    sing N N 161 
LEU N   H2   sing N N 162 
LEU CA  C    sing N N 163 
LEU CA  CB   sing N N 164 
LEU CA  HA   sing N N 165 
LEU C   O    doub N N 166 
LEU C   OXT  sing N N 167 
LEU CB  CG   sing N N 168 
LEU CB  HB2  sing N N 169 
LEU CB  HB3  sing N N 170 
LEU CG  CD1  sing N N 171 
LEU CG  CD2  sing N N 172 
LEU CG  HG   sing N N 173 
LEU CD1 HD11 sing N N 174 
LEU CD1 HD12 sing N N 175 
LEU CD1 HD13 sing N N 176 
LEU CD2 HD21 sing N N 177 
LEU CD2 HD22 sing N N 178 
LEU CD2 HD23 sing N N 179 
LEU OXT HXT  sing N N 180 
LYS N   CA   sing N N 181 
LYS N   H    sing N N 182 
LYS N   H2   sing N N 183 
LYS CA  C    sing N N 184 
LYS CA  CB   sing N N 185 
LYS CA  HA   sing N N 186 
LYS C   O    doub N N 187 
LYS C   OXT  sing N N 188 
LYS CB  CG   sing N N 189 
LYS CB  HB2  sing N N 190 
LYS CB  HB3  sing N N 191 
LYS CG  CD   sing N N 192 
LYS CG  HG2  sing N N 193 
LYS CG  HG3  sing N N 194 
LYS CD  CE   sing N N 195 
LYS CD  HD2  sing N N 196 
LYS CD  HD3  sing N N 197 
LYS CE  NZ   sing N N 198 
LYS CE  HE2  sing N N 199 
LYS CE  HE3  sing N N 200 
LYS NZ  HZ1  sing N N 201 
LYS NZ  HZ2  sing N N 202 
LYS NZ  HZ3  sing N N 203 
LYS OXT HXT  sing N N 204 
MET N   CA   sing N N 205 
MET N   H    sing N N 206 
MET N   H2   sing N N 207 
MET CA  C    sing N N 208 
MET CA  CB   sing N N 209 
MET CA  HA   sing N N 210 
MET C   O    doub N N 211 
MET C   OXT  sing N N 212 
MET CB  CG   sing N N 213 
MET CB  HB2  sing N N 214 
MET CB  HB3  sing N N 215 
MET CG  SD   sing N N 216 
MET CG  HG2  sing N N 217 
MET CG  HG3  sing N N 218 
MET SD  CE   sing N N 219 
MET CE  HE1  sing N N 220 
MET CE  HE2  sing N N 221 
MET CE  HE3  sing N N 222 
MET OXT HXT  sing N N 223 
PHE N   CA   sing N N 224 
PHE N   H    sing N N 225 
PHE N   H2   sing N N 226 
PHE CA  C    sing N N 227 
PHE CA  CB   sing N N 228 
PHE CA  HA   sing N N 229 
PHE C   O    doub N N 230 
PHE C   OXT  sing N N 231 
PHE CB  CG   sing N N 232 
PHE CB  HB2  sing N N 233 
PHE CB  HB3  sing N N 234 
PHE CG  CD1  doub Y N 235 
PHE CG  CD2  sing Y N 236 
PHE CD1 CE1  sing Y N 237 
PHE CD1 HD1  sing N N 238 
PHE CD2 CE2  doub Y N 239 
PHE CD2 HD2  sing N N 240 
PHE CE1 CZ   doub Y N 241 
PHE CE1 HE1  sing N N 242 
PHE CE2 CZ   sing Y N 243 
PHE CE2 HE2  sing N N 244 
PHE CZ  HZ   sing N N 245 
PHE OXT HXT  sing N N 246 
PRO N   CA   sing N N 247 
PRO N   CD   sing N N 248 
PRO N   H    sing N N 249 
PRO CA  C    sing N N 250 
PRO CA  CB   sing N N 251 
PRO CA  HA   sing N N 252 
PRO C   O    doub N N 253 
PRO C   OXT  sing N N 254 
PRO CB  CG   sing N N 255 
PRO CB  HB2  sing N N 256 
PRO CB  HB3  sing N N 257 
PRO CG  CD   sing N N 258 
PRO CG  HG2  sing N N 259 
PRO CG  HG3  sing N N 260 
PRO CD  HD2  sing N N 261 
PRO CD  HD3  sing N N 262 
PRO OXT HXT  sing N N 263 
SER N   CA   sing N N 264 
SER N   H    sing N N 265 
SER N   H2   sing N N 266 
SER CA  C    sing N N 267 
SER CA  CB   sing N N 268 
SER CA  HA   sing N N 269 
SER C   O    doub N N 270 
SER C   OXT  sing N N 271 
SER CB  OG   sing N N 272 
SER CB  HB2  sing N N 273 
SER CB  HB3  sing N N 274 
SER OG  HG   sing N N 275 
SER OXT HXT  sing N N 276 
THR N   CA   sing N N 277 
THR N   H    sing N N 278 
THR N   H2   sing N N 279 
THR CA  C    sing N N 280 
THR CA  CB   sing N N 281 
THR CA  HA   sing N N 282 
THR C   O    doub N N 283 
THR C   OXT  sing N N 284 
THR CB  OG1  sing N N 285 
THR CB  CG2  sing N N 286 
THR CB  HB   sing N N 287 
THR OG1 HG1  sing N N 288 
THR CG2 HG21 sing N N 289 
THR CG2 HG22 sing N N 290 
THR CG2 HG23 sing N N 291 
THR OXT HXT  sing N N 292 
TRP N   CA   sing N N 293 
TRP N   H    sing N N 294 
TRP N   H2   sing N N 295 
TRP CA  C    sing N N 296 
TRP CA  CB   sing N N 297 
TRP CA  HA   sing N N 298 
TRP C   O    doub N N 299 
TRP C   OXT  sing N N 300 
TRP CB  CG   sing N N 301 
TRP CB  HB2  sing N N 302 
TRP CB  HB3  sing N N 303 
TRP CG  CD1  doub Y N 304 
TRP CG  CD2  sing Y N 305 
TRP CD1 NE1  sing Y N 306 
TRP CD1 HD1  sing N N 307 
TRP CD2 CE2  doub Y N 308 
TRP CD2 CE3  sing Y N 309 
TRP NE1 CE2  sing Y N 310 
TRP NE1 HE1  sing N N 311 
TRP CE2 CZ2  sing Y N 312 
TRP CE3 CZ3  doub Y N 313 
TRP CE3 HE3  sing N N 314 
TRP CZ2 CH2  doub Y N 315 
TRP CZ2 HZ2  sing N N 316 
TRP CZ3 CH2  sing Y N 317 
TRP CZ3 HZ3  sing N N 318 
TRP CH2 HH2  sing N N 319 
TRP OXT HXT  sing N N 320 
TYR N   CA   sing N N 321 
TYR N   H    sing N N 322 
TYR N   H2   sing N N 323 
TYR CA  C    sing N N 324 
TYR CA  CB   sing N N 325 
TYR CA  HA   sing N N 326 
TYR C   O    doub N N 327 
TYR C   OXT  sing N N 328 
TYR CB  CG   sing N N 329 
TYR CB  HB2  sing N N 330 
TYR CB  HB3  sing N N 331 
TYR CG  CD1  doub Y N 332 
TYR CG  CD2  sing Y N 333 
TYR CD1 CE1  sing Y N 334 
TYR CD1 HD1  sing N N 335 
TYR CD2 CE2  doub Y N 336 
TYR CD2 HD2  sing N N 337 
TYR CE1 CZ   doub Y N 338 
TYR CE1 HE1  sing N N 339 
TYR CE2 CZ   sing Y N 340 
TYR CE2 HE2  sing N N 341 
TYR CZ  OH   sing N N 342 
TYR OH  HH   sing N N 343 
TYR OXT HXT  sing N N 344 
VAL N   CA   sing N N 345 
VAL N   H    sing N N 346 
VAL N   H2   sing N N 347 
VAL CA  C    sing N N 348 
VAL CA  CB   sing N N 349 
VAL CA  HA   sing N N 350 
VAL C   O    doub N N 351 
VAL C   OXT  sing N N 352 
VAL CB  CG1  sing N N 353 
VAL CB  CG2  sing N N 354 
VAL CB  HB   sing N N 355 
VAL CG1 HG11 sing N N 356 
VAL CG1 HG12 sing N N 357 
VAL CG1 HG13 sing N N 358 
VAL CG2 HG21 sing N N 359 
VAL CG2 HG22 sing N N 360 
VAL CG2 HG23 sing N N 361 
VAL OXT HXT  sing N N 362 
# 
_atom_sites.entry_id                    2FUJ 
_atom_sites.fract_transf_matrix[1][1]   -0.00705784 
_atom_sites.fract_transf_matrix[1][2]   -0.00074183 
_atom_sites.fract_transf_matrix[1][3]   0.00613665 
_atom_sites.fract_transf_matrix[2][1]   0.00362388 
_atom_sites.fract_transf_matrix[2][2]   0.00704904 
_atom_sites.fract_transf_matrix[2][3]   0.00502000 
_atom_sites.fract_transf_matrix[3][1]   -0.00500763 
_atom_sites.fract_transf_matrix[3][2]   0.00614675 
_atom_sites.fract_transf_matrix[3][3]   -0.00501628 
_atom_sites.fract_transf_vector[1]      0.376860 
_atom_sites.fract_transf_vector[2]      0.409337 
_atom_sites.fract_transf_vector[3]      -0.033425 
# 
loop_
_atom_type.symbol 
C 
N 
O 
S 
# 
loop_
_atom_site.group_PDB 
_atom_site.id 
_atom_site.type_symbol 
_atom_site.label_atom_id 
_atom_site.label_alt_id 
_atom_site.label_comp_id 
_atom_site.label_asym_id 
_atom_site.label_entity_id 
_atom_site.label_seq_id 
_atom_site.pdbx_PDB_ins_code 
_atom_site.Cartn_x 
_atom_site.Cartn_y 
_atom_site.Cartn_z 
_atom_site.occupancy 
_atom_site.B_iso_or_equiv 
_atom_site.pdbx_formal_charge 
_atom_site.auth_seq_id 
_atom_site.auth_comp_id 
_atom_site.auth_asym_id 
_atom_site.auth_atom_id 
_atom_site.pdbx_PDB_model_num 
ATOM   1    N N   . LYS A 1 8   ? 6.342   -9.774  -11.181 1.00 34.86 ? 5   LYS A N   1 
ATOM   2    C CA  . LYS A 1 8   ? 6.200   -8.322  -10.868 1.00 32.43 ? 5   LYS A CA  1 
ATOM   3    C C   . LYS A 1 8   ? 5.149   -8.075  -9.788  1.00 31.57 ? 5   LYS A C   1 
ATOM   4    O O   . LYS A 1 8   ? 5.454   -7.532  -8.722  1.00 30.16 ? 5   LYS A O   1 
ATOM   5    C CB  . LYS A 1 8   ? 5.815   -7.544  -12.127 1.00 32.48 ? 5   LYS A CB  1 
ATOM   6    C CG  . LYS A 1 8   ? 6.911   -6.658  -12.672 1.00 33.16 ? 5   LYS A CG  1 
ATOM   7    C CD  . LYS A 1 8   ? 6.438   -5.874  -13.893 1.00 35.71 ? 5   LYS A CD  1 
ATOM   8    C CE  . LYS A 1 8   ? 5.367   -4.838  -13.537 1.00 35.48 ? 5   LYS A CE  1 
ATOM   9    N NZ  . LYS A 1 8   ? 5.877   -3.788  -12.597 1.00 33.85 ? 5   LYS A NZ  1 
ATOM   10   N N   . ILE A 1 9   ? 3.917   -8.487  -10.076 1.00 31.23 ? 6   ILE A N   1 
ATOM   11   C CA  . ILE A 1 9   ? 2.791   -8.301  -9.166  1.00 31.17 ? 6   ILE A CA  1 
ATOM   12   C C   . ILE A 1 9   ? 2.913   -9.095  -7.869  1.00 31.52 ? 6   ILE A C   1 
ATOM   13   O O   . ILE A 1 9   ? 3.228   -10.284 -7.882  1.00 33.27 ? 6   ILE A O   1 
ATOM   14   C CB  . ILE A 1 9   ? 1.458   -8.689  -9.845  1.00 30.87 ? 6   ILE A CB  1 
ATOM   15   C CG1 . ILE A 1 9   ? 1.396   -8.113  -11.265 1.00 32.63 ? 6   ILE A CG1 1 
ATOM   16   C CG2 . ILE A 1 9   ? 0.294   -8.157  -9.036  1.00 30.75 ? 6   ILE A CG2 1 
ATOM   17   C CD1 . ILE A 1 9   ? 1.508   -6.569  -11.425 1.00 32.39 ? 6   ILE A CD1 1 
ATOM   18   N N   . LEU A 1 10  ? 2.667   -8.419  -6.751  1.00 29.30 ? 7   LEU A N   1 
ATOM   19   C CA  . LEU A 1 10  ? 2.723   -9.032  -5.434  1.00 27.50 ? 7   LEU A CA  1 
ATOM   20   C C   . LEU A 1 10  ? 1.294   -9.311  -4.980  1.00 26.66 ? 7   LEU A C   1 
ATOM   21   O O   . LEU A 1 10  ? 1.001   -10.370 -4.418  1.00 25.93 ? 7   LEU A O   1 
ATOM   22   C CB  . LEU A 1 10  ? 3.400   -8.084  -4.434  1.00 29.42 ? 7   LEU A CB  1 
ATOM   23   C CG  . LEU A 1 10  ? 4.913   -7.901  -4.598  1.00 29.75 ? 7   LEU A CG  1 
ATOM   24   C CD1 . LEU A 1 10  ? 5.433   -6.813  -3.653  1.00 29.30 ? 7   LEU A CD1 1 
ATOM   25   C CD2 . LEU A 1 10  ? 5.599   -9.231  -4.324  1.00 29.74 ? 7   LEU A CD2 1 
ATOM   26   N N   . ALA A 1 11  ? 0.409   -8.348  -5.226  1.00 23.93 ? 8   ALA A N   1 
ATOM   27   C CA  . ALA A 1 11  ? -0.984  -8.475  -4.835  1.00 22.38 ? 8   ALA A CA  1 
ATOM   28   C C   . ALA A 1 11  ? -1.881  -7.397  -5.435  1.00 20.03 ? 8   ALA A C   1 
ATOM   29   O O   . ALA A 1 11  ? -1.418  -6.322  -5.807  1.00 19.42 ? 8   ALA A O   1 
ATOM   30   C CB  . ALA A 1 11  ? -1.083  -8.438  -3.315  1.00 22.83 ? 8   ALA A CB  1 
ATOM   31   N N   . ARG A 1 12  ? -3.171  -7.708  -5.525  1.00 19.37 ? 9   ARG A N   1 
ATOM   32   C CA  . ARG A 1 12  ? -4.186  -6.792  -6.032  1.00 18.07 ? 9   ARG A CA  1 
ATOM   33   C C   . ARG A 1 12  ? -5.290  -6.920  -4.978  1.00 17.80 ? 9   ARG A C   1 
ATOM   34   O O   . ARG A 1 12  ? -6.133  -7.820  -5.035  1.00 17.78 ? 9   ARG A O   1 
ATOM   35   C CB  . ARG A 1 12  ? -4.655  -7.238  -7.424  1.00 21.66 ? 9   ARG A CB  1 
ATOM   36   C CG  . ARG A 1 12  ? -3.492  -7.375  -8.410  1.00 22.88 ? 9   ARG A CG  1 
ATOM   37   C CD  . ARG A 1 12  ? -3.922  -7.698  -9.835  1.00 25.64 ? 9   ARG A CD  1 
ATOM   38   N NE  . ARG A 1 12  ? -4.604  -6.577  -10.473 1.00 27.89 ? 9   ARG A NE  1 
ATOM   39   C CZ  . ARG A 1 12  ? -5.912  -6.528  -10.700 1.00 30.09 ? 9   ARG A CZ  1 
ATOM   40   N NH1 . ARG A 1 12  ? -6.685  -7.543  -10.344 1.00 31.92 ? 9   ARG A NH1 1 
ATOM   41   N NH2 . ARG A 1 12  ? -6.451  -5.458  -11.276 1.00 31.17 ? 9   ARG A NH2 1 
ATOM   42   N N   . VAL A 1 13  ? -5.257  -6.008  -4.010  1.00 14.60 ? 10  VAL A N   1 
ATOM   43   C CA  . VAL A 1 13  ? -6.173  -6.017  -2.870  1.00 15.58 ? 10  VAL A CA  1 
ATOM   44   C C   . VAL A 1 13  ? -7.348  -5.047  -2.910  1.00 13.61 ? 10  VAL A C   1 
ATOM   45   O O   . VAL A 1 13  ? -7.159  -3.834  -2.961  1.00 12.24 ? 10  VAL A O   1 
ATOM   46   C CB  . VAL A 1 13  ? -5.382  -5.736  -1.562  1.00 14.96 ? 10  VAL A CB  1 
ATOM   47   C CG1 . VAL A 1 13  ? -6.291  -5.867  -0.347  1.00 16.50 ? 10  VAL A CG1 1 
ATOM   48   C CG2 . VAL A 1 13  ? -4.197  -6.686  -1.453  1.00 15.83 ? 10  VAL A CG2 1 
ATOM   49   N N   . PRO A 1 14  ? -8.584  -5.569  -2.880  1.00 14.06 ? 11  PRO A N   1 
ATOM   50   C CA  . PRO A 1 14  ? -9.734  -4.667  -2.904  1.00 13.25 ? 11  PRO A CA  1 
ATOM   51   C C   . PRO A 1 14  ? -9.886  -4.077  -1.504  1.00 12.60 ? 11  PRO A C   1 
ATOM   52   O O   . PRO A 1 14  ? -9.809  -4.797  -0.514  1.00 14.15 ? 11  PRO A O   1 
ATOM   53   C CB  . PRO A 1 14  ? -10.893 -5.589  -3.280  1.00 13.21 ? 11  PRO A CB  1 
ATOM   54   C CG  . PRO A 1 14  ? -10.499 -6.883  -2.669  1.00 18.61 ? 11  PRO A CG  1 
ATOM   55   C CD  . PRO A 1 14  ? -9.014  -6.977  -2.974  1.00 15.61 ? 11  PRO A CD  1 
ATOM   56   N N   . ILE A 1 15  ? -10.082 -2.767  -1.432  1.00 12.80 ? 12  ILE A N   1 
ATOM   57   C CA  . ILE A 1 15  ? -10.233 -2.081  -0.157  1.00 14.38 ? 12  ILE A CA  1 
ATOM   58   C C   . ILE A 1 15  ? -11.474 -1.212  -0.216  1.00 13.53 ? 12  ILE A C   1 
ATOM   59   O O   . ILE A 1 15  ? -11.666 -0.468  -1.172  1.00 13.82 ? 12  ILE A O   1 
ATOM   60   C CB  . ILE A 1 15  ? -9.015  -1.165  0.135   1.00 15.47 ? 12  ILE A CB  1 
ATOM   61   C CG1 . ILE A 1 15  ? -7.733  -1.995  0.235   1.00 18.34 ? 12  ILE A CG1 1 
ATOM   62   C CG2 . ILE A 1 15  ? -9.242  -0.377  1.418   1.00 18.74 ? 12  ILE A CG2 1 
ATOM   63   C CD1 . ILE A 1 15  ? -6.434  -1.206  0.430   1.00 23.46 ? 12  ILE A CD1 1 
ATOM   64   N N   . SER A 1 16  ? -12.317 -1.313  0.804   1.00 13.44 ? 13  SER A N   1 
ATOM   65   C CA  . SER A 1 16  ? -13.521 -0.507  0.868   1.00 15.06 ? 13  SER A CA  1 
ATOM   66   C C   . SER A 1 16  ? -13.178 0.870   1.412   1.00 14.79 ? 13  SER A C   1 
ATOM   67   O O   . SER A 1 16  ? -12.461 0.982   2.400   1.00 16.37 ? 13  SER A O   1 
ATOM   68   C CB  . SER A 1 16  ? -14.545 -1.139  1.809   1.00 17.10 ? 13  SER A CB  1 
ATOM   69   O OG  . SER A 1 16  ? -14.966 -2.395  1.340   1.00 21.81 ? 13  SER A OG  1 
ATOM   70   N N   . VAL A 1 17  ? -13.692 1.910   0.771   1.00 12.83 ? 14  VAL A N   1 
ATOM   71   C CA  . VAL A 1 17  ? -13.464 3.269   1.242   1.00 15.01 ? 14  VAL A CA  1 
ATOM   72   C C   . VAL A 1 17  ? -14.551 3.566   2.273   1.00 15.84 ? 14  VAL A C   1 
ATOM   73   O O   . VAL A 1 17  ? -15.670 3.061   2.161   1.00 20.04 ? 14  VAL A O   1 
ATOM   74   C CB  . VAL A 1 17  ? -13.559 4.299   0.087   1.00 13.52 ? 14  VAL A CB  1 
ATOM   75   C CG1 . VAL A 1 17  ? -13.593 5.720   0.638   1.00 16.47 ? 14  VAL A CG1 1 
ATOM   76   C CG2 . VAL A 1 17  ? -12.367 4.144   -0.828  1.00 15.74 ? 14  VAL A CG2 1 
ATOM   77   N N   . ARG A 1 18  ? -14.220 4.374   3.275   1.00 13.93 ? 15  ARG A N   1 
ATOM   78   C CA  . ARG A 1 18  ? -15.174 4.740   4.311   1.00 14.10 ? 15  ARG A CA  1 
ATOM   79   C C   . ARG A 1 18  ? -15.518 6.214   4.166   1.00 13.43 ? 15  ARG A C   1 
ATOM   80   O O   . ARG A 1 18  ? -14.708 7.005   3.698   1.00 13.13 ? 15  ARG A O   1 
ATOM   81   C CB  . ARG A 1 18  ? -14.588 4.484   5.701   1.00 11.99 ? 15  ARG A CB  1 
ATOM   82   C CG  . ARG A 1 18  ? -14.400 3.029   6.076   1.00 14.88 ? 15  ARG A CG  1 
ATOM   83   C CD  . ARG A 1 18  ? -13.643 2.937   7.385   1.00 13.72 ? 15  ARG A CD  1 
ATOM   84   N NE  . ARG A 1 18  ? -13.252 1.571   7.727   1.00 12.22 ? 15  ARG A NE  1 
ATOM   85   C CZ  . ARG A 1 18  ? -12.462 1.263   8.750   1.00 10.92 ? 15  ARG A CZ  1 
ATOM   86   N NH1 . ARG A 1 18  ? -11.984 2.222   9.530   1.00 14.97 ? 15  ARG A NH1 1 
ATOM   87   N NH2 . ARG A 1 18  ? -12.150 0.001   8.996   1.00 10.71 ? 15  ARG A NH2 1 
ATOM   88   N N   . TRP A 1 19  ? -16.731 6.575   4.569   1.00 13.97 ? 16  TRP A N   1 
ATOM   89   C CA  . TRP A 1 19  ? -17.185 7.949   4.469   1.00 14.63 ? 16  TRP A CA  1 
ATOM   90   C C   . TRP A 1 19  ? -16.233 8.875   5.230   1.00 14.22 ? 16  TRP A C   1 
ATOM   91   O O   . TRP A 1 19  ? -15.916 9.970   4.762   1.00 15.19 ? 16  TRP A O   1 
ATOM   92   C CB  . TRP A 1 19  ? -18.610 8.063   5.022   1.00 16.76 ? 16  TRP A CB  1 
ATOM   93   C CG  . TRP A 1 19  ? -19.251 9.387   4.790   1.00 17.62 ? 16  TRP A CG  1 
ATOM   94   C CD1 . TRP A 1 19  ? -19.843 9.830   3.643   1.00 16.35 ? 16  TRP A CD1 1 
ATOM   95   C CD2 . TRP A 1 19  ? -19.329 10.463  5.724   1.00 17.70 ? 16  TRP A CD2 1 
ATOM   96   N NE1 . TRP A 1 19  ? -20.287 11.123  3.807   1.00 19.39 ? 16  TRP A NE1 1 
ATOM   97   C CE2 . TRP A 1 19  ? -19.984 11.533  5.079   1.00 18.72 ? 16  TRP A CE2 1 
ATOM   98   C CE3 . TRP A 1 19  ? -18.908 10.629  7.048   1.00 17.70 ? 16  TRP A CE3 1 
ATOM   99   C CZ2 . TRP A 1 19  ? -20.226 12.753  5.716   1.00 19.88 ? 16  TRP A CZ2 1 
ATOM   100  C CZ3 . TRP A 1 19  ? -19.148 11.840  7.675   1.00 18.81 ? 16  TRP A CZ3 1 
ATOM   101  C CH2 . TRP A 1 19  ? -19.800 12.884  7.010   1.00 18.57 ? 16  TRP A CH2 1 
ATOM   102  N N   . ARG A 1 20  ? -15.789 8.430   6.402   1.00 13.80 ? 17  ARG A N   1 
ATOM   103  C CA  . ARG A 1 20  ? -14.865 9.205   7.238   1.00 15.31 ? 17  ARG A CA  1 
ATOM   104  C C   . ARG A 1 20  ? -13.500 9.423   6.568   1.00 15.21 ? 17  ARG A C   1 
ATOM   105  O O   . ARG A 1 20  ? -12.705 10.243  7.030   1.00 14.51 ? 17  ARG A O   1 
ATOM   106  C CB  . ARG A 1 20  ? -14.680 8.491   8.587   1.00 18.21 ? 17  ARG A CB  1 
ATOM   107  C CG  . ARG A 1 20  ? -13.533 8.988   9.455   1.00 21.87 ? 17  ARG A CG  1 
ATOM   108  C CD  . ARG A 1 20  ? -13.728 10.435  9.877   1.00 21.91 ? 17  ARG A CD  1 
ATOM   109  N NE  . ARG A 1 20  ? -12.530 10.985  10.496  1.00 23.41 ? 17  ARG A NE  1 
ATOM   110  C CZ  . ARG A 1 20  ? -12.129 12.245  10.355  1.00 23.34 ? 17  ARG A CZ  1 
ATOM   111  N NH1 . ARG A 1 20  ? -12.836 13.094  9.623   1.00 25.64 ? 17  ARG A NH1 1 
ATOM   112  N NH2 . ARG A 1 20  ? -10.997 12.647  10.914  1.00 25.06 ? 17  ARG A NH2 1 
ATOM   113  N N   . ASP A 1 21  ? -13.232 8.688   5.488   1.00 14.23 ? 18  ASP A N   1 
ATOM   114  C CA  . ASP A 1 21  ? -11.960 8.812   4.777   1.00 14.35 ? 18  ASP A CA  1 
ATOM   115  C C   . ASP A 1 21  ? -11.841 10.173  4.107   1.00 14.94 ? 18  ASP A C   1 
ATOM   116  O O   . ASP A 1 21  ? -10.741 10.655  3.856   1.00 15.20 ? 18  ASP A O   1 
ATOM   117  C CB  . ASP A 1 21  ? -11.823 7.722   3.706   1.00 13.05 ? 18  ASP A CB  1 
ATOM   118  C CG  . ASP A 1 21  ? -11.501 6.346   4.283   1.00 13.66 ? 18  ASP A CG  1 
ATOM   119  O OD1 . ASP A 1 21  ? -11.553 5.372   3.511   1.00 13.28 ? 18  ASP A OD1 1 
ATOM   120  O OD2 . ASP A 1 21  ? -11.190 6.228   5.481   1.00 13.44 ? 18  ASP A OD2 1 
ATOM   121  N N   . MET A 1 22  ? -12.980 10.785  3.804   1.00 15.77 ? 19  MET A N   1 
ATOM   122  C CA  . MET A 1 22  ? -12.965 12.087  3.156   1.00 16.02 ? 19  MET A CA  1 
ATOM   123  C C   . MET A 1 22  ? -12.703 13.211  4.151   1.00 15.66 ? 19  MET A C   1 
ATOM   124  O O   . MET A 1 22  ? -12.950 13.068  5.345   1.00 17.75 ? 19  MET A O   1 
ATOM   125  C CB  . MET A 1 22  ? -14.297 12.344  2.435   1.00 16.77 ? 19  MET A CB  1 
ATOM   126  C CG  . MET A 1 22  ? -14.634 11.325  1.335   1.00 14.31 ? 19  MET A CG  1 
ATOM   127  S SD  . MET A 1 22  ? -16.078 11.816  0.335   1.00 8.82  ? 19  MET A SD  1 
ATOM   128  C CE  . MET A 1 22  ? -17.408 11.557  1.507   1.00 16.64 ? 19  MET A CE  1 
ATOM   129  N N   . ASP A 1 23  ? -12.185 14.324  3.652   1.00 16.13 ? 20  ASP A N   1 
ATOM   130  C CA  . ASP A 1 23  ? -11.936 15.474  4.502   1.00 16.37 ? 20  ASP A CA  1 
ATOM   131  C C   . ASP A 1 23  ? -12.930 16.575  4.138   1.00 18.08 ? 20  ASP A C   1 
ATOM   132  O O   . ASP A 1 23  ? -13.807 16.378  3.292   1.00 16.28 ? 20  ASP A O   1 
ATOM   133  C CB  . ASP A 1 23  ? -10.485 15.953  4.362   1.00 17.35 ? 20  ASP A CB  1 
ATOM   134  C CG  . ASP A 1 23  ? -10.114 16.303  2.937   1.00 17.48 ? 20  ASP A CG  1 
ATOM   135  O OD1 . ASP A 1 23  ? -8.918  16.181  2.589   1.00 19.76 ? 20  ASP A OD1 1 
ATOM   136  O OD2 . ASP A 1 23  ? -11.000 16.715  2.171   1.00 17.14 ? 20  ASP A OD2 1 
ATOM   137  N N   . SER A 1 24  ? -12.800 17.727  4.779   1.00 15.30 ? 21  SER A N   1 
ATOM   138  C CA  . SER A 1 24  ? -13.718 18.831  4.533   1.00 18.29 ? 21  SER A CA  1 
ATOM   139  C C   . SER A 1 24  ? -13.757 19.331  3.088   1.00 18.09 ? 21  SER A C   1 
ATOM   140  O O   . SER A 1 24  ? -14.652 20.094  2.712   1.00 19.92 ? 21  SER A O   1 
ATOM   141  C CB  . SER A 1 24  ? -13.380 19.990  5.467   1.00 18.02 ? 21  SER A CB  1 
ATOM   142  O OG  . SER A 1 24  ? -12.014 20.349  5.334   1.00 21.97 ? 21  SER A OG  1 
ATOM   143  N N   . MET A 1 25  ? -12.798 18.913  2.279   1.00 18.37 ? 22  MET A N   1 
ATOM   144  C CA  . MET A 1 25  ? -12.764 19.352  0.897   1.00 22.11 ? 22  MET A CA  1 
ATOM   145  C C   . MET A 1 25  ? -13.563 18.422  -0.012  1.00 20.95 ? 22  MET A C   1 
ATOM   146  O O   . MET A 1 25  ? -13.627 18.634  -1.223  1.00 23.59 ? 22  MET A O   1 
ATOM   147  C CB  . MET A 1 25  ? -11.318 19.474  0.421   1.00 23.42 ? 22  MET A CB  1 
ATOM   148  C CG  . MET A 1 25  ? -10.482 20.417  1.285   1.00 30.30 ? 22  MET A CG  1 
ATOM   149  S SD  . MET A 1 25  ? -9.013  21.005  0.436   1.00 34.89 ? 22  MET A SD  1 
ATOM   150  C CE  . MET A 1 25  ? -9.597  22.605  -0.041  1.00 38.17 ? 22  MET A CE  1 
ATOM   151  N N   . GLY A 1 26  ? -14.170 17.398  0.584   1.00 19.54 ? 23  GLY A N   1 
ATOM   152  C CA  . GLY A 1 26  ? -14.994 16.475  -0.175  1.00 20.15 ? 23  GLY A CA  1 
ATOM   153  C C   . GLY A 1 26  ? -14.336 15.329  -0.920  1.00 20.88 ? 23  GLY A C   1 
ATOM   154  O O   . GLY A 1 26  ? -14.972 14.713  -1.777  1.00 22.03 ? 23  GLY A O   1 
ATOM   155  N N   . HIS A 1 27  ? -13.078 15.036  -0.610  1.00 19.22 ? 24  HIS A N   1 
ATOM   156  C CA  . HIS A 1 27  ? -12.377 13.939  -1.272  1.00 18.15 ? 24  HIS A CA  1 
ATOM   157  C C   . HIS A 1 27  ? -11.577 13.175  -0.228  1.00 15.90 ? 24  HIS A C   1 
ATOM   158  O O   . HIS A 1 27  ? -11.266 13.712  0.828   1.00 14.71 ? 24  HIS A O   1 
ATOM   159  C CB  . HIS A 1 27  ? -11.413 14.469  -2.336  1.00 20.73 ? 24  HIS A CB  1 
ATOM   160  C CG  . HIS A 1 27  ? -12.028 15.445  -3.287  1.00 26.36 ? 24  HIS A CG  1 
ATOM   161  N ND1 . HIS A 1 27  ? -12.054 16.803  -3.048  1.00 27.99 ? 24  HIS A ND1 1 
ATOM   162  C CD2 . HIS A 1 27  ? -12.611 15.266  -4.496  1.00 26.65 ? 24  HIS A CD2 1 
ATOM   163  C CE1 . HIS A 1 27  ? -12.621 17.418  -4.072  1.00 28.68 ? 24  HIS A CE1 1 
ATOM   164  N NE2 . HIS A 1 27  ? -12.969 16.508  -4.963  1.00 27.15 ? 24  HIS A NE2 1 
ATOM   165  N N   . VAL A 1 28  ? -11.240 11.925  -0.514  1.00 12.55 ? 25  VAL A N   1 
ATOM   166  C CA  . VAL A 1 28  ? -10.459 11.153  0.447   1.00 11.00 ? 25  VAL A CA  1 
ATOM   167  C C   . VAL A 1 28  ? -9.156  11.893  0.765   1.00 10.35 ? 25  VAL A C   1 
ATOM   168  O O   . VAL A 1 28  ? -8.444  12.335  -0.135  1.00 12.05 ? 25  VAL A O   1 
ATOM   169  C CB  . VAL A 1 28  ? -10.130 9.755   -0.094  1.00 11.26 ? 25  VAL A CB  1 
ATOM   170  C CG1 . VAL A 1 28  ? -9.197  9.034   0.863   1.00 12.10 ? 25  VAL A CG1 1 
ATOM   171  C CG2 . VAL A 1 28  ? -11.409 8.968   -0.271  1.00 12.82 ? 25  VAL A CG2 1 
ATOM   172  N N   . ASN A 1 29  ? -8.856  12.018  2.055   1.00 11.75 ? 26  ASN A N   1 
ATOM   173  C CA  . ASN A 1 29  ? -7.660  12.719  2.522   1.00 13.42 ? 26  ASN A CA  1 
ATOM   174  C C   . ASN A 1 29  ? -6.354  12.052  2.074   1.00 13.06 ? 26  ASN A C   1 
ATOM   175  O O   . ASN A 1 29  ? -6.254  10.829  2.038   1.00 12.83 ? 26  ASN A O   1 
ATOM   176  C CB  . ASN A 1 29  ? -7.706  12.822  4.052   1.00 13.12 ? 26  ASN A CB  1 
ATOM   177  C CG  . ASN A 1 29  ? -6.565  13.648  4.617   1.00 14.98 ? 26  ASN A CG  1 
ATOM   178  O OD1 . ASN A 1 29  ? -5.543  13.108  5.042   1.00 13.66 ? 26  ASN A OD1 1 
ATOM   179  N ND2 . ASN A 1 29  ? -6.731  14.964  4.610   1.00 15.38 ? 26  ASN A ND2 1 
ATOM   180  N N   . ASN A 1 30  ? -5.353  12.861  1.733   1.00 14.24 ? 27  ASN A N   1 
ATOM   181  C CA  . ASN A 1 30  ? -4.068  12.325  1.287   1.00 15.90 ? 27  ASN A CA  1 
ATOM   182  C C   . ASN A 1 30  ? -3.493  11.265  2.235   1.00 15.50 ? 27  ASN A C   1 
ATOM   183  O O   . ASN A 1 30  ? -2.998  10.220  1.793   1.00 15.60 ? 27  ASN A O   1 
ATOM   184  C CB  . ASN A 1 30  ? -3.025  13.440  1.152   1.00 15.72 ? 27  ASN A CB  1 
ATOM   185  C CG  . ASN A 1 30  ? -3.439  14.528  0.183   1.00 18.45 ? 27  ASN A CG  1 
ATOM   186  O OD1 . ASN A 1 30  ? -3.878  14.260  -0.938  1.00 20.80 ? 27  ASN A OD1 1 
ATOM   187  N ND2 . ASN A 1 30  ? -3.279  15.771  0.606   1.00 22.13 ? 27  ASN A ND2 1 
ATOM   188  N N   . ALA A 1 31  ? -3.544  11.542  3.533   1.00 15.26 ? 28  ALA A N   1 
ATOM   189  C CA  . ALA A 1 31  ? -3.001  10.620  4.525   1.00 15.24 ? 28  ALA A CA  1 
ATOM   190  C C   . ALA A 1 31  ? -3.650  9.238   4.506   1.00 13.86 ? 28  ALA A C   1 
ATOM   191  O O   . ALA A 1 31  ? -3.018  8.246   4.860   1.00 13.52 ? 28  ALA A O   1 
ATOM   192  C CB  . ALA A 1 31  ? -3.119  11.222  5.903   1.00 17.41 ? 28  ALA A CB  1 
ATOM   193  N N   . LYS A 1 32  ? -4.908  9.172   4.088   1.00 14.39 ? 29  LYS A N   1 
ATOM   194  C CA  . LYS A 1 32  ? -5.600  7.893   4.051   1.00 15.02 ? 29  LYS A CA  1 
ATOM   195  C C   . LYS A 1 32  ? -5.029  6.976   2.966   1.00 13.09 ? 29  LYS A C   1 
ATOM   196  O O   . LYS A 1 32  ? -5.148  5.755   3.048   1.00 13.06 ? 29  LYS A O   1 
ATOM   197  C CB  . LYS A 1 32  ? -7.100  8.112   3.830   1.00 18.61 ? 29  LYS A CB  1 
ATOM   198  C CG  . LYS A 1 32  ? -7.951  7.369   4.833   1.00 26.87 ? 29  LYS A CG  1 
ATOM   199  C CD  . LYS A 1 32  ? -7.575  7.796   6.245   1.00 28.71 ? 29  LYS A CD  1 
ATOM   200  C CE  . LYS A 1 32  ? -8.347  7.023   7.292   1.00 33.15 ? 29  LYS A CE  1 
ATOM   201  N NZ  . LYS A 1 32  ? -8.090  5.566   7.191   1.00 36.39 ? 29  LYS A NZ  1 
ATOM   202  N N   . TYR A 1 33  ? -4.412  7.571   1.945   1.00 12.55 ? 30  TYR A N   1 
ATOM   203  C CA  . TYR A 1 33  ? -3.817  6.781   0.875   1.00 12.00 ? 30  TYR A CA  1 
ATOM   204  C C   . TYR A 1 33  ? -2.695  5.909   1.447   1.00 11.52 ? 30  TYR A C   1 
ATOM   205  O O   . TYR A 1 33  ? -2.572  4.738   1.100   1.00 11.70 ? 30  TYR A O   1 
ATOM   206  C CB  . TYR A 1 33  ? -3.263  7.685   -0.228  1.00 13.61 ? 30  TYR A CB  1 
ATOM   207  C CG  . TYR A 1 33  ? -4.309  8.263   -1.168  1.00 15.95 ? 30  TYR A CG  1 
ATOM   208  C CD1 . TYR A 1 33  ? -4.160  8.144   -2.549  1.00 18.23 ? 30  TYR A CD1 1 
ATOM   209  C CD2 . TYR A 1 33  ? -5.431  8.934   -0.683  1.00 16.02 ? 30  TYR A CD2 1 
ATOM   210  C CE1 . TYR A 1 33  ? -5.099  8.675   -3.426  1.00 17.09 ? 30  TYR A CE1 1 
ATOM   211  C CE2 . TYR A 1 33  ? -6.383  9.471   -1.561  1.00 17.37 ? 30  TYR A CE2 1 
ATOM   212  C CZ  . TYR A 1 33  ? -6.204  9.332   -2.934  1.00 15.13 ? 30  TYR A CZ  1 
ATOM   213  O OH  . TYR A 1 33  ? -7.134  9.834   -3.819  1.00 16.29 ? 30  TYR A OH  1 
ATOM   214  N N   . ILE A 1 34  ? -1.881  6.483   2.326   1.00 11.02 ? 31  ILE A N   1 
ATOM   215  C CA  . ILE A 1 34  ? -0.804  5.722   2.933   1.00 10.93 ? 31  ILE A CA  1 
ATOM   216  C C   . ILE A 1 34  ? -1.421  4.561   3.714   1.00 10.89 ? 31  ILE A C   1 
ATOM   217  O O   . ILE A 1 34  ? -0.840  3.480   3.794   1.00 11.50 ? 31  ILE A O   1 
ATOM   218  C CB  . ILE A 1 34  ? 0.051   6.603   3.890   1.00 11.67 ? 31  ILE A CB  1 
ATOM   219  C CG1 . ILE A 1 34  ? 0.947   7.556   3.090   1.00 16.71 ? 31  ILE A CG1 1 
ATOM   220  C CG2 . ILE A 1 34  ? 0.926   5.715   4.764   1.00 12.81 ? 31  ILE A CG2 1 
ATOM   221  C CD1 . ILE A 1 34  ? 1.537   8.714   3.894   1.00 23.36 ? 31  ILE A CD1 1 
ATOM   222  N N   . SER A 1 35  ? -2.603  4.789   4.285   1.00 11.08 ? 32  SER A N   1 
ATOM   223  C CA  . SER A 1 35  ? -3.287  3.746   5.042   1.00 10.77 ? 32  SER A CA  1 
ATOM   224  C C   . SER A 1 35  ? -3.821  2.649   4.127   1.00 9.51  ? 32  SER A C   1 
ATOM   225  O O   . SER A 1 35  ? -3.835  1.484   4.503   1.00 9.67  ? 32  SER A O   1 
ATOM   226  C CB  . SER A 1 35  ? -4.443  4.334   5.855   1.00 11.74 ? 32  SER A CB  1 
ATOM   227  O OG  . SER A 1 35  ? -3.959  5.217   6.850   1.00 13.45 ? 32  SER A OG  1 
ATOM   228  N N   . TYR A 1 36  ? -4.272  3.016   2.932   1.00 10.03 ? 33  TYR A N   1 
ATOM   229  C CA  . TYR A 1 36  ? -4.778  2.009   1.999   1.00 10.00 ? 33  TYR A CA  1 
ATOM   230  C C   . TYR A 1 36  ? -3.611  1.114   1.589   1.00 10.54 ? 33  TYR A C   1 
ATOM   231  O O   . TYR A 1 36  ? -3.755  -0.100  1.455   1.00 12.34 ? 33  TYR A O   1 
ATOM   232  C CB  . TYR A 1 36  ? -5.358  2.658   0.739   1.00 8.99  ? 33  TYR A CB  1 
ATOM   233  C CG  . TYR A 1 36  ? -6.582  3.513   0.950   1.00 8.35  ? 33  TYR A CG  1 
ATOM   234  C CD1 . TYR A 1 36  ? -7.512  3.207   1.945   1.00 10.32 ? 33  TYR A CD1 1 
ATOM   235  C CD2 . TYR A 1 36  ? -6.839  4.599   0.121   1.00 10.91 ? 33  TYR A CD2 1 
ATOM   236  C CE1 . TYR A 1 36  ? -8.669  3.967   2.106   1.00 12.06 ? 33  TYR A CE1 1 
ATOM   237  C CE2 . TYR A 1 36  ? -7.994  5.366   0.271   1.00 10.54 ? 33  TYR A CE2 1 
ATOM   238  C CZ  . TYR A 1 36  ? -8.907  5.043   1.266   1.00 10.89 ? 33  TYR A CZ  1 
ATOM   239  O OH  . TYR A 1 36  ? -10.050 5.792   1.411   1.00 11.92 ? 33  TYR A OH  1 
ATOM   240  N N   . LEU A 1 37  ? -2.451  1.727   1.387   1.00 10.72 ? 34  LEU A N   1 
ATOM   241  C CA  . LEU A 1 37  ? -1.268  0.978   0.985   1.00 11.49 ? 34  LEU A CA  1 
ATOM   242  C C   . LEU A 1 37  ? -0.825  0.054   2.106   1.00 12.08 ? 34  LEU A C   1 
ATOM   243  O O   . LEU A 1 37  ? -0.348  -1.056  1.870   1.00 12.39 ? 34  LEU A O   1 
ATOM   244  C CB  . LEU A 1 37  ? -0.144  1.945   0.608   1.00 12.24 ? 34  LEU A CB  1 
ATOM   245  C CG  . LEU A 1 37  ? -0.470  2.823   -0.596  1.00 13.12 ? 34  LEU A CG  1 
ATOM   246  C CD1 . LEU A 1 37  ? 0.647   3.825   -0.828  1.00 14.98 ? 34  LEU A CD1 1 
ATOM   247  C CD2 . LEU A 1 37  ? -0.669  1.940   -1.819  1.00 15.31 ? 34  LEU A CD2 1 
ATOM   248  N N   . GLU A 1 38  ? -0.987  0.525   3.338   1.00 10.47 ? 35  GLU A N   1 
ATOM   249  C CA  . GLU A 1 38  ? -0.629  -0.260  4.505   1.00 12.03 ? 35  GLU A CA  1 
ATOM   250  C C   . GLU A 1 38  ? -1.523  -1.497  4.589   1.00 12.65 ? 35  GLU A C   1 
ATOM   251  O O   . GLU A 1 38  ? -1.033  -2.621  4.709   1.00 13.12 ? 35  GLU A O   1 
ATOM   252  C CB  . GLU A 1 38  ? -0.801  0.607   5.753   1.00 15.13 ? 35  GLU A CB  1 
ATOM   253  C CG  . GLU A 1 38  ? -0.531  -0.066  7.070   1.00 17.44 ? 35  GLU A CG  1 
ATOM   254  C CD  . GLU A 1 38  ? -0.830  0.872   8.224   1.00 14.30 ? 35  GLU A CD  1 
ATOM   255  O OE1 . GLU A 1 38  ? -2.024  1.116   8.498   1.00 16.38 ? 35  GLU A OE1 1 
ATOM   256  O OE2 . GLU A 1 38  ? 0.126   1.386   8.837   1.00 17.40 ? 35  GLU A OE2 1 
ATOM   257  N N   . GLU A 1 39  ? -2.836  -1.289  4.508   1.00 12.80 ? 36  GLU A N   1 
ATOM   258  C CA  . GLU A 1 39  ? -3.780  -2.403  4.585   1.00 13.19 ? 36  GLU A CA  1 
ATOM   259  C C   . GLU A 1 39  ? -3.464  -3.453  3.524   1.00 14.62 ? 36  GLU A C   1 
ATOM   260  O O   . GLU A 1 39  ? -3.462  -4.648  3.802   1.00 14.66 ? 36  GLU A O   1 
ATOM   261  C CB  . GLU A 1 39  ? -5.215  -1.903  4.404   1.00 15.41 ? 36  GLU A CB  1 
ATOM   262  C CG  . GLU A 1 39  ? -6.297  -2.934  4.760   1.00 15.58 ? 36  GLU A CG  1 
ATOM   263  C CD  . GLU A 1 39  ? -6.229  -3.398  6.209   1.00 16.95 ? 36  GLU A CD  1 
ATOM   264  O OE1 . GLU A 1 39  ? -5.698  -2.648  7.056   1.00 16.34 ? 36  GLU A OE1 1 
ATOM   265  O OE2 . GLU A 1 39  ? -6.720  -4.513  6.505   1.00 16.75 ? 36  GLU A OE2 1 
ATOM   266  N N   . ALA A 1 40  ? -3.191  -3.001  2.305   1.00 13.76 ? 37  ALA A N   1 
ATOM   267  C CA  . ALA A 1 40  ? -2.870  -3.925  1.221   1.00 15.04 ? 37  ALA A CA  1 
ATOM   268  C C   . ALA A 1 40  ? -1.633  -4.753  1.562   1.00 16.13 ? 37  ALA A C   1 
ATOM   269  O O   . ALA A 1 40  ? -1.614  -5.958  1.343   1.00 17.19 ? 37  ALA A O   1 
ATOM   270  C CB  . ALA A 1 40  ? -2.649  -3.155  -0.088  1.00 14.62 ? 37  ALA A CB  1 
ATOM   271  N N   . ARG A 1 41  ? -0.603  -4.115  2.112   1.00 15.90 ? 38  ARG A N   1 
ATOM   272  C CA  . ARG A 1 41  ? 0.610   -4.853  2.463   1.00 18.72 ? 38  ARG A CA  1 
ATOM   273  C C   . ARG A 1 41  ? 0.387   -5.946  3.508   1.00 21.95 ? 38  ARG A C   1 
ATOM   274  O O   . ARG A 1 41  ? 0.895   -7.065  3.369   1.00 22.79 ? 38  ARG A O   1 
ATOM   275  C CB  . ARG A 1 41  ? 1.701   -3.907  2.967   1.00 18.63 ? 38  ARG A CB  1 
ATOM   276  C CG  . ARG A 1 41  ? 2.238   -2.949  1.929   1.00 19.68 ? 38  ARG A CG  1 
ATOM   277  C CD  . ARG A 1 41  ? 3.618   -2.442  2.331   1.00 20.38 ? 38  ARG A CD  1 
ATOM   278  N NE  . ARG A 1 41  ? 3.606   -1.833  3.656   1.00 20.99 ? 38  ARG A NE  1 
ATOM   279  C CZ  . ARG A 1 41  ? 3.143   -0.614  3.918   1.00 18.28 ? 38  ARG A CZ  1 
ATOM   280  N NH1 . ARG A 1 41  ? 2.655   0.142   2.942   1.00 14.75 ? 38  ARG A NH1 1 
ATOM   281  N NH2 . ARG A 1 41  ? 3.166   -0.152  5.160   1.00 16.41 ? 38  ARG A NH2 1 
ATOM   282  N N   . VAL A 1 42  ? -0.361  -5.630  4.562   1.00 22.21 ? 39  VAL A N   1 
ATOM   283  C CA  . VAL A 1 42  ? -0.613  -6.611  5.617   1.00 23.86 ? 39  VAL A CA  1 
ATOM   284  C C   . VAL A 1 42  ? -1.662  -7.661  5.237   1.00 25.42 ? 39  VAL A C   1 
ATOM   285  O O   . VAL A 1 42  ? -1.590  -8.813  5.679   1.00 26.35 ? 39  VAL A O   1 
ATOM   286  C CB  . VAL A 1 42  ? -1.012  -5.906  6.949   1.00 22.94 ? 39  VAL A CB  1 
ATOM   287  C CG1 . VAL A 1 42  ? 0.061   -4.895  7.335   1.00 22.70 ? 39  VAL A CG1 1 
ATOM   288  C CG2 . VAL A 1 42  ? -2.356  -5.215  6.809   1.00 22.55 ? 39  VAL A CG2 1 
ATOM   289  N N   . ARG A 1 43  ? -2.641  -7.276  4.427   1.00 26.68 ? 40  ARG A N   1 
ATOM   290  C CA  . ARG A 1 43  ? -3.660  -8.227  3.989   1.00 28.48 ? 40  ARG A CA  1 
ATOM   291  C C   . ARG A 1 43  ? -2.952  -9.214  3.069   1.00 31.15 ? 40  ARG A C   1 
ATOM   292  O O   . ARG A 1 43  ? -3.359  -10.372 2.946   1.00 31.90 ? 40  ARG A O   1 
ATOM   293  C CB  . ARG A 1 43  ? -4.778  -7.506  3.232   1.00 28.65 ? 40  ARG A CB  1 
ATOM   294  C CG  . ARG A 1 43  ? -5.741  -6.726  4.122   1.00 27.83 ? 40  ARG A CG  1 
ATOM   295  C CD  . ARG A 1 43  ? -6.797  -7.627  4.740   1.00 30.77 ? 40  ARG A CD  1 
ATOM   296  N NE  . ARG A 1 43  ? -7.673  -6.914  5.671   1.00 31.34 ? 40  ARG A NE  1 
ATOM   297  C CZ  . ARG A 1 43  ? -8.804  -7.409  6.165   1.00 31.01 ? 40  ARG A CZ  1 
ATOM   298  N NH1 . ARG A 1 43  ? -9.201  -8.623  5.810   1.00 31.09 ? 40  ARG A NH1 1 
ATOM   299  N NH2 . ARG A 1 43  ? -9.538  -6.694  7.016   1.00 31.54 ? 40  ARG A NH2 1 
ATOM   300  N N   . TRP A 1 44  ? -1.876  -8.737  2.447   1.00 32.82 ? 41  TRP A N   1 
ATOM   301  C CA  . TRP A 1 44  ? -1.063  -9.533  1.532   1.00 34.59 ? 41  TRP A CA  1 
ATOM   302  C C   . TRP A 1 44  ? -0.251  -10.567 2.292   1.00 35.77 ? 41  TRP A C   1 
ATOM   303  O O   . TRP A 1 44  ? -0.245  -11.745 1.934   1.00 36.40 ? 41  TRP A O   1 
ATOM   304  C CB  . TRP A 1 44  ? -0.120  -8.622  0.738   1.00 34.61 ? 41  TRP A CB  1 
ATOM   305  C CG  . TRP A 1 44  ? 0.956   -9.357  -0.017  1.00 35.02 ? 41  TRP A CG  1 
ATOM   306  C CD1 . TRP A 1 44  ? 0.784   -10.394 -0.894  1.00 34.95 ? 41  TRP A CD1 1 
ATOM   307  C CD2 . TRP A 1 44  ? 2.370   -9.113  0.043   1.00 34.23 ? 41  TRP A CD2 1 
ATOM   308  N NE1 . TRP A 1 44  ? 2.002   -10.810 -1.381  1.00 35.26 ? 41  TRP A NE1 1 
ATOM   309  C CE2 . TRP A 1 44  ? 2.991   -10.045 -0.823  1.00 35.03 ? 41  TRP A CE2 1 
ATOM   310  C CE3 . TRP A 1 44  ? 3.173   -8.202  0.747   1.00 34.54 ? 41  TRP A CE3 1 
ATOM   311  C CZ2 . TRP A 1 44  ? 4.382   -10.091 -1.004  1.00 34.34 ? 41  TRP A CZ2 1 
ATOM   312  C CZ3 . TRP A 1 44  ? 4.554   -8.247  0.571   1.00 34.80 ? 41  TRP A CZ3 1 
ATOM   313  C CH2 . TRP A 1 44  ? 5.144   -9.191  -0.302  1.00 35.37 ? 41  TRP A CH2 1 
ATOM   314  N N   . MET A 1 45  ? 0.430   -10.121 3.342   1.00 36.48 ? 42  MET A N   1 
ATOM   315  C CA  . MET A 1 45  ? 1.256   -11.005 4.162   1.00 37.54 ? 42  MET A CA  1 
ATOM   316  C C   . MET A 1 45  ? 0.370   -11.951 4.953   1.00 38.04 ? 42  MET A C   1 
ATOM   317  O O   . MET A 1 45  ? 0.835   -12.931 5.538   1.00 37.98 ? 42  MET A O   1 
ATOM   318  C CB  . MET A 1 45  ? 2.099   -10.185 5.127   1.00 37.56 ? 42  MET A CB  1 
ATOM   319  C CG  . MET A 1 45  ? 2.862   -9.059  4.465   1.00 39.60 ? 42  MET A CG  1 
ATOM   320  S SD  . MET A 1 45  ? 3.502   -7.871  5.654   1.00 40.62 ? 42  MET A SD  1 
ATOM   321  C CE  . MET A 1 45  ? 2.503   -8.213  7.086   1.00 41.50 ? 42  MET A CE  1 
ATOM   322  N N   . LEU A 1 46  ? -0.923  -11.656 4.955   1.00 38.89 ? 43  LEU A N   1 
ATOM   323  C CA  . LEU A 1 46  ? -1.879  -12.470 5.677   1.00 39.81 ? 43  LEU A CA  1 
ATOM   324  C C   . LEU A 1 46  ? -2.339  -13.659 4.829   1.00 41.08 ? 43  LEU A C   1 
ATOM   325  O O   . LEU A 1 46  ? -2.619  -14.726 5.360   1.00 41.82 ? 43  LEU A O   1 
ATOM   326  C CB  . LEU A 1 46  ? -3.064  -11.590 6.097   1.00 39.60 ? 43  LEU A CB  1 
ATOM   327  C CG  . LEU A 1 46  ? -4.071  -12.145 7.104   1.00 39.23 ? 43  LEU A CG  1 
ATOM   328  C CD1 . LEU A 1 46  ? -4.920  -13.226 6.453   1.00 38.33 ? 43  LEU A CD1 1 
ATOM   329  C CD2 . LEU A 1 46  ? -3.314  -12.682 8.314   1.00 38.17 ? 43  LEU A CD2 1 
ATOM   330  N N   . GLY A 1 47  ? -2.390  -13.475 3.513   1.00 41.85 ? 44  GLY A N   1 
ATOM   331  C CA  . GLY A 1 47  ? -2.825  -14.544 2.623   1.00 42.92 ? 44  GLY A CA  1 
ATOM   332  C C   . GLY A 1 47  ? -2.113  -15.871 2.825   1.00 44.13 ? 44  GLY A C   1 
ATOM   333  O O   . GLY A 1 47  ? -2.633  -16.762 3.502   1.00 44.94 ? 44  GLY A O   1 
ATOM   334  N N   . VAL A 1 48  ? -0.929  -15.995 2.231   1.00 45.02 ? 45  VAL A N   1 
ATOM   335  C CA  . VAL A 1 48  ? -0.112  -17.202 2.324   1.00 45.68 ? 45  VAL A CA  1 
ATOM   336  C C   . VAL A 1 48  ? -0.750  -18.321 3.148   1.00 46.29 ? 45  VAL A C   1 
ATOM   337  O O   . VAL A 1 48  ? -1.565  -19.094 2.627   1.00 46.64 ? 45  VAL A O   1 
ATOM   338  C CB  . VAL A 1 48  ? 1.280   -16.878 2.915   1.00 45.77 ? 45  VAL A CB  1 
ATOM   339  C CG1 . VAL A 1 48  ? 2.123   -18.153 3.006   1.00 45.84 ? 45  VAL A CG1 1 
ATOM   340  C CG2 . VAL A 1 48  ? 1.980   -15.835 2.046   1.00 45.39 ? 45  VAL A CG2 1 
ATOM   341  N N   . GLU A 1 49  ? -0.405  -18.404 4.435   1.00 46.87 ? 46  GLU A N   1 
ATOM   342  C CA  . GLU A 1 49  ? -0.958  -19.466 5.269   1.00 47.51 ? 46  GLU A CA  1 
ATOM   343  C C   . GLU A 1 49  ? -0.967  -19.248 6.785   1.00 47.93 ? 46  GLU A C   1 
ATOM   344  O O   . GLU A 1 49  ? 0.005   -18.765 7.376   1.00 48.89 ? 46  GLU A O   1 
ATOM   345  C CB  . GLU A 1 49  ? -0.244  -20.785 4.943   1.00 47.59 ? 46  GLU A CB  1 
ATOM   346  C CG  . GLU A 1 49  ? -0.962  -21.630 3.892   1.00 47.76 ? 46  GLU A CG  1 
ATOM   347  C CD  . GLU A 1 49  ? -0.007  -22.423 3.018   1.00 48.16 ? 46  GLU A CD  1 
ATOM   348  O OE1 . GLU A 1 49  ? 0.751   -21.797 2.242   1.00 48.72 ? 46  GLU A OE1 1 
ATOM   349  O OE2 . GLU A 1 49  ? -0.013  -23.673 3.109   1.00 49.18 ? 46  GLU A OE2 1 
ATOM   350  N N   . GLY A 1 50  ? -2.086  -19.609 7.412   1.00 47.67 ? 47  GLY A N   1 
ATOM   351  C CA  . GLY A 1 50  ? -2.206  -19.486 8.851   1.00 47.20 ? 47  GLY A CA  1 
ATOM   352  C C   . GLY A 1 50  ? -2.269  -18.086 9.428   1.00 47.22 ? 47  GLY A C   1 
ATOM   353  O O   . GLY A 1 50  ? -2.421  -17.096 8.702   1.00 47.87 ? 47  GLY A O   1 
ATOM   354  N N   . VAL A 1 51  ? -2.135  -18.029 10.754  1.00 46.95 ? 48  VAL A N   1 
ATOM   355  C CA  . VAL A 1 51  ? -2.187  -16.798 11.540  1.00 46.03 ? 48  VAL A CA  1 
ATOM   356  C C   . VAL A 1 51  ? -0.883  -15.997 11.464  1.00 46.35 ? 48  VAL A C   1 
ATOM   357  O O   . VAL A 1 51  ? 0.211   -16.569 11.520  1.00 46.12 ? 48  VAL A O   1 
ATOM   358  C CB  . VAL A 1 51  ? -2.505  -17.142 13.014  1.00 45.84 ? 48  VAL A CB  1 
ATOM   359  C CG1 . VAL A 1 51  ? -3.787  -17.964 13.079  1.00 45.05 ? 48  VAL A CG1 1 
ATOM   360  C CG2 . VAL A 1 51  ? -1.350  -17.934 13.637  1.00 44.67 ? 48  VAL A CG2 1 
ATOM   361  N N   . ALA A 1 52  ? -1.004  -14.673 11.358  1.00 46.69 ? 49  ALA A N   1 
ATOM   362  C CA  . ALA A 1 52  ? 0.165   -13.803 11.229  1.00 47.20 ? 49  ALA A CA  1 
ATOM   363  C C   . ALA A 1 52  ? 0.469   -12.840 12.379  1.00 47.15 ? 49  ALA A C   1 
ATOM   364  O O   . ALA A 1 52  ? -0.359  -12.001 12.745  1.00 48.09 ? 49  ALA A O   1 
ATOM   365  C CB  . ALA A 1 52  ? 0.063   -13.007 9.916   1.00 46.98 ? 49  ALA A CB  1 
ATOM   366  N N   . MET A 1 53  ? 1.683   -12.969 12.911  1.00 46.86 ? 50  MET A N   1 
ATOM   367  C CA  . MET A 1 53  ? 2.244   -12.136 13.994  1.00 46.76 ? 50  MET A CA  1 
ATOM   368  C C   . MET A 1 53  ? 3.684   -12.642 14.133  1.00 46.77 ? 50  MET A C   1 
ATOM   369  O O   . MET A 1 53  ? 3.894   -13.859 14.239  1.00 47.76 ? 50  MET A O   1 
ATOM   370  C CB  . MET A 1 53  ? 1.488   -12.334 15.320  1.00 47.23 ? 50  MET A CB  1 
ATOM   371  C CG  . MET A 1 53  ? 0.044   -11.800 15.345  1.00 47.03 ? 50  MET A CG  1 
ATOM   372  S SD  . MET A 1 53  ? -0.139  -9.997  15.520  1.00 52.59 ? 50  MET A SD  1 
ATOM   373  C CE  . MET A 1 53  ? 0.001   -9.428  13.797  1.00 48.14 ? 50  MET A CE  1 
ATOM   374  N N   . THR A 1 54  ? 4.668   -11.738 14.120  1.00 46.24 ? 51  THR A N   1 
ATOM   375  C CA  . THR A 1 54  ? 6.077   -12.152 14.198  1.00 45.99 ? 51  THR A CA  1 
ATOM   376  C C   . THR A 1 54  ? 7.092   -11.129 14.744  1.00 46.14 ? 51  THR A C   1 
ATOM   377  O O   . THR A 1 54  ? 6.859   -9.912  14.716  1.00 46.99 ? 51  THR A O   1 
ATOM   378  C CB  . THR A 1 54  ? 6.572   -12.607 12.804  1.00 45.43 ? 51  THR A CB  1 
ATOM   379  O OG1 . THR A 1 54  ? 6.027   -11.727 11.811  1.00 46.23 ? 51  THR A OG1 1 
ATOM   380  C CG2 . THR A 1 54  ? 6.130   -14.039 12.497  1.00 45.55 ? 51  THR A CG2 1 
ATOM   381  N N   . ASP A 1 55  ? 8.234   -11.644 15.213  1.00 46.10 ? 52  ASP A N   1 
ATOM   382  C CA  . ASP A 1 55  ? 9.300   -10.817 15.781  1.00 45.76 ? 52  ASP A CA  1 
ATOM   383  C C   . ASP A 1 55  ? 10.729  -11.160 15.306  1.00 45.42 ? 52  ASP A C   1 
ATOM   384  O O   . ASP A 1 55  ? 10.971  -12.232 14.746  1.00 45.86 ? 52  ASP A O   1 
ATOM   385  C CB  . ASP A 1 55  ? 9.232   -10.888 17.314  1.00 46.09 ? 52  ASP A CB  1 
ATOM   386  C CG  . ASP A 1 55  ? 9.548   -12.283 17.862  1.00 47.99 ? 52  ASP A CG  1 
ATOM   387  O OD1 . ASP A 1 55  ? 9.053   -13.287 17.295  1.00 47.56 ? 52  ASP A OD1 1 
ATOM   388  O OD2 . ASP A 1 55  ? 10.284  -12.374 18.872  1.00 47.58 ? 52  ASP A OD2 1 
ATOM   389  N N   . ARG A 1 56  ? 11.645  -10.218 15.553  1.00 44.71 ? 53  ARG A N   1 
ATOM   390  C CA  . ARG A 1 56  ? 13.082  -10.254 15.223  1.00 43.95 ? 53  ARG A CA  1 
ATOM   391  C C   . ARG A 1 56  ? 13.357  -9.619  13.860  1.00 43.26 ? 53  ARG A C   1 
ATOM   392  O O   . ARG A 1 56  ? 13.014  -8.455  13.640  1.00 45.29 ? 53  ARG A O   1 
ATOM   393  C CB  . ARG A 1 56  ? 13.658  -11.681 15.286  1.00 43.61 ? 53  ARG A CB  1 
ATOM   394  C CG  . ARG A 1 56  ? 15.191  -11.693 15.403  1.00 44.11 ? 53  ARG A CG  1 
ATOM   395  C CD  . ARG A 1 56  ? 15.746  -13.073 15.774  1.00 44.51 ? 53  ARG A CD  1 
ATOM   396  N NE  . ARG A 1 56  ? 17.204  -13.069 15.909  1.00 45.36 ? 53  ARG A NE  1 
ATOM   397  C CZ  . ARG A 1 56  ? 17.876  -12.416 16.853  1.00 45.15 ? 53  ARG A CZ  1 
ATOM   398  N NH1 . ARG A 1 56  ? 17.227  -11.698 17.762  1.00 45.33 ? 53  ARG A NH1 1 
ATOM   399  N NH2 . ARG A 1 56  ? 19.199  -12.489 16.899  1.00 44.94 ? 53  ARG A NH2 1 
ATOM   400  N N   . ILE A 1 57  ? 13.995  -10.348 12.952  1.00 41.75 ? 54  ILE A N   1 
ATOM   401  C CA  . ILE A 1 57  ? 14.251  -9.800  11.626  1.00 40.89 ? 54  ILE A CA  1 
ATOM   402  C C   . ILE A 1 57  ? 12.873  -9.444  11.048  1.00 40.08 ? 54  ILE A C   1 
ATOM   403  O O   . ILE A 1 57  ? 12.174  -10.305 10.515  1.00 41.22 ? 54  ILE A O   1 
ATOM   404  C CB  . ILE A 1 57  ? 14.996  -10.846 10.738  1.00 41.47 ? 54  ILE A CB  1 
ATOM   405  C CG1 . ILE A 1 57  ? 14.639  -10.656 9.260   1.00 42.03 ? 54  ILE A CG1 1 
ATOM   406  C CG2 . ILE A 1 57  ? 14.678  -12.254 11.215  1.00 42.20 ? 54  ILE A CG2 1 
ATOM   407  C CD1 . ILE A 1 57  ? 13.652  -11.645 8.576   1.00 42.16 ? 54  ILE A CD1 1 
ATOM   408  N N   . ALA A 1 58  ? 12.484  -8.173  11.183  1.00 38.67 ? 55  ALA A N   1 
ATOM   409  C CA  . ALA A 1 58  ? 11.179  -7.693  10.711  1.00 37.04 ? 55  ALA A CA  1 
ATOM   410  C C   . ALA A 1 58  ? 11.240  -6.460  9.799   1.00 35.32 ? 55  ALA A C   1 
ATOM   411  O O   . ALA A 1 58  ? 12.238  -5.733  9.780   1.00 36.52 ? 55  ALA A O   1 
ATOM   412  C CB  . ALA A 1 58  ? 10.281  -7.407  11.913  1.00 37.12 ? 55  ALA A CB  1 
ATOM   413  N N   . PRO A 1 59  ? 10.158  -6.205  9.038   1.00 33.52 ? 56  PRO A N   1 
ATOM   414  C CA  . PRO A 1 59  ? 10.044  -5.076  8.106   1.00 31.49 ? 56  PRO A CA  1 
ATOM   415  C C   . PRO A 1 59  ? 9.555   -3.768  8.713   1.00 29.44 ? 56  PRO A C   1 
ATOM   416  O O   . PRO A 1 59  ? 8.664   -3.752  9.559   1.00 29.47 ? 56  PRO A O   1 
ATOM   417  C CB  . PRO A 1 59  ? 9.068   -5.603  7.071   1.00 31.27 ? 56  PRO A CB  1 
ATOM   418  C CG  . PRO A 1 59  ? 8.098   -6.338  7.915   1.00 32.71 ? 56  PRO A CG  1 
ATOM   419  C CD  . PRO A 1 59  ? 8.993   -7.102  8.888   1.00 32.34 ? 56  PRO A CD  1 
ATOM   420  N N   . VAL A 1 60  ? 10.150  -2.669  8.265   1.00 27.14 ? 57  VAL A N   1 
ATOM   421  C CA  . VAL A 1 60  ? 9.765   -1.341  8.719   1.00 25.17 ? 57  VAL A CA  1 
ATOM   422  C C   . VAL A 1 60  ? 9.782   -0.438  7.493   1.00 23.16 ? 57  VAL A C   1 
ATOM   423  O O   . VAL A 1 60  ? 10.657  -0.558  6.634   1.00 23.06 ? 57  VAL A O   1 
ATOM   424  C CB  . VAL A 1 60  ? 10.742  -0.788  9.791   1.00 26.08 ? 57  VAL A CB  1 
ATOM   425  C CG1 . VAL A 1 60  ? 10.745  -1.703  11.012  1.00 30.35 ? 57  VAL A CG1 1 
ATOM   426  C CG2 . VAL A 1 60  ? 12.138  -0.670  9.220   1.00 28.56 ? 57  VAL A CG2 1 
ATOM   427  N N   . VAL A 1 61  ? 8.810   0.457   7.400   1.00 21.26 ? 58  VAL A N   1 
ATOM   428  C CA  . VAL A 1 61  ? 8.736   1.366   6.266   1.00 18.41 ? 58  VAL A CA  1 
ATOM   429  C C   . VAL A 1 61  ? 9.731   2.507   6.405   1.00 18.52 ? 58  VAL A C   1 
ATOM   430  O O   . VAL A 1 61  ? 9.692   3.266   7.371   1.00 18.20 ? 58  VAL A O   1 
ATOM   431  C CB  . VAL A 1 61  ? 7.325   1.951   6.119   1.00 18.08 ? 58  VAL A CB  1 
ATOM   432  C CG1 . VAL A 1 61  ? 7.327   3.058   5.083   1.00 15.74 ? 58  VAL A CG1 1 
ATOM   433  C CG2 . VAL A 1 61  ? 6.359   0.858   5.717   1.00 18.12 ? 58  VAL A CG2 1 
ATOM   434  N N   . ALA A 1 62  ? 10.621  2.623   5.424   1.00 15.50 ? 59  ALA A N   1 
ATOM   435  C CA  . ALA A 1 62  ? 11.640  3.658   5.429   1.00 15.57 ? 59  ALA A CA  1 
ATOM   436  C C   . ALA A 1 62  ? 11.166  4.911   4.715   1.00 14.87 ? 59  ALA A C   1 
ATOM   437  O O   . ALA A 1 62  ? 11.618  6.014   5.017   1.00 14.70 ? 59  ALA A O   1 
ATOM   438  C CB  . ALA A 1 62  ? 12.905  3.133   4.774   1.00 15.58 ? 59  ALA A CB  1 
ATOM   439  N N   . ALA A 1 63  ? 10.252  4.738   3.762   1.00 13.71 ? 60  ALA A N   1 
ATOM   440  C CA  . ALA A 1 63  ? 9.729   5.874   3.009   1.00 12.51 ? 60  ALA A CA  1 
ATOM   441  C C   . ALA A 1 63  ? 8.426   5.569   2.268   1.00 14.07 ? 60  ALA A C   1 
ATOM   442  O O   . ALA A 1 63  ? 8.198   4.445   1.824   1.00 14.10 ? 60  ALA A O   1 
ATOM   443  C CB  . ALA A 1 63  ? 10.782  6.351   2.001   1.00 13.98 ? 60  ALA A CB  1 
ATOM   444  N N   . THR A 1 64  ? 7.570   6.580   2.162   1.00 13.88 ? 61  THR A N   1 
ATOM   445  C CA  . THR A 1 64  ? 6.320   6.464   1.420   1.00 14.29 ? 61  THR A CA  1 
ATOM   446  C C   . THR A 1 64  ? 6.335   7.601   0.407   1.00 14.87 ? 61  THR A C   1 
ATOM   447  O O   . THR A 1 64  ? 6.454   8.772   0.772   1.00 15.10 ? 61  THR A O   1 
ATOM   448  C CB  . THR A 1 64  ? 5.059   6.588   2.316   1.00 13.78 ? 61  THR A CB  1 
ATOM   449  O OG1 . THR A 1 64  ? 5.135   7.771   3.121   1.00 13.52 ? 61  THR A OG1 1 
ATOM   450  C CG2 . THR A 1 64  ? 4.918   5.359   3.195   1.00 14.91 ? 61  THR A CG2 1 
ATOM   451  N N   . ASN A 1 65  ? 6.242   7.241   -0.867  1.00 13.47 ? 62  ASN A N   1 
ATOM   452  C CA  . ASN A 1 65  ? 6.263   8.206   -1.954  1.00 14.49 ? 62  ASN A CA  1 
ATOM   453  C C   . ASN A 1 65  ? 4.975   8.002   -2.726  1.00 14.83 ? 62  ASN A C   1 
ATOM   454  O O   . ASN A 1 65  ? 4.875   7.114   -3.568  1.00 15.59 ? 62  ASN A O   1 
ATOM   455  C CB  . ASN A 1 65  ? 7.485   7.947   -2.833  1.00 17.35 ? 62  ASN A CB  1 
ATOM   456  C CG  . ASN A 1 65  ? 8.776   7.912   -2.031  1.00 18.43 ? 62  ASN A CG  1 
ATOM   457  O OD1 . ASN A 1 65  ? 9.438   6.881   -1.946  1.00 21.46 ? 62  ASN A OD1 1 
ATOM   458  N ND2 . ASN A 1 65  ? 9.131   9.037   -1.431  1.00 17.15 ? 62  ASN A ND2 1 
ATOM   459  N N   . VAL A 1 66  ? 3.994   8.843   -2.420  1.00 13.76 ? 63  VAL A N   1 
ATOM   460  C CA  . VAL A 1 66  ? 2.664   8.748   -3.004  1.00 12.16 ? 63  VAL A CA  1 
ATOM   461  C C   . VAL A 1 66  ? 2.283   9.918   -3.898  1.00 12.81 ? 63  VAL A C   1 
ATOM   462  O O   . VAL A 1 66  ? 2.317   11.076  -3.473  1.00 13.52 ? 63  VAL A O   1 
ATOM   463  C CB  . VAL A 1 66  ? 1.626   8.607   -1.858  1.00 13.09 ? 63  VAL A CB  1 
ATOM   464  C CG1 . VAL A 1 66  ? 0.225   8.379   -2.406  1.00 14.80 ? 63  VAL A CG1 1 
ATOM   465  C CG2 . VAL A 1 66  ? 2.039   7.470   -0.943  1.00 12.68 ? 63  VAL A CG2 1 
ATOM   466  N N   . ASN A 1 67  ? 1.918   9.610   -5.142  1.00 12.21 ? 64  ASN A N   1 
ATOM   467  C CA  . ASN A 1 67  ? 1.488   10.626  -6.099  1.00 12.88 ? 64  ASN A CA  1 
ATOM   468  C C   . ASN A 1 67  ? -0.032  10.590  -6.181  1.00 12.82 ? 64  ASN A C   1 
ATOM   469  O O   . ASN A 1 67  ? -0.624  9.523   -6.332  1.00 14.62 ? 64  ASN A O   1 
ATOM   470  C CB  . ASN A 1 67  ? 2.047   10.353  -7.499  1.00 13.46 ? 64  ASN A CB  1 
ATOM   471  C CG  . ASN A 1 67  ? 3.556   10.229  -7.513  1.00 15.19 ? 64  ASN A CG  1 
ATOM   472  O OD1 . ASN A 1 67  ? 4.267   11.087  -7.003  1.00 16.50 ? 64  ASN A OD1 1 
ATOM   473  N ND2 . ASN A 1 67  ? 4.051   9.156   -8.106  1.00 15.66 ? 64  ASN A ND2 1 
ATOM   474  N N   . TYR A 1 68  ? -0.651  11.761  -6.095  1.00 12.97 ? 65  TYR A N   1 
ATOM   475  C CA  . TYR A 1 68  ? -2.104  11.879  -6.152  1.00 14.09 ? 65  TYR A CA  1 
ATOM   476  C C   . TYR A 1 68  ? -2.498  12.319  -7.555  1.00 15.86 ? 65  TYR A C   1 
ATOM   477  O O   . TYR A 1 68  ? -2.273  13.460  -7.941  1.00 14.48 ? 65  TYR A O   1 
ATOM   478  C CB  . TYR A 1 68  ? -2.544  12.883  -5.090  1.00 15.07 ? 65  TYR A CB  1 
ATOM   479  C CG  . TYR A 1 68  ? -2.028  12.500  -3.718  1.00 14.55 ? 65  TYR A CG  1 
ATOM   480  C CD1 . TYR A 1 68  ? -2.663  11.517  -2.960  1.00 14.81 ? 65  TYR A CD1 1 
ATOM   481  C CD2 . TYR A 1 68  ? -0.863  13.067  -3.208  1.00 15.44 ? 65  TYR A CD2 1 
ATOM   482  C CE1 . TYR A 1 68  ? -2.154  11.107  -1.740  1.00 15.30 ? 65  TYR A CE1 1 
ATOM   483  C CE2 . TYR A 1 68  ? -0.342  12.660  -1.984  1.00 15.80 ? 65  TYR A CE2 1 
ATOM   484  C CZ  . TYR A 1 68  ? -0.991  11.679  -1.253  1.00 15.02 ? 65  TYR A CZ  1 
ATOM   485  O OH  . TYR A 1 68  ? -0.484  11.271  -0.040  1.00 14.17 ? 65  TYR A OH  1 
ATOM   486  N N   . LYS A 1 69  ? -3.084  11.392  -8.309  1.00 16.61 ? 66  LYS A N   1 
ATOM   487  C CA  . LYS A 1 69  ? -3.478  11.630  -9.695  1.00 20.26 ? 66  LYS A CA  1 
ATOM   488  C C   . LYS A 1 69  ? -4.836  12.261  -9.938  1.00 20.54 ? 66  LYS A C   1 
ATOM   489  O O   . LYS A 1 69  ? -4.976  13.149  -10.786 1.00 20.65 ? 66  LYS A O   1 
ATOM   490  C CB  . LYS A 1 69  ? -3.401  10.322  -10.474 1.00 23.10 ? 66  LYS A CB  1 
ATOM   491  C CG  . LYS A 1 69  ? -2.132  10.158  -11.253 1.00 30.45 ? 66  LYS A CG  1 
ATOM   492  C CD  . LYS A 1 69  ? -0.933  10.149  -10.345 1.00 30.55 ? 66  LYS A CD  1 
ATOM   493  C CE  . LYS A 1 69  ? 0.320   9.892   -11.143 1.00 34.25 ? 66  LYS A CE  1 
ATOM   494  N NZ  . LYS A 1 69  ? 0.648   10.997  -12.097 1.00 35.27 ? 66  LYS A NZ  1 
ATOM   495  N N   . ARG A 1 70  ? -5.846  11.771  -9.229  1.00 19.09 ? 67  ARG A N   1 
ATOM   496  C CA  . ARG A 1 70  ? -7.195  12.299  -9.355  1.00 20.46 ? 67  ARG A CA  1 
ATOM   497  C C   . ARG A 1 70  ? -7.900  12.025  -8.043  1.00 18.18 ? 67  ARG A C   1 
ATOM   498  O O   . ARG A 1 70  ? -7.582  11.056  -7.352  1.00 17.40 ? 67  ARG A O   1 
ATOM   499  C CB  . ARG A 1 70  ? -7.941  11.644  -10.518 1.00 22.33 ? 67  ARG A CB  1 
ATOM   500  C CG  . ARG A 1 70  ? -8.074  10.134  -10.433 1.00 25.49 ? 67  ARG A CG  1 
ATOM   501  C CD  . ARG A 1 70  ? -8.517  9.578   -11.783 1.00 28.22 ? 67  ARG A CD  1 
ATOM   502  N NE  . ARG A 1 70  ? -9.759  10.195  -12.244 1.00 30.49 ? 67  ARG A NE  1 
ATOM   503  C CZ  . ARG A 1 70  ? -10.355 9.909   -13.400 1.00 30.75 ? 67  ARG A CZ  1 
ATOM   504  N NH1 . ARG A 1 70  ? -9.827  9.014   -14.224 1.00 31.69 ? 67  ARG A NH1 1 
ATOM   505  N NH2 . ARG A 1 70  ? -11.481 10.515  -13.732 1.00 32.24 ? 67  ARG A NH2 1 
ATOM   506  N N   . PRO A 1 71  ? -8.862  12.884  -7.679  1.00 18.68 ? 68  PRO A N   1 
ATOM   507  C CA  . PRO A 1 71  ? -9.608  12.739  -6.432  1.00 17.77 ? 68  PRO A CA  1 
ATOM   508  C C   . PRO A 1 71  ? -10.476 11.500  -6.333  1.00 16.52 ? 68  PRO A C   1 
ATOM   509  O O   . PRO A 1 71  ? -11.094 11.070  -7.307  1.00 15.83 ? 68  PRO A O   1 
ATOM   510  C CB  . PRO A 1 71  ? -10.426 14.024  -6.371  1.00 19.49 ? 68  PRO A CB  1 
ATOM   511  C CG  . PRO A 1 71  ? -10.700 14.312  -7.805  1.00 22.95 ? 68  PRO A CG  1 
ATOM   512  C CD  . PRO A 1 71  ? -9.362  14.029  -8.458  1.00 21.74 ? 68  PRO A CD  1 
ATOM   513  N N   . LEU A 1 72  ? -10.493 10.936  -5.132  1.00 14.52 ? 69  LEU A N   1 
ATOM   514  C CA  . LEU A 1 72  ? -11.275 9.750   -4.823  1.00 14.64 ? 69  LEU A CA  1 
ATOM   515  C C   . LEU A 1 72  ? -12.408 10.182  -3.904  1.00 14.53 ? 69  LEU A C   1 
ATOM   516  O O   . LEU A 1 72  ? -12.189 10.923  -2.943  1.00 14.58 ? 69  LEU A O   1 
ATOM   517  C CB  . LEU A 1 72  ? -10.395 8.720   -4.109  1.00 14.25 ? 69  LEU A CB  1 
ATOM   518  C CG  . LEU A 1 72  ? -11.083 7.556   -3.387  1.00 13.53 ? 69  LEU A CG  1 
ATOM   519  C CD1 . LEU A 1 72  ? -11.777 6.634   -4.382  1.00 12.93 ? 69  LEU A CD1 1 
ATOM   520  C CD2 . LEU A 1 72  ? -10.046 6.789   -2.598  1.00 14.49 ? 69  LEU A CD2 1 
ATOM   521  N N   . VAL A 1 73  ? -13.620 9.742   -4.203  1.00 14.21 ? 70  VAL A N   1 
ATOM   522  C CA  . VAL A 1 73  ? -14.755 10.095  -3.371  1.00 15.05 ? 70  VAL A CA  1 
ATOM   523  C C   . VAL A 1 73  ? -15.572 8.867   -2.987  1.00 15.76 ? 70  VAL A C   1 
ATOM   524  O O   . VAL A 1 73  ? -15.691 7.914   -3.754  1.00 15.58 ? 70  VAL A O   1 
ATOM   525  C CB  . VAL A 1 73  ? -15.682 11.113  -4.082  1.00 16.74 ? 70  VAL A CB  1 
ATOM   526  C CG1 . VAL A 1 73  ? -14.896 12.351  -4.444  1.00 17.04 ? 70  VAL A CG1 1 
ATOM   527  C CG2 . VAL A 1 73  ? -16.290 10.491  -5.331  1.00 18.37 ? 70  VAL A CG2 1 
ATOM   528  N N   . TRP A 1 74  ? -16.106 8.892   -1.776  1.00 14.77 ? 71  TRP A N   1 
ATOM   529  C CA  . TRP A 1 74  ? -16.943 7.815   -1.282  1.00 16.04 ? 71  TRP A CA  1 
ATOM   530  C C   . TRP A 1 74  ? -18.194 7.912   -2.160  1.00 16.23 ? 71  TRP A C   1 
ATOM   531  O O   . TRP A 1 74  ? -18.566 9.007   -2.583  1.00 17.15 ? 71  TRP A O   1 
ATOM   532  C CB  . TRP A 1 74  ? -17.269 8.087   0.187   1.00 15.50 ? 71  TRP A CB  1 
ATOM   533  C CG  . TRP A 1 74  ? -18.137 7.079   0.856   1.00 17.25 ? 71  TRP A CG  1 
ATOM   534  C CD1 . TRP A 1 74  ? -17.733 6.013   1.600   1.00 17.26 ? 71  TRP A CD1 1 
ATOM   535  C CD2 . TRP A 1 74  ? -19.566 7.085   0.897   1.00 16.25 ? 71  TRP A CD2 1 
ATOM   536  N NE1 . TRP A 1 74  ? -18.827 5.355   2.115   1.00 17.02 ? 71  TRP A NE1 1 
ATOM   537  C CE2 . TRP A 1 74  ? -19.965 5.992   1.695   1.00 15.84 ? 71  TRP A CE2 1 
ATOM   538  C CE3 . TRP A 1 74  ? -20.550 7.911   0.340   1.00 16.38 ? 71  TRP A CE3 1 
ATOM   539  C CZ2 . TRP A 1 74  ? -21.308 5.702   1.948   1.00 17.99 ? 71  TRP A CZ2 1 
ATOM   540  C CZ3 . TRP A 1 74  ? -21.886 7.623   0.593   1.00 17.94 ? 71  TRP A CZ3 1 
ATOM   541  C CH2 . TRP A 1 74  ? -22.250 6.528   1.390   1.00 17.84 ? 71  TRP A CH2 1 
ATOM   542  N N   . PRO A 1 75  ? -18.874 6.783   -2.429  1.00 16.27 ? 72  PRO A N   1 
ATOM   543  C CA  . PRO A 1 75  ? -18.611 5.405   -1.999  1.00 15.81 ? 72  PRO A CA  1 
ATOM   544  C C   . PRO A 1 75  ? -17.827 4.531   -2.985  1.00 17.51 ? 72  PRO A C   1 
ATOM   545  O O   . PRO A 1 75  ? -18.041 3.323   -3.040  1.00 16.73 ? 72  PRO A O   1 
ATOM   546  C CB  . PRO A 1 75  ? -20.012 4.862   -1.783  1.00 17.23 ? 72  PRO A CB  1 
ATOM   547  C CG  . PRO A 1 75  ? -20.731 5.453   -2.958  1.00 15.86 ? 72  PRO A CG  1 
ATOM   548  C CD  . PRO A 1 75  ? -20.216 6.881   -3.036  1.00 15.75 ? 72  PRO A CD  1 
ATOM   549  N N   . ASN A 1 76  ? -16.918 5.116   -3.754  1.00 14.89 ? 73  ASN A N   1 
ATOM   550  C CA  . ASN A 1 76  ? -16.160 4.309   -4.705  1.00 14.77 ? 73  ASN A CA  1 
ATOM   551  C C   . ASN A 1 76  ? -15.016 3.537   -4.051  1.00 15.38 ? 73  ASN A C   1 
ATOM   552  O O   . ASN A 1 76  ? -14.015 4.120   -3.637  1.00 16.06 ? 73  ASN A O   1 
ATOM   553  C CB  . ASN A 1 76  ? -15.635 5.198   -5.836  1.00 15.20 ? 73  ASN A CB  1 
ATOM   554  C CG  . ASN A 1 76  ? -16.754 5.914   -6.560  1.00 17.19 ? 73  ASN A CG  1 
ATOM   555  O OD1 . ASN A 1 76  ? -17.736 5.294   -6.969  1.00 19.81 ? 73  ASN A OD1 1 
ATOM   556  N ND2 . ASN A 1 76  ? -16.620 7.223   -6.716  1.00 15.28 ? 73  ASN A ND2 1 
ATOM   557  N N   . ASP A 1 77  ? -15.184 2.220   -3.951  1.00 15.56 ? 74  ASP A N   1 
ATOM   558  C CA  . ASP A 1 77  ? -14.171 1.351   -3.361  1.00 14.97 ? 74  ASP A CA  1 
ATOM   559  C C   . ASP A 1 77  ? -13.021 1.192   -4.350  1.00 15.19 ? 74  ASP A C   1 
ATOM   560  O O   . ASP A 1 77  ? -13.210 1.348   -5.555  1.00 16.47 ? 74  ASP A O   1 
ATOM   561  C CB  . ASP A 1 77  ? -14.778 -0.006  -3.002  1.00 15.73 ? 74  ASP A CB  1 
ATOM   562  C CG  . ASP A 1 77  ? -15.918 0.119   -2.010  1.00 19.43 ? 74  ASP A CG  1 
ATOM   563  O OD1 . ASP A 1 77  ? -15.786 0.922   -1.059  1.00 18.40 ? 74  ASP A OD1 1 
ATOM   564  O OD2 . ASP A 1 77  ? -16.938 -0.586  -2.175  1.00 18.93 ? 74  ASP A OD2 1 
ATOM   565  N N   . ILE A 1 78  ? -11.842 0.863   -3.835  1.00 13.40 ? 75  ILE A N   1 
ATOM   566  C CA  . ILE A 1 78  ? -10.642 0.775   -4.658  1.00 13.08 ? 75  ILE A CA  1 
ATOM   567  C C   . ILE A 1 78  ? -9.993  -0.593  -4.748  1.00 12.86 ? 75  ILE A C   1 
ATOM   568  O O   . ILE A 1 78  ? -10.361 -1.524  -4.049  1.00 14.34 ? 75  ILE A O   1 
ATOM   569  C CB  . ILE A 1 78  ? -9.584  1.738   -4.112  1.00 13.99 ? 75  ILE A CB  1 
ATOM   570  C CG1 . ILE A 1 78  ? -9.278  1.355   -2.656  1.00 15.72 ? 75  ILE A CG1 1 
ATOM   571  C CG2 . ILE A 1 78  ? -10.093 3.162   -4.197  1.00 13.38 ? 75  ILE A CG2 1 
ATOM   572  C CD1 . ILE A 1 78  ? -10.242 1.830   -1.564  1.00 23.45 ? 75  ILE A CD1 1 
ATOM   573  N N   . LEU A 1 79  ? -9.006  -0.684  -5.630  1.00 13.09 ? 76  LEU A N   1 
ATOM   574  C CA  . LEU A 1 79  ? -8.239  -1.897  -5.819  1.00 13.37 ? 76  LEU A CA  1 
ATOM   575  C C   . LEU A 1 79  ? -6.785  -1.482  -5.699  1.00 13.86 ? 76  LEU A C   1 
ATOM   576  O O   . LEU A 1 79  ? -6.298  -0.671  -6.493  1.00 15.90 ? 76  LEU A O   1 
ATOM   577  C CB  . LEU A 1 79  ? -8.488  -2.487  -7.205  1.00 14.27 ? 76  LEU A CB  1 
ATOM   578  C CG  . LEU A 1 79  ? -7.651  -3.727  -7.482  1.00 17.41 ? 76  LEU A CG  1 
ATOM   579  C CD1 . LEU A 1 79  ? -8.079  -4.846  -6.542  1.00 18.92 ? 76  LEU A CD1 1 
ATOM   580  C CD2 . LEU A 1 79  ? -7.828  -4.140  -8.919  1.00 19.94 ? 76  LEU A CD2 1 
ATOM   581  N N   . VAL A 1 80  ? -6.088  -2.017  -4.705  1.00 13.07 ? 77  VAL A N   1 
ATOM   582  C CA  . VAL A 1 80  ? -4.693  -1.652  -4.527  1.00 13.61 ? 77  VAL A CA  1 
ATOM   583  C C   . VAL A 1 80  ? -3.777  -2.717  -5.081  1.00 13.39 ? 77  VAL A C   1 
ATOM   584  O O   . VAL A 1 80  ? -3.704  -3.831  -4.578  1.00 13.86 ? 77  VAL A O   1 
ATOM   585  C CB  . VAL A 1 80  ? -4.357  -1.404  -3.052  1.00 15.23 ? 77  VAL A CB  1 
ATOM   586  C CG1 . VAL A 1 80  ? -2.928  -0.895  -2.924  1.00 15.50 ? 77  VAL A CG1 1 
ATOM   587  C CG2 . VAL A 1 80  ? -5.314  -0.395  -2.484  1.00 12.25 ? 77  VAL A CG2 1 
ATOM   588  N N   . GLU A 1 81  ? -3.082  -2.334  -6.139  1.00 14.98 ? 78  GLU A N   1 
ATOM   589  C CA  . GLU A 1 81  ? -2.156  -3.196  -6.837  1.00 15.78 ? 78  GLU A CA  1 
ATOM   590  C C   . GLU A 1 81  ? -0.743  -2.927  -6.341  1.00 14.87 ? 78  GLU A C   1 
ATOM   591  O O   . GLU A 1 81  ? -0.266  -1.798  -6.394  1.00 16.65 ? 78  GLU A O   1 
ATOM   592  C CB  . GLU A 1 81  ? -2.271  -2.904  -8.329  1.00 18.83 ? 78  GLU A CB  1 
ATOM   593  C CG  . GLU A 1 81  ? -1.366  -3.699  -9.223  1.00 26.20 ? 78  GLU A CG  1 
ATOM   594  C CD  . GLU A 1 81  ? -1.662  -3.417  -10.680 1.00 29.54 ? 78  GLU A CD  1 
ATOM   595  O OE1 . GLU A 1 81  ? -2.693  -3.911  -11.189 1.00 31.72 ? 78  GLU A OE1 1 
ATOM   596  O OE2 . GLU A 1 81  ? -0.876  -2.682  -11.310 1.00 32.88 ? 78  GLU A OE2 1 
ATOM   597  N N   . LEU A 1 82  ? -0.088  -3.974  -5.855  1.00 13.91 ? 79  LEU A N   1 
ATOM   598  C CA  . LEU A 1 82  ? 1.275   -3.864  -5.353  1.00 14.86 ? 79  LEU A CA  1 
ATOM   599  C C   . LEU A 1 82  ? 2.217   -4.712  -6.206  1.00 16.35 ? 79  LEU A C   1 
ATOM   600  O O   . LEU A 1 82  ? 1.885   -5.829  -6.585  1.00 15.59 ? 79  LEU A O   1 
ATOM   601  C CB  . LEU A 1 82  ? 1.343   -4.352  -3.907  1.00 15.01 ? 79  LEU A CB  1 
ATOM   602  C CG  . LEU A 1 82  ? 0.466   -3.628  -2.891  1.00 15.12 ? 79  LEU A CG  1 
ATOM   603  C CD1 . LEU A 1 82  ? 0.673   -4.246  -1.518  1.00 15.92 ? 79  LEU A CD1 1 
ATOM   604  C CD2 . LEU A 1 82  ? 0.819   -2.146  -2.868  1.00 13.40 ? 79  LEU A CD2 1 
ATOM   605  N N   . PHE A 1 83  ? 3.392   -4.177  -6.511  1.00 15.40 ? 80  PHE A N   1 
ATOM   606  C CA  . PHE A 1 83  ? 4.367   -4.927  -7.300  1.00 17.51 ? 80  PHE A CA  1 
ATOM   607  C C   . PHE A 1 83  ? 5.786   -4.569  -6.868  1.00 17.91 ? 80  PHE A C   1 
ATOM   608  O O   . PHE A 1 83  ? 5.998   -3.576  -6.173  1.00 16.97 ? 80  PHE A O   1 
ATOM   609  C CB  . PHE A 1 83  ? 4.191   -4.652  -8.798  1.00 19.00 ? 80  PHE A CB  1 
ATOM   610  C CG  . PHE A 1 83  ? 4.185   -3.195  -9.153  1.00 20.79 ? 80  PHE A CG  1 
ATOM   611  C CD1 . PHE A 1 83  ? 3.071   -2.406  -8.899  1.00 24.52 ? 80  PHE A CD1 1 
ATOM   612  C CD2 . PHE A 1 83  ? 5.304   -2.605  -9.723  1.00 23.33 ? 80  PHE A CD2 1 
ATOM   613  C CE1 . PHE A 1 83  ? 3.076   -1.039  -9.209  1.00 24.20 ? 80  PHE A CE1 1 
ATOM   614  C CE2 . PHE A 1 83  ? 5.314   -1.245  -10.034 1.00 23.57 ? 80  PHE A CE2 1 
ATOM   615  C CZ  . PHE A 1 83  ? 4.195   -0.464  -9.772  1.00 24.18 ? 80  PHE A CZ  1 
ATOM   616  N N   . VAL A 1 84  ? 6.751   -5.386  -7.270  1.00 17.47 ? 81  VAL A N   1 
ATOM   617  C CA  . VAL A 1 84  ? 8.144   -5.137  -6.911  1.00 18.44 ? 81  VAL A CA  1 
ATOM   618  C C   . VAL A 1 84  ? 8.785   -4.181  -7.911  1.00 20.48 ? 81  VAL A C   1 
ATOM   619  O O   . VAL A 1 84  ? 8.960   -4.513  -9.084  1.00 20.95 ? 81  VAL A O   1 
ATOM   620  C CB  . VAL A 1 84  ? 8.961   -6.449  -6.875  1.00 20.36 ? 81  VAL A CB  1 
ATOM   621  C CG1 . VAL A 1 84  ? 10.417  -6.153  -6.507  1.00 18.86 ? 81  VAL A CG1 1 
ATOM   622  C CG2 . VAL A 1 84  ? 8.351   -7.409  -5.874  1.00 21.73 ? 81  VAL A CG2 1 
ATOM   623  N N   . GLU A 1 85  ? 9.119   -2.986  -7.441  1.00 18.89 ? 82  GLU A N   1 
ATOM   624  C CA  . GLU A 1 85  ? 9.751   -1.993  -8.286  1.00 21.87 ? 82  GLU A CA  1 
ATOM   625  C C   . GLU A 1 85  ? 11.259  -2.168  -8.210  1.00 21.38 ? 82  GLU A C   1 
ATOM   626  O O   . GLU A 1 85  ? 11.955  -2.086  -9.220  1.00 21.21 ? 82  GLU A O   1 
ATOM   627  C CB  . GLU A 1 85  ? 9.387   -0.584  -7.831  1.00 24.60 ? 82  GLU A CB  1 
ATOM   628  C CG  . GLU A 1 85  ? 9.948   0.509   -8.729  1.00 29.02 ? 82  GLU A CG  1 
ATOM   629  C CD  . GLU A 1 85  ? 9.720   1.897   -8.173  1.00 32.00 ? 82  GLU A CD  1 
ATOM   630  O OE1 . GLU A 1 85  ? 8.547   2.261   -7.910  1.00 33.39 ? 82  GLU A OE1 1 
ATOM   631  O OE2 . GLU A 1 85  ? 10.724  2.630   -7.991  1.00 34.39 ? 82  GLU A OE2 1 
ATOM   632  N N   . ARG A 1 86  ? 11.761  -2.409  -7.004  1.00 20.00 ? 83  ARG A N   1 
ATOM   633  C CA  . ARG A 1 86  ? 13.188  -2.601  -6.800  1.00 20.05 ? 83  ARG A CA  1 
ATOM   634  C C   . ARG A 1 86  ? 13.416  -3.637  -5.714  1.00 21.27 ? 83  ARG A C   1 
ATOM   635  O O   . ARG A 1 86  ? 12.696  -3.671  -4.718  1.00 20.22 ? 83  ARG A O   1 
ATOM   636  C CB  . ARG A 1 86  ? 13.854  -1.286  -6.384  1.00 20.52 ? 83  ARG A CB  1 
ATOM   637  C CG  . ARG A 1 86  ? 13.722  -0.145  -7.384  1.00 23.57 ? 83  ARG A CG  1 
ATOM   638  C CD  . ARG A 1 86  ? 14.378  1.123   -6.856  1.00 27.64 ? 83  ARG A CD  1 
ATOM   639  N NE  . ARG A 1 86  ? 14.371  2.190   -7.854  1.00 32.43 ? 83  ARG A NE  1 
ATOM   640  C CZ  . ARG A 1 86  ? 13.732  3.349   -7.718  1.00 35.37 ? 83  ARG A CZ  1 
ATOM   641  N NH1 . ARG A 1 86  ? 13.038  3.608   -6.615  1.00 35.46 ? 83  ARG A NH1 1 
ATOM   642  N NH2 . ARG A 1 86  ? 13.787  4.253   -8.686  1.00 35.18 ? 83  ARG A NH2 1 
ATOM   643  N N   . LEU A 1 87  ? 14.420  -4.479  -5.914  1.00 21.11 ? 84  LEU A N   1 
ATOM   644  C CA  . LEU A 1 87  ? 14.773  -5.515  -4.955  1.00 24.04 ? 84  LEU A CA  1 
ATOM   645  C C   . LEU A 1 87  ? 16.195  -5.211  -4.521  1.00 24.40 ? 84  LEU A C   1 
ATOM   646  O O   . LEU A 1 87  ? 17.113  -5.237  -5.337  1.00 25.27 ? 84  LEU A O   1 
ATOM   647  C CB  . LEU A 1 87  ? 14.695  -6.898  -5.616  1.00 26.12 ? 84  LEU A CB  1 
ATOM   648  C CG  . LEU A 1 87  ? 14.793  -8.177  -4.774  1.00 29.37 ? 84  LEU A CG  1 
ATOM   649  C CD1 . LEU A 1 87  ? 14.274  -9.352  -5.584  1.00 30.10 ? 84  LEU A CD1 1 
ATOM   650  C CD2 . LEU A 1 87  ? 16.231  -8.425  -4.348  1.00 31.85 ? 84  LEU A CD2 1 
ATOM   651  N N   . GLY A 1 88  ? 16.369  -4.885  -3.245  1.00 24.00 ? 85  GLY A N   1 
ATOM   652  C CA  . GLY A 1 88  ? 17.692  -4.583  -2.735  1.00 26.07 ? 85  GLY A CA  1 
ATOM   653  C C   . GLY A 1 88  ? 18.165  -5.749  -1.896  1.00 26.52 ? 85  GLY A C   1 
ATOM   654  O O   . GLY A 1 88  ? 17.477  -6.759  -1.815  1.00 26.96 ? 85  GLY A O   1 
ATOM   655  N N   . SER A 1 89  ? 19.331  -5.627  -1.278  1.00 29.64 ? 86  SER A N   1 
ATOM   656  C CA  . SER A 1 89  ? 19.840  -6.711  -0.447  1.00 31.95 ? 86  SER A CA  1 
ATOM   657  C C   . SER A 1 89  ? 19.097  -6.707  0.884   1.00 32.96 ? 86  SER A C   1 
ATOM   658  O O   . SER A 1 89  ? 18.748  -7.759  1.420   1.00 34.35 ? 86  SER A O   1 
ATOM   659  C CB  . SER A 1 89  ? 21.348  -6.545  -0.204  1.00 32.06 ? 86  SER A CB  1 
ATOM   660  O OG  . SER A 1 89  ? 21.631  -5.306  0.426   1.00 33.40 ? 86  SER A OG  1 
ATOM   661  N N   . SER A 1 90  ? 18.836  -5.511  1.402   1.00 32.55 ? 87  SER A N   1 
ATOM   662  C CA  . SER A 1 90  ? 18.138  -5.358  2.668   1.00 32.14 ? 87  SER A CA  1 
ATOM   663  C C   . SER A 1 90  ? 16.792  -4.645  2.537   1.00 30.83 ? 87  SER A C   1 
ATOM   664  O O   . SER A 1 90  ? 16.017  -4.595  3.494   1.00 31.50 ? 87  SER A O   1 
ATOM   665  C CB  . SER A 1 90  ? 19.017  -4.584  3.635   1.00 32.70 ? 87  SER A CB  1 
ATOM   666  O OG  . SER A 1 90  ? 19.429  -3.379  3.019   1.00 35.77 ? 87  SER A OG  1 
ATOM   667  N N   . SER A 1 91  ? 16.504  -4.087  1.366   1.00 27.86 ? 88  SER A N   1 
ATOM   668  C CA  . SER A 1 91  ? 15.230  -3.389  1.184   1.00 24.82 ? 88  SER A CA  1 
ATOM   669  C C   . SER A 1 91  ? 14.445  -3.861  -0.027  1.00 22.99 ? 88  SER A C   1 
ATOM   670  O O   . SER A 1 91  ? 14.970  -4.538  -0.906  1.00 22.34 ? 88  SER A O   1 
ATOM   671  C CB  . SER A 1 91  ? 15.460  -1.885  1.035   1.00 25.73 ? 88  SER A CB  1 
ATOM   672  O OG  . SER A 1 91  ? 16.052  -1.582  -0.224  1.00 24.80 ? 88  SER A OG  1 
ATOM   673  N N   . VAL A 1 92  ? 13.167  -3.504  -0.051  1.00 20.48 ? 89  VAL A N   1 
ATOM   674  C CA  . VAL A 1 92  ? 12.298  -3.827  -1.171  1.00 19.62 ? 89  VAL A CA  1 
ATOM   675  C C   . VAL A 1 92  ? 11.445  -2.593  -1.412  1.00 17.33 ? 89  VAL A C   1 
ATOM   676  O O   . VAL A 1 92  ? 10.830  -2.055  -0.485  1.00 18.43 ? 89  VAL A O   1 
ATOM   677  C CB  . VAL A 1 92  ? 11.376  -5.041  -0.893  1.00 20.95 ? 89  VAL A CB  1 
ATOM   678  C CG1 . VAL A 1 92  ? 10.399  -5.231  -2.062  1.00 18.97 ? 89  VAL A CG1 1 
ATOM   679  C CG2 . VAL A 1 92  ? 12.209  -6.293  -0.719  1.00 22.67 ? 89  VAL A CG2 1 
ATOM   680  N N   . THR A 1 93  ? 11.443  -2.119  -2.649  1.00 14.09 ? 90  THR A N   1 
ATOM   681  C CA  . THR A 1 93  ? 10.651  -0.954  -2.994  1.00 14.25 ? 90  THR A CA  1 
ATOM   682  C C   . THR A 1 93  ? 9.404   -1.452  -3.691  1.00 15.63 ? 90  THR A C   1 
ATOM   683  O O   . THR A 1 93  ? 9.448   -1.921  -4.828  1.00 14.29 ? 90  THR A O   1 
ATOM   684  C CB  . THR A 1 93  ? 11.420  0.001   -3.906  1.00 14.03 ? 90  THR A CB  1 
ATOM   685  O OG1 . THR A 1 93  ? 12.657  0.350   -3.279  1.00 15.54 ? 90  THR A OG1 1 
ATOM   686  C CG2 . THR A 1 93  ? 10.611  1.269   -4.144  1.00 14.56 ? 90  THR A CG2 1 
ATOM   687  N N   . ILE A 1 94  ? 8.291   -1.364  -2.973  1.00 14.38 ? 91  ILE A N   1 
ATOM   688  C CA  . ILE A 1 94  ? 7.014   -1.815  -3.476  1.00 14.66 ? 91  ILE A CA  1 
ATOM   689  C C   . ILE A 1 94  ? 6.266   -0.701  -4.195  1.00 12.86 ? 91  ILE A C   1 
ATOM   690  O O   . ILE A 1 94  ? 5.842   0.274   -3.579  1.00 14.26 ? 91  ILE A O   1 
ATOM   691  C CB  . ILE A 1 94  ? 6.152   -2.356  -2.317  1.00 14.19 ? 91  ILE A CB  1 
ATOM   692  C CG1 . ILE A 1 94  ? 6.867   -3.536  -1.660  1.00 17.18 ? 91  ILE A CG1 1 
ATOM   693  C CG2 . ILE A 1 94  ? 4.774   -2.770  -2.829  1.00 14.17 ? 91  ILE A CG2 1 
ATOM   694  C CD1 . ILE A 1 94  ? 7.974   -3.152  -0.685  1.00 24.51 ? 91  ILE A CD1 1 
ATOM   695  N N   . GLY A 1 95  ? 6.113   -0.863  -5.507  1.00 12.33 ? 92  GLY A N   1 
ATOM   696  C CA  . GLY A 1 95  ? 5.393   0.112   -6.299  1.00 12.92 ? 92  GLY A CA  1 
ATOM   697  C C   . GLY A 1 95  ? 3.909   -0.167  -6.157  1.00 12.88 ? 92  GLY A C   1 
ATOM   698  O O   . GLY A 1 95  ? 3.520   -1.289  -5.822  1.00 12.63 ? 92  GLY A O   1 
ATOM   699  N N   . HIS A 1 96  ? 3.076   0.835   -6.408  1.00 13.27 ? 93  HIS A N   1 
ATOM   700  C CA  . HIS A 1 96  ? 1.640   0.642   -6.274  1.00 13.67 ? 93  HIS A CA  1 
ATOM   701  C C   . HIS A 1 96  ? 0.830   1.432   -7.280  1.00 12.88 ? 93  HIS A C   1 
ATOM   702  O O   . HIS A 1 96  ? 1.302   2.390   -7.875  1.00 13.69 ? 93  HIS A O   1 
ATOM   703  C CB  . HIS A 1 96  ? 1.171   1.062   -4.873  1.00 11.27 ? 93  HIS A CB  1 
ATOM   704  C CG  . HIS A 1 96  ? 1.209   2.545   -4.638  1.00 11.94 ? 93  HIS A CG  1 
ATOM   705  N ND1 . HIS A 1 96  ? 2.287   3.184   -4.065  1.00 13.26 ? 93  HIS A ND1 1 
ATOM   706  C CD2 . HIS A 1 96  ? 0.306   3.514   -4.916  1.00 12.52 ? 93  HIS A CD2 1 
ATOM   707  C CE1 . HIS A 1 96  ? 2.047   4.482   -4.001  1.00 13.55 ? 93  HIS A CE1 1 
ATOM   708  N NE2 . HIS A 1 96  ? 0.853   4.708   -4.511  1.00 14.84 ? 93  HIS A NE2 1 
ATOM   709  N N   . ARG A 1 97  ? -0.416  1.008   -7.444  1.00 14.17 ? 94  ARG A N   1 
ATOM   710  C CA  . ARG A 1 97  ? -1.370  1.677   -8.305  1.00 13.18 ? 94  ARG A CA  1 
ATOM   711  C C   . ARG A 1 97  ? -2.694  1.499   -7.581  1.00 13.57 ? 94  ARG A C   1 
ATOM   712  O O   . ARG A 1 97  ? -3.119  0.374   -7.348  1.00 14.83 ? 94  ARG A O   1 
ATOM   713  C CB  . ARG A 1 97  ? -1.457  1.014   -9.682  1.00 15.02 ? 94  ARG A CB  1 
ATOM   714  C CG  . ARG A 1 97  ? -0.197  1.118   -10.516 1.00 18.92 ? 94  ARG A CG  1 
ATOM   715  C CD  . ARG A 1 97  ? -0.534  0.941   -12.000 1.00 21.84 ? 94  ARG A CD  1 
ATOM   716  N NE  . ARG A 1 97  ? -1.366  -0.240  -12.203 1.00 26.88 ? 94  ARG A NE  1 
ATOM   717  C CZ  . ARG A 1 97  ? -2.222  -0.406  -13.210 1.00 29.39 ? 94  ARG A CZ  1 
ATOM   718  N NH1 . ARG A 1 97  ? -2.375  0.532   -14.135 1.00 32.47 ? 94  ARG A NH1 1 
ATOM   719  N NH2 . ARG A 1 97  ? -2.935  -1.519  -13.283 1.00 31.02 ? 94  ARG A NH2 1 
ATOM   720  N N   . ILE A 1 98  ? -3.316  2.602   -7.188  1.00 12.56 ? 95  ILE A N   1 
ATOM   721  C CA  . ILE A 1 98  ? -4.605  2.534   -6.516  1.00 12.29 ? 95  ILE A CA  1 
ATOM   722  C C   . ILE A 1 98  ? -5.642  2.837   -7.594  1.00 12.74 ? 95  ILE A C   1 
ATOM   723  O O   . ILE A 1 98  ? -5.717  3.947   -8.113  1.00 12.84 ? 95  ILE A O   1 
ATOM   724  C CB  . ILE A 1 98  ? -4.678  3.546   -5.359  1.00 12.90 ? 95  ILE A CB  1 
ATOM   725  C CG1 . ILE A 1 98  ? -3.653  3.155   -4.284  1.00 14.99 ? 95  ILE A CG1 1 
ATOM   726  C CG2 . ILE A 1 98  ? -6.088  3.577   -4.775  1.00 12.45 ? 95  ILE A CG2 1 
ATOM   727  C CD1 . ILE A 1 98  ? -3.369  4.236   -3.244  1.00 16.22 ? 95  ILE A CD1 1 
ATOM   728  N N   . LEU A 1 99  ? -6.426  1.821   -7.945  1.00 12.08 ? 96  LEU A N   1 
ATOM   729  C CA  . LEU A 1 99  ? -7.427  1.957   -9.000  1.00 12.86 ? 96  LEU A CA  1 
ATOM   730  C C   . LEU A 1 99  ? -8.853  1.878   -8.489  1.00 12.68 ? 96  LEU A C   1 
ATOM   731  O O   . LEU A 1 99  ? -9.106  1.442   -7.375  1.00 12.81 ? 96  LEU A O   1 
ATOM   732  C CB  . LEU A 1 99  ? -7.227  0.847   -10.038 1.00 13.59 ? 96  LEU A CB  1 
ATOM   733  C CG  . LEU A 1 99  ? -5.774  0.553   -10.417 1.00 17.01 ? 96  LEU A CG  1 
ATOM   734  C CD1 . LEU A 1 99  ? -5.667  -0.852  -10.987 1.00 16.46 ? 96  LEU A CD1 1 
ATOM   735  C CD2 . LEU A 1 99  ? -5.272  1.604   -11.391 1.00 17.92 ? 96  LEU A CD2 1 
ATOM   736  N N   . ASP A 1 100 ? -9.789  2.289   -9.335  1.00 13.83 ? 97  ASP A N   1 
ATOM   737  C CA  . ASP A 1 100 ? -11.197 2.241   -8.978  1.00 13.87 ? 97  ASP A CA  1 
ATOM   738  C C   . ASP A 1 100 ? -11.693 0.818   -9.242  1.00 14.22 ? 97  ASP A C   1 
ATOM   739  O O   . ASP A 1 100 ? -11.441 0.265   -10.306 1.00 14.92 ? 97  ASP A O   1 
ATOM   740  C CB  . ASP A 1 100 ? -11.980 3.214   -9.846  1.00 15.23 ? 97  ASP A CB  1 
ATOM   741  C CG  . ASP A 1 100 ? -13.413 3.342   -9.417  1.00 18.19 ? 97  ASP A CG  1 
ATOM   742  O OD1 . ASP A 1 100 ? -13.715 4.256   -8.624  1.00 16.40 ? 97  ASP A OD1 1 
ATOM   743  O OD2 . ASP A 1 100 ? -14.235 2.515   -9.868  1.00 20.17 ? 97  ASP A OD2 1 
ATOM   744  N N   . GLN A 1 101 ? -12.401 0.230   -8.285  1.00 13.96 ? 98  GLN A N   1 
ATOM   745  C CA  . GLN A 1 101 ? -12.899 -1.131  -8.455  1.00 16.40 ? 98  GLN A CA  1 
ATOM   746  C C   . GLN A 1 101 ? -13.821 -1.321  -9.655  1.00 16.92 ? 98  GLN A C   1 
ATOM   747  O O   . GLN A 1 101 ? -13.771 -2.354  -10.329 1.00 17.38 ? 98  GLN A O   1 
ATOM   748  C CB  . GLN A 1 101 ? -13.625 -1.606  -7.189  1.00 15.94 ? 98  GLN A CB  1 
ATOM   749  C CG  . GLN A 1 101 ? -12.715 -2.168  -6.124  1.00 17.02 ? 98  GLN A CG  1 
ATOM   750  C CD  . GLN A 1 101 ? -13.477 -2.723  -4.935  1.00 18.31 ? 98  GLN A CD  1 
ATOM   751  O OE1 . GLN A 1 101 ? -12.913 -2.916  -3.858  1.00 19.82 ? 98  GLN A OE1 1 
ATOM   752  N NE2 . GLN A 1 101 ? -14.763 -2.992  -5.127  1.00 16.93 ? 98  GLN A NE2 1 
ATOM   753  N N   . LYS A 1 102 ? -14.657 -0.329  -9.929  1.00 17.20 ? 99  LYS A N   1 
ATOM   754  C CA  . LYS A 1 102 ? -15.600 -0.429  -11.036 1.00 18.42 ? 99  LYS A CA  1 
ATOM   755  C C   . LYS A 1 102 ? -14.997 -0.126  -12.402 1.00 18.80 ? 99  LYS A C   1 
ATOM   756  O O   . LYS A 1 102 ? -15.524 -0.546  -13.428 1.00 18.38 ? 99  LYS A O   1 
ATOM   757  C CB  . LYS A 1 102 ? -16.811 0.465   -10.763 1.00 20.46 ? 99  LYS A CB  1 
ATOM   758  C CG  . LYS A 1 102 ? -17.567 0.065   -9.495  1.00 23.72 ? 99  LYS A CG  1 
ATOM   759  C CD  . LYS A 1 102 ? -18.859 0.837   -9.334  1.00 27.67 ? 99  LYS A CD  1 
ATOM   760  C CE  . LYS A 1 102 ? -18.606 2.334   -9.181  1.00 29.96 ? 99  LYS A CE  1 
ATOM   761  N NZ  . LYS A 1 102 ? -17.807 2.679   -7.971  1.00 31.45 ? 99  LYS A NZ  1 
ATOM   762  N N   . ASP A 1 103 ? -13.887 0.603   -12.417 1.00 19.89 ? 100 ASP A N   1 
ATOM   763  C CA  . ASP A 1 103 ? -13.206 0.917   -13.669 1.00 19.21 ? 100 ASP A CA  1 
ATOM   764  C C   . ASP A 1 103 ? -11.714 0.997   -13.388 1.00 19.91 ? 100 ASP A C   1 
ATOM   765  O O   . ASP A 1 103 ? -11.200 2.048   -13.000 1.00 20.49 ? 100 ASP A O   1 
ATOM   766  C CB  . ASP A 1 103 ? -13.689 2.246   -14.237 1.00 20.17 ? 100 ASP A CB  1 
ATOM   767  C CG  . ASP A 1 103 ? -13.116 2.524   -15.601 1.00 20.18 ? 100 ASP A CG  1 
ATOM   768  O OD1 . ASP A 1 103 ? -12.147 1.832   -15.991 1.00 18.09 ? 100 ASP A OD1 1 
ATOM   769  O OD2 . ASP A 1 103 ? -13.636 3.433   -16.279 1.00 24.62 ? 100 ASP A OD2 1 
ATOM   770  N N   . GLU A 1 104 ? -11.024 -0.114  -13.594 1.00 17.49 ? 101 GLU A N   1 
ATOM   771  C CA  . GLU A 1 104 ? -9.598  -0.170  -13.325 1.00 20.31 ? 101 GLU A CA  1 
ATOM   772  C C   . GLU A 1 104 ? -8.766  0.748   -14.211 1.00 18.70 ? 101 GLU A C   1 
ATOM   773  O O   . GLU A 1 104 ? -7.555  0.845   -14.046 1.00 19.33 ? 101 GLU A O   1 
ATOM   774  C CB  . GLU A 1 104 ? -9.120  -1.619  -13.408 1.00 18.99 ? 101 GLU A CB  1 
ATOM   775  C CG  . GLU A 1 104 ? -9.792  -2.486  -12.350 1.00 23.04 ? 101 GLU A CG  1 
ATOM   776  C CD  . GLU A 1 104 ? -9.325  -3.922  -12.358 1.00 25.04 ? 101 GLU A CD  1 
ATOM   777  O OE1 . GLU A 1 104 ? -9.922  -4.743  -11.625 1.00 23.66 ? 101 GLU A OE1 1 
ATOM   778  O OE2 . GLU A 1 104 ? -8.361  -4.224  -13.091 1.00 25.32 ? 101 GLU A OE2 1 
ATOM   779  N N   . GLY A 1 105 ? -9.425  1.425   -15.143 1.00 18.25 ? 102 GLY A N   1 
ATOM   780  C CA  . GLY A 1 105 ? -8.720  2.355   -16.001 1.00 18.09 ? 102 GLY A CA  1 
ATOM   781  C C   . GLY A 1 105 ? -8.615  3.689   -15.277 1.00 18.31 ? 102 GLY A C   1 
ATOM   782  O O   . GLY A 1 105 ? -7.937  4.601   -15.735 1.00 19.40 ? 102 GLY A O   1 
ATOM   783  N N   . VAL A 1 106 ? -9.306  3.806   -14.147 1.00 15.90 ? 103 VAL A N   1 
ATOM   784  C CA  . VAL A 1 106 ? -9.268  5.037   -13.357 1.00 14.48 ? 103 VAL A CA  1 
ATOM   785  C C   . VAL A 1 106 ? -8.154  4.901   -12.323 1.00 15.21 ? 103 VAL A C   1 
ATOM   786  O O   . VAL A 1 106 ? -8.228  4.069   -11.421 1.00 15.25 ? 103 VAL A O   1 
ATOM   787  C CB  . VAL A 1 106 ? -10.608 5.293   -12.635 1.00 14.83 ? 103 VAL A CB  1 
ATOM   788  C CG1 . VAL A 1 106 ? -10.441 6.404   -11.628 1.00 15.26 ? 103 VAL A CG1 1 
ATOM   789  C CG2 . VAL A 1 106 ? -11.688 5.650   -13.644 1.00 15.18 ? 103 VAL A CG2 1 
ATOM   790  N N   . LEU A 1 107 ? -7.115  5.716   -12.475 1.00 13.82 ? 104 LEU A N   1 
ATOM   791  C CA  . LEU A 1 107 ? -5.967  5.684   -11.583 1.00 15.12 ? 104 LEU A CA  1 
ATOM   792  C C   . LEU A 1 107 ? -5.994  6.835   -10.586 1.00 13.59 ? 104 LEU A C   1 
ATOM   793  O O   . LEU A 1 107 ? -5.873  7.995   -10.962 1.00 14.38 ? 104 LEU A O   1 
ATOM   794  C CB  . LEU A 1 107 ? -4.674  5.746   -12.410 1.00 15.60 ? 104 LEU A CB  1 
ATOM   795  C CG  . LEU A 1 107 ? -3.330  5.830   -11.681 1.00 17.48 ? 104 LEU A CG  1 
ATOM   796  C CD1 . LEU A 1 107 ? -3.066  4.545   -10.916 1.00 13.68 ? 104 LEU A CD1 1 
ATOM   797  C CD2 . LEU A 1 107 ? -2.219  6.075   -12.698 1.00 17.30 ? 104 LEU A CD2 1 
ATOM   798  N N   . TYR A 1 108 ? -6.141  6.503   -9.307  1.00 11.32 ? 105 TYR A N   1 
ATOM   799  C CA  . TYR A 1 108 ? -6.181  7.520   -8.272  1.00 11.54 ? 105 TYR A CA  1 
ATOM   800  C C   . TYR A 1 108 ? -4.792  7.877   -7.789  1.00 10.55 ? 105 TYR A C   1 
ATOM   801  O O   . TYR A 1 108 ? -4.542  9.009   -7.392  1.00 11.31 ? 105 TYR A O   1 
ATOM   802  C CB  . TYR A 1 108 ? -7.006  7.038   -7.081  1.00 10.87 ? 105 TYR A CB  1 
ATOM   803  C CG  . TYR A 1 108 ? -8.475  6.877   -7.383  1.00 10.68 ? 105 TYR A CG  1 
ATOM   804  C CD1 . TYR A 1 108 ? -9.080  5.624   -7.338  1.00 12.89 ? 105 TYR A CD1 1 
ATOM   805  C CD2 . TYR A 1 108 ? -9.263  7.979   -7.689  1.00 12.57 ? 105 TYR A CD2 1 
ATOM   806  C CE1 . TYR A 1 108 ? -10.438 5.474   -7.583  1.00 13.27 ? 105 TYR A CE1 1 
ATOM   807  C CE2 . TYR A 1 108 ? -10.623 7.840   -7.940  1.00 13.15 ? 105 TYR A CE2 1 
ATOM   808  C CZ  . TYR A 1 108 ? -11.202 6.585   -7.882  1.00 12.10 ? 105 TYR A CZ  1 
ATOM   809  O OH  . TYR A 1 108 ? -12.551 6.438   -8.108  1.00 15.19 ? 105 TYR A OH  1 
ATOM   810  N N   . SER A 1 109 ? -3.884  6.911   -7.824  1.00 12.97 ? 106 SER A N   1 
ATOM   811  C CA  . SER A 1 109 ? -2.534  7.157   -7.341  1.00 13.24 ? 106 SER A CA  1 
ATOM   812  C C   . SER A 1 109 ? -1.532  6.065   -7.660  1.00 14.25 ? 106 SER A C   1 
ATOM   813  O O   . SER A 1 109 ? -1.882  4.892   -7.809  1.00 14.19 ? 106 SER A O   1 
ATOM   814  C CB  . SER A 1 109 ? -2.574  7.370   -5.820  1.00 14.98 ? 106 SER A CB  1 
ATOM   815  O OG  . SER A 1 109 ? -1.341  7.045   -5.186  1.00 16.35 ? 106 SER A OG  1 
ATOM   816  N N   . ASP A 1 110 ? -0.276  6.477   -7.789  1.00 13.11 ? 107 ASP A N   1 
ATOM   817  C CA  . ASP A 1 110 ? 0.821   5.548   -8.005  1.00 13.88 ? 107 ASP A CA  1 
ATOM   818  C C   . ASP A 1 110 ? 1.985   6.051   -7.168  1.00 14.24 ? 107 ASP A C   1 
ATOM   819  O O   . ASP A 1 110 ? 1.852   7.042   -6.454  1.00 15.94 ? 107 ASP A O   1 
ATOM   820  C CB  . ASP A 1 110 ? 1.222   5.415   -9.489  1.00 15.68 ? 107 ASP A CB  1 
ATOM   821  C CG  . ASP A 1 110 ? 1.494   6.746   -10.170 1.00 18.86 ? 107 ASP A CG  1 
ATOM   822  O OD1 . ASP A 1 110 ? 1.931   7.714   -9.512  1.00 17.99 ? 107 ASP A OD1 1 
ATOM   823  O OD2 . ASP A 1 110 ? 1.288   6.809   -11.403 1.00 20.92 ? 107 ASP A OD2 1 
ATOM   824  N N   . GLY A 1 111 ? 3.114   5.364   -7.250  1.00 12.96 ? 108 GLY A N   1 
ATOM   825  C CA  . GLY A 1 111 ? 4.274   5.732   -6.463  1.00 14.30 ? 108 GLY A CA  1 
ATOM   826  C C   . GLY A 1 111 ? 4.799   4.456   -5.833  1.00 12.34 ? 108 GLY A C   1 
ATOM   827  O O   . GLY A 1 111 ? 4.603   3.372   -6.378  1.00 11.53 ? 108 GLY A O   1 
ATOM   828  N N   . ASN A 1 112 ? 5.461   4.565   -4.687  1.00 13.51 ? 109 ASN A N   1 
ATOM   829  C CA  . ASN A 1 112 ? 5.985   3.378   -4.030  1.00 13.73 ? 109 ASN A CA  1 
ATOM   830  C C   . ASN A 1 112 ? 6.211   3.573   -2.540  1.00 13.78 ? 109 ASN A C   1 
ATOM   831  O O   . ASN A 1 112 ? 6.068   4.678   -2.014  1.00 14.80 ? 109 ASN A O   1 
ATOM   832  C CB  . ASN A 1 112 ? 7.312   2.961   -4.666  1.00 18.15 ? 109 ASN A CB  1 
ATOM   833  C CG  . ASN A 1 112 ? 8.366   4.038   -4.551  1.00 21.83 ? 109 ASN A CG  1 
ATOM   834  O OD1 . ASN A 1 112 ? 8.667   4.727   -5.523  1.00 26.49 ? 109 ASN A OD1 1 
ATOM   835  N ND2 . ASN A 1 112 ? 8.920   4.203   -3.357  1.00 18.49 ? 109 ASN A ND2 1 
ATOM   836  N N   . VAL A 1 113 ? 6.557   2.475   -1.882  1.00 12.93 ? 110 VAL A N   1 
ATOM   837  C CA  . VAL A 1 113 ? 6.870   2.454   -0.463  1.00 13.78 ? 110 VAL A CA  1 
ATOM   838  C C   . VAL A 1 113 ? 8.148   1.629   -0.324  1.00 15.55 ? 110 VAL A C   1 
ATOM   839  O O   . VAL A 1 113 ? 8.245   0.518   -0.856  1.00 15.73 ? 110 VAL A O   1 
ATOM   840  C CB  . VAL A 1 113 ? 5.757   1.783   0.364   1.00 15.77 ? 110 VAL A CB  1 
ATOM   841  C CG1 . VAL A 1 113 ? 6.174   1.719   1.826   1.00 17.26 ? 110 VAL A CG1 1 
ATOM   842  C CG2 . VAL A 1 113 ? 4.460   2.552   0.215   1.00 16.10 ? 110 VAL A CG2 1 
ATOM   843  N N   . VAL A 1 114 ? 9.134   2.173   0.379   1.00 13.80 ? 111 VAL A N   1 
ATOM   844  C CA  . VAL A 1 114 ? 10.390  1.465   0.566   1.00 14.75 ? 111 VAL A CA  1 
ATOM   845  C C   . VAL A 1 114 ? 10.376  0.769   1.912   1.00 16.10 ? 111 VAL A C   1 
ATOM   846  O O   . VAL A 1 114 ? 10.201  1.409   2.944   1.00 17.71 ? 111 VAL A O   1 
ATOM   847  C CB  . VAL A 1 114 ? 11.591  2.428   0.509   1.00 14.75 ? 111 VAL A CB  1 
ATOM   848  C CG1 . VAL A 1 114 ? 12.865  1.679   0.836   1.00 14.49 ? 111 VAL A CG1 1 
ATOM   849  C CG2 . VAL A 1 114 ? 11.686  3.055   -0.873  1.00 15.66 ? 111 VAL A CG2 1 
ATOM   850  N N   . VAL A 1 115 ? 10.543  -0.546  1.883   1.00 15.33 ? 112 VAL A N   1 
ATOM   851  C CA  . VAL A 1 115 ? 10.549  -1.351  3.091   1.00 18.23 ? 112 VAL A CA  1 
ATOM   852  C C   . VAL A 1 115 ? 11.936  -1.922  3.348   1.00 19.82 ? 112 VAL A C   1 
ATOM   853  O O   . VAL A 1 115 ? 12.619  -2.346  2.420   1.00 20.58 ? 112 VAL A O   1 
ATOM   854  C CB  . VAL A 1 115 ? 9.559   -2.524  2.974   1.00 17.96 ? 112 VAL A CB  1 
ATOM   855  C CG1 . VAL A 1 115 ? 9.691   -3.437  4.177   1.00 19.43 ? 112 VAL A CG1 1 
ATOM   856  C CG2 . VAL A 1 115 ? 8.143   -1.988  2.847   1.00 17.43 ? 112 VAL A CG2 1 
ATOM   857  N N   . VAL A 1 116 ? 12.342  -1.929  4.612   1.00 21.59 ? 113 VAL A N   1 
ATOM   858  C CA  . VAL A 1 116 ? 13.646  -2.454  4.994   1.00 26.47 ? 113 VAL A CA  1 
ATOM   859  C C   . VAL A 1 116 ? 13.473  -3.370  6.197   1.00 29.05 ? 113 VAL A C   1 
ATOM   860  O O   . VAL A 1 116 ? 12.565  -3.173  7.006   1.00 28.63 ? 113 VAL A O   1 
ATOM   861  C CB  . VAL A 1 116 ? 14.636  -1.308  5.365   1.00 27.18 ? 113 VAL A CB  1 
ATOM   862  C CG1 . VAL A 1 116 ? 14.792  -0.344  4.202   1.00 25.80 ? 113 VAL A CG1 1 
ATOM   863  C CG2 . VAL A 1 116 ? 14.136  -0.567  6.595   1.00 27.61 ? 113 VAL A CG2 1 
ATOM   864  N N   . TRP A 1 117 ? 14.312  -4.394  6.300   1.00 32.54 ? 114 TRP A N   1 
ATOM   865  C CA  . TRP A 1 117 ? 14.241  -5.297  7.439   1.00 36.07 ? 114 TRP A CA  1 
ATOM   866  C C   . TRP A 1 117 ? 15.420  -4.935  8.319   1.00 38.60 ? 114 TRP A C   1 
ATOM   867  O O   . TRP A 1 117 ? 16.571  -5.267  8.016   1.00 39.82 ? 114 TRP A O   1 
ATOM   868  C CB  . TRP A 1 117 ? 14.302  -6.761  6.987   1.00 36.84 ? 114 TRP A CB  1 
ATOM   869  C CG  . TRP A 1 117 ? 13.104  -7.162  6.181   1.00 38.15 ? 114 TRP A CG  1 
ATOM   870  C CD1 . TRP A 1 117 ? 12.770  -6.718  4.935   1.00 38.67 ? 114 TRP A CD1 1 
ATOM   871  C CD2 . TRP A 1 117 ? 12.043  -8.034  6.591   1.00 39.54 ? 114 TRP A CD2 1 
ATOM   872  N NE1 . TRP A 1 117 ? 11.568  -7.252  4.544   1.00 38.44 ? 114 TRP A NE1 1 
ATOM   873  C CE2 . TRP A 1 117 ? 11.098  -8.064  5.540   1.00 39.48 ? 114 TRP A CE2 1 
ATOM   874  C CE3 . TRP A 1 117 ? 11.799  -8.794  7.745   1.00 41.12 ? 114 TRP A CE3 1 
ATOM   875  C CZ2 . TRP A 1 117 ? 9.922   -8.826  5.604   1.00 40.33 ? 114 TRP A CZ2 1 
ATOM   876  C CZ3 . TRP A 1 117 ? 10.621  -9.559  7.810   1.00 41.17 ? 114 TRP A CZ3 1 
ATOM   877  C CH2 . TRP A 1 117 ? 9.701   -9.564  6.742   1.00 41.29 ? 114 TRP A CH2 1 
ATOM   878  N N   . ILE A 1 118 ? 15.104  -4.218  9.393   1.00 40.72 ? 115 ILE A N   1 
ATOM   879  C CA  . ILE A 1 118 ? 16.080  -3.716  10.350  1.00 42.93 ? 115 ILE A CA  1 
ATOM   880  C C   . ILE A 1 118 ? 15.471  -3.608  11.749  1.00 44.07 ? 115 ILE A C   1 
ATOM   881  O O   . ILE A 1 118 ? 15.328  -4.608  12.468  1.00 45.17 ? 115 ILE A O   1 
ATOM   882  C CB  . ILE A 1 118 ? 16.561  -2.296  9.944   1.00 42.48 ? 115 ILE A CB  1 
ATOM   883  C CG1 . ILE A 1 118 ? 17.208  -2.335  8.559   1.00 42.47 ? 115 ILE A CG1 1 
ATOM   884  C CG2 . ILE A 1 118 ? 17.550  -1.752  10.969  1.00 42.97 ? 115 ILE A CG2 1 
ATOM   885  C CD1 . ILE A 1 118 ? 17.380  -0.972  7.889   1.00 42.06 ? 115 ILE A CD1 1 
ATOM   886  N N   . ASP A 1 119 ? 15.109  -2.372  12.104  1.00 45.46 ? 116 ASP A N   1 
ATOM   887  C CA  . ASP A 1 119 ? 14.539  -2.017  13.398  1.00 46.91 ? 116 ASP A CA  1 
ATOM   888  C C   . ASP A 1 119 ? 15.669  -2.130  14.434  1.00 47.09 ? 116 ASP A C   1 
ATOM   889  O O   . ASP A 1 119 ? 15.452  -2.458  15.601  1.00 47.94 ? 116 ASP A O   1 
ATOM   890  C CB  . ASP A 1 119 ? 13.363  -2.943  13.739  1.00 48.25 ? 116 ASP A CB  1 
ATOM   891  C CG  . ASP A 1 119 ? 12.475  -2.382  14.832  1.00 48.78 ? 116 ASP A CG  1 
ATOM   892  O OD1 . ASP A 1 119 ? 12.996  -2.158  15.942  1.00 49.71 ? 116 ASP A OD1 1 
ATOM   893  O OD2 . ASP A 1 119 ? 11.264  -2.162  14.584  1.00 49.83 ? 116 ASP A OD2 1 
ATOM   894  N N   . THR A 1 120 ? 16.881  -1.826  13.969  1.00 46.43 ? 117 THR A N   1 
ATOM   895  C CA  . THR A 1 120 ? 18.099  -1.878  14.766  1.00 45.10 ? 117 THR A CA  1 
ATOM   896  C C   . THR A 1 120 ? 19.258  -1.549  13.836  1.00 45.08 ? 117 THR A C   1 
ATOM   897  O O   . THR A 1 120 ? 19.893  -0.488  13.939  1.00 45.08 ? 117 THR A O   1 
ATOM   898  C CB  . THR A 1 120 ? 18.333  -3.301  15.351  1.00 44.40 ? 117 THR A CB  1 
ATOM   899  O OG1 . THR A 1 120 ? 17.715  -3.403  16.639  1.00 44.73 ? 117 THR A OG1 1 
ATOM   900  C CG2 . THR A 1 120 ? 19.819  -3.611  15.468  1.00 44.68 ? 117 THR A CG2 1 
ATOM   901  N N   . GLN A 1 121 ? 19.495  -2.474  12.912  1.00 44.61 ? 118 GLN A N   1 
ATOM   902  C CA  . GLN A 1 121 ? 20.574  -2.400  11.937  1.00 44.08 ? 118 GLN A CA  1 
ATOM   903  C C   . GLN A 1 121 ? 20.087  -3.238  10.749  1.00 43.00 ? 118 GLN A C   1 
ATOM   904  O O   . GLN A 1 121 ? 19.328  -4.193  10.937  1.00 42.43 ? 118 GLN A O   1 
ATOM   905  C CB  . GLN A 1 121 ? 21.809  -3.019  12.579  1.00 45.28 ? 118 GLN A CB  1 
ATOM   906  C CG  . GLN A 1 121 ? 23.119  -2.891  11.840  1.00 46.41 ? 118 GLN A CG  1 
ATOM   907  C CD  . GLN A 1 121 ? 24.223  -3.615  12.593  1.00 47.63 ? 118 GLN A CD  1 
ATOM   908  O OE1 . GLN A 1 121 ? 24.150  -4.835  12.792  1.00 48.34 ? 118 GLN A OE1 1 
ATOM   909  N NE2 . GLN A 1 121 ? 25.242  -2.875  13.028  1.00 48.34 ? 118 GLN A NE2 1 
ATOM   910  N N   . THR A 1 122 ? 20.505  -2.882  9.535   1.00 41.83 ? 119 THR A N   1 
ATOM   911  C CA  . THR A 1 122 ? 20.070  -3.594  8.332   1.00 41.25 ? 119 THR A CA  1 
ATOM   912  C C   . THR A 1 122 ? 20.364  -5.086  8.375   1.00 41.05 ? 119 THR A C   1 
ATOM   913  O O   . THR A 1 122 ? 21.342  -5.517  8.989   1.00 41.36 ? 119 THR A O   1 
ATOM   914  C CB  . THR A 1 122 ? 20.721  -3.018  7.062   1.00 41.32 ? 119 THR A CB  1 
ATOM   915  O OG1 . THR A 1 122 ? 22.062  -3.512  6.942   1.00 42.64 ? 119 THR A OG1 1 
ATOM   916  C CG2 . THR A 1 122 ? 20.765  -1.491  7.130   1.00 41.19 ? 119 THR A CG2 1 
ATOM   917  N N   . GLY A 1 123 ? 19.504  -5.870  7.728   1.00 40.36 ? 120 GLY A N   1 
ATOM   918  C CA  . GLY A 1 123 ? 19.703  -7.308  7.706   1.00 41.20 ? 120 GLY A CA  1 
ATOM   919  C C   . GLY A 1 123 ? 18.766  -8.069  6.792   1.00 42.10 ? 120 GLY A C   1 
ATOM   920  O O   . GLY A 1 123 ? 17.551  -8.069  6.990   1.00 44.01 ? 120 GLY A O   1 
ATOM   921  N N   . LYS A 1 124 ? 19.339  -8.718  5.781   1.00 42.53 ? 121 LYS A N   1 
ATOM   922  C CA  . LYS A 1 124 ? 18.592  -9.521  4.814   1.00 42.78 ? 121 LYS A CA  1 
ATOM   923  C C   . LYS A 1 124 ? 19.627  -10.175 3.900   1.00 44.17 ? 121 LYS A C   1 
ATOM   924  O O   . LYS A 1 124 ? 19.294  -10.684 2.823   1.00 45.31 ? 121 LYS A O   1 
ATOM   925  C CB  . LYS A 1 124 ? 17.639  -8.635  3.999   1.00 41.99 ? 121 LYS A CB  1 
ATOM   926  C CG  . LYS A 1 124 ? 16.774  -9.355  2.947   1.00 40.11 ? 121 LYS A CG  1 
ATOM   927  C CD  . LYS A 1 124 ? 15.725  -10.280 3.572   1.00 40.26 ? 121 LYS A CD  1 
ATOM   928  C CE  . LYS A 1 124 ? 16.305  -11.645 3.915   1.00 39.76 ? 121 LYS A CE  1 
ATOM   929  N NZ  . LYS A 1 124 ? 15.380  -12.415 4.799   1.00 39.39 ? 121 LYS A NZ  1 
ATOM   930  N N   . SER A 1 125 ? 20.881  -10.176 4.358   1.00 45.04 ? 122 SER A N   1 
ATOM   931  C CA  . SER A 1 125 ? 22.001  -10.744 3.608   1.00 46.35 ? 122 SER A CA  1 
ATOM   932  C C   . SER A 1 125 ? 23.209  -11.040 4.499   1.00 47.00 ? 122 SER A C   1 
ATOM   933  O O   . SER A 1 125 ? 24.188  -10.261 4.486   1.00 47.08 ? 122 SER A O   1 
ATOM   934  C CB  . SER A 1 125 ? 22.426  -9.790  2.488   1.00 46.70 ? 122 SER A CB  1 
ATOM   935  O OG  . SER A 1 125 ? 23.609  -10.237 1.844   1.00 48.00 ? 122 SER A OG  1 
HETATM 936  O O   . HOH B 2 .   ? -8.656  12.087  -2.974  1.00 14.11 ? 135 HOH A O   1 
HETATM 937  O O   . HOH B 2 .   ? 3.385   0.906   -2.471  1.00 13.48 ? 136 HOH A O   1 
HETATM 938  O O   . HOH B 2 .   ? -5.672  11.511  -5.655  1.00 20.15 ? 137 HOH A O   1 
HETATM 939  O O   . HOH B 2 .   ? 2.572   -0.286  -0.079  1.00 17.65 ? 138 HOH A O   1 
HETATM 940  O O   . HOH B 2 .   ? 14.902  -1.487  -2.906  1.00 22.45 ? 139 HOH A O   1 
HETATM 941  O O   . HOH B 2 .   ? -4.415  15.723  -3.155  1.00 16.90 ? 140 HOH A O   1 
HETATM 942  O O   . HOH B 2 .   ? -17.976 1.059   -14.769 1.00 46.77 ? 141 HOH A O   1 
HETATM 943  O O   . HOH B 2 .   ? -16.483 12.690  5.446   1.00 18.67 ? 142 HOH A O   1 
HETATM 944  O O   . HOH B 2 .   ? -14.102 -3.666  -1.395  1.00 28.17 ? 143 HOH A O   1 
HETATM 945  O O   . HOH B 2 .   ? 3.985   9.822   1.394   0.50 15.27 ? 144 HOH A O   1 
HETATM 946  O O   . HOH B 2 .   ? 4.988   -3.069  6.365   1.00 40.58 ? 145 HOH A O   1 
HETATM 947  O O   . HOH B 2 .   ? -4.254  14.288  6.937   1.00 18.68 ? 146 HOH A O   1 
HETATM 948  O O   . HOH B 2 .   ? 1.740   2.753   3.702   1.00 14.91 ? 147 HOH A O   1 
HETATM 949  O O   . HOH B 2 .   ? -13.980 8.453   -6.734  1.00 14.66 ? 148 HOH A O   1 
HETATM 950  O O   . HOH B 2 .   ? -3.948  -10.610 -4.611  1.00 31.77 ? 149 HOH A O   1 
HETATM 951  O O   . HOH B 2 .   ? 1.111   4.389   -12.984 1.00 26.48 ? 150 HOH A O   1 
HETATM 952  O O   . HOH B 2 .   ? 3.577   3.016   -9.350  1.00 14.29 ? 151 HOH A O   1 
HETATM 953  O O   . HOH B 2 .   ? -3.080  -11.922 -8.806  1.00 51.51 ? 152 HOH A O   1 
HETATM 954  O O   . HOH B 2 .   ? -17.692 5.781   -10.672 1.00 46.22 ? 153 HOH A O   1 
HETATM 955  O O   . HOH B 2 .   ? 14.711  -8.387  -0.209  1.00 43.23 ? 154 HOH A O   1 
HETATM 956  O O   . HOH B 2 .   ? -18.761 13.670  -6.824  1.00 40.47 ? 155 HOH A O   1 
HETATM 957  O O   . HOH B 2 .   ? 9.990   -10.927 -5.986  1.00 44.70 ? 156 HOH A O   1 
HETATM 958  O O   . HOH B 2 .   ? 6.594   10.747  -5.731  1.00 29.57 ? 157 HOH A O   1 
HETATM 959  O O   . HOH B 2 .   ? -20.108 4.667   -6.623  1.00 48.82 ? 158 HOH A O   1 
HETATM 960  O O   . HOH B 2 .   ? 19.096  -2.340  0.295   1.00 29.45 ? 159 HOH A O   1 
HETATM 961  O O   . HOH B 2 .   ? 2.954   -7.511  12.280  1.00 46.47 ? 160 HOH A O   1 
HETATM 962  O O   . HOH B 2 .   ? -20.428 10.034  -4.622  1.00 30.56 ? 161 HOH A O   1 
HETATM 963  O O   . HOH B 2 .   ? -13.321 10.889  -8.494  1.00 42.09 ? 162 HOH A O   1 
HETATM 964  O O   . HOH B 2 .   ? 9.159   -14.640 -4.500  1.00 40.79 ? 163 HOH A O   1 
HETATM 965  O O   . HOH B 2 .   ? -7.423  5.837   11.694  1.00 29.02 ? 164 HOH A O   1 
HETATM 966  O O   . HOH B 2 .   ? -7.356  7.404   9.934   1.00 42.63 ? 165 HOH A O   1 
HETATM 967  O O   . HOH B 2 .   ? -11.470 6.558   8.312   1.00 16.65 ? 166 HOH A O   1 
HETATM 968  O O   . HOH B 2 .   ? -12.103 -3.739  2.449   1.00 22.31 ? 167 HOH A O   1 
HETATM 969  O O   . HOH B 2 .   ? -11.615 -0.677  4.549   1.00 13.72 ? 168 HOH A O   1 
HETATM 970  O O   . HOH B 2 .   ? -11.035 9.569   11.964  1.00 34.44 ? 169 HOH A O   1 
HETATM 971  O O   . HOH B 2 .   ? -6.292  15.662  1.241   1.00 21.63 ? 170 HOH A O   1 
HETATM 972  O O   . HOH B 2 .   ? -2.011  16.417  2.721   1.00 25.67 ? 171 HOH A O   1 
HETATM 973  O O   . HOH B 2 .   ? -19.296 9.019   -7.218  1.00 35.72 ? 172 HOH A O   1 
HETATM 974  O O   . HOH B 2 .   ? 11.155  -1.470  -11.941 1.00 35.05 ? 173 HOH A O   1 
HETATM 975  O O   . HOH B 2 .   ? -6.964  7.740   -14.653 1.00 26.46 ? 174 HOH A O   1 
HETATM 976  O O   . HOH B 2 .   ? 2.917   2.440   -11.916 1.00 23.48 ? 175 HOH A O   1 
HETATM 977  O O   . HOH B 2 .   ? 17.490  -3.513  6.172   1.00 34.17 ? 176 HOH A O   1 
HETATM 978  O O   . HOH B 2 .   ? -4.597  -0.241  7.952   1.00 17.50 ? 177 HOH A O   1 
HETATM 979  O O   . HOH B 2 .   ? -12.801 -4.798  -11.351 1.00 25.88 ? 178 HOH A O   1 
HETATM 980  O O   . HOH B 2 .   ? 12.500  6.961   -1.186  1.00 25.68 ? 179 HOH A O   1 
HETATM 981  O O   . HOH B 2 .   ? 10.271  -11.728 -1.335  1.00 37.08 ? 180 HOH A O   1 
HETATM 982  O O   . HOH B 2 .   ? 3.881   -1.380  7.851   1.00 26.02 ? 181 HOH A O   1 
HETATM 983  O O   . HOH B 2 .   ? -17.471 -1.539  0.270   1.00 25.94 ? 182 HOH A O   1 
HETATM 984  O O   . HOH B 2 .   ? 6.363   -17.886 5.677   1.00 48.33 ? 183 HOH A O   1 
HETATM 985  O O   . HOH B 2 .   ? 14.226  2.413   8.673   1.00 38.19 ? 184 HOH A O   1 
HETATM 986  O O   . HOH B 2 .   ? -13.843 -7.458  -4.265  1.00 42.66 ? 185 HOH A O   1 
HETATM 987  O O   . HOH B 2 .   ? 14.628  -12.963 -1.888  1.00 40.29 ? 186 HOH A O   1 
HETATM 988  O O   . HOH B 2 .   ? 14.452  6.855   5.661   1.00 30.76 ? 187 HOH A O   1 
HETATM 989  O O   . HOH B 2 .   ? -4.105  12.285  -13.638 1.00 43.70 ? 188 HOH A O   1 
HETATM 990  O O   . HOH B 2 .   ? 15.835  -12.033 -5.143  1.00 47.43 ? 189 HOH A O   1 
HETATM 991  O O   . HOH B 2 .   ? -14.173 18.930  -6.928  1.00 43.18 ? 190 HOH A O   1 
HETATM 992  O O   . HOH B 2 .   ? 19.351  -8.246  13.916  1.00 46.53 ? 191 HOH A O   1 
HETATM 993  O O   . HOH B 2 .   ? 6.992   -15.258 7.339   1.00 43.90 ? 192 HOH A O   1 
HETATM 994  O O   . HOH B 2 .   ? -8.076  -9.334  -6.615  1.00 36.97 ? 193 HOH A O   1 
HETATM 995  O O   . HOH B 2 .   ? 19.059  -8.345  -3.594  1.00 47.88 ? 194 HOH A O   1 
HETATM 996  O O   . HOH B 2 .   ? 9.060   -9.874  -2.936  1.00 39.81 ? 195 HOH A O   1 
HETATM 997  O O   . HOH B 2 .   ? 7.529   -13.307 -2.106  1.00 50.35 ? 196 HOH A O   1 
HETATM 998  O O   . HOH B 2 .   ? -3.337  4.134   -15.951 1.00 40.97 ? 197 HOH A O   1 
HETATM 999  O O   . HOH B 2 .   ? 10.019  -14.463 0.545   1.00 34.57 ? 198 HOH A O   1 
HETATM 1000 O O   . HOH B 2 .   ? -6.514  -10.993 2.472   1.00 42.19 ? 199 HOH A O   1 
HETATM 1001 O O   . HOH B 2 .   ? -4.066  7.781   7.869   1.00 43.25 ? 200 HOH A O   1 
HETATM 1002 O O   . HOH B 2 .   ? -6.409  8.519   -17.678 1.00 49.80 ? 201 HOH A O   1 
HETATM 1003 O O   . HOH B 2 .   ? 7.581   -7.111  14.268  1.00 43.54 ? 202 HOH A O   1 
HETATM 1004 O O   . HOH B 2 .   ? 13.767  2.877   -4.121  1.00 32.10 ? 203 HOH A O   1 
HETATM 1005 O O   . HOH B 2 .   ? 10.834  6.579   -5.935  1.00 49.69 ? 204 HOH A O   1 
HETATM 1006 O O   . HOH B 2 .   ? 8.844   -0.922  -12.523 1.00 45.03 ? 205 HOH A O   1 
HETATM 1007 O O   . HOH B 2 .   ? 14.210  -14.876 3.160   1.00 52.81 ? 206 HOH A O   1 
HETATM 1008 O O   . HOH B 2 .   ? 6.801   8.361   -8.280  1.00 40.11 ? 207 HOH A O   1 
HETATM 1009 O O   . HOH B 2 .   ? 6.579   -16.896 -1.528  1.00 55.51 ? 208 HOH A O   1 
HETATM 1010 O O   . HOH B 2 .   ? -23.424 9.459   -3.135  1.00 41.85 ? 209 HOH A O   1 
HETATM 1011 O O   . HOH B 2 .   ? -18.963 11.504  -1.960  1.00 44.20 ? 210 HOH A O   1 
HETATM 1012 O O   . HOH B 2 .   ? -0.080  3.234   -14.729 1.00 41.55 ? 211 HOH A O   1 
HETATM 1013 O O   . HOH B 2 .   ? -8.200  15.105  -1.308  1.00 33.78 ? 212 HOH A O   1 
HETATM 1014 O O   . HOH B 2 .   ? -5.739  6.195   -16.407 1.00 42.76 ? 213 HOH A O   1 
HETATM 1015 O O   . HOH B 2 .   ? -4.494  17.962  0.285   1.00 32.78 ? 214 HOH A O   1 
HETATM 1016 O O   . HOH B 2 .   ? 9.743   5.439   -8.526  1.00 44.51 ? 215 HOH A O   1 
HETATM 1017 O O   . HOH B 2 .   ? 6.298   2.769   -9.189  1.00 31.42 ? 216 HOH A O   1 
HETATM 1018 O O   . HOH B 2 .   ? 9.462   -7.030  -10.281 1.00 40.80 ? 217 HOH A O   1 
HETATM 1019 O O   . HOH B 2 .   ? 7.122   -18.195 3.279   1.00 48.12 ? 218 HOH A O   1 
HETATM 1020 O O   . HOH B 2 .   ? 3.641   -13.904 3.204   1.00 43.07 ? 219 HOH A O   1 
HETATM 1021 O O   . HOH B 2 .   ? 14.344  5.807   0.712   1.00 40.20 ? 220 HOH A O   1 
HETATM 1022 O O   . HOH B 2 .   ? -13.241 -6.403  -9.238  1.00 37.68 ? 221 HOH A O   1 
HETATM 1023 O O   . HOH B 2 .   ? 11.534  -14.112 -10.926 1.00 40.96 ? 222 HOH A O   1 
HETATM 1024 O O   . HOH B 2 .   ? -10.186 -10.081 7.308   1.00 31.45 ? 223 HOH A O   1 
HETATM 1025 O O   . HOH B 2 .   ? -4.795  -11.983 3.819   1.00 51.03 ? 224 HOH A O   1 
HETATM 1026 O O   . HOH B 2 .   ? 0.036   -14.391 3.803   1.00 54.19 ? 225 HOH A O   1 
HETATM 1027 O O   . HOH B 2 .   ? -7.152  -9.559  -9.045  1.00 43.46 ? 226 HOH A O   1 
HETATM 1028 O O   . HOH B 2 .   ? -13.775 6.730   6.709   1.00 57.85 ? 227 HOH A O   1 
HETATM 1029 O O   . HOH B 2 .   ? -3.700  -18.490 5.045   1.00 52.57 ? 228 HOH A O   1 
HETATM 1030 O O   . HOH B 2 .   ? 8.907   -12.832 10.787  1.00 49.17 ? 229 HOH A O   1 
HETATM 1031 O O   . HOH B 2 .   ? -17.273 0.864   -5.658  1.00 22.14 ? 230 HOH A O   1 
HETATM 1032 O O   . HOH B 2 .   ? 12.156  5.042   -3.923  1.00 43.54 ? 231 HOH A O   1 
HETATM 1033 O O   . HOH B 2 .   ? 14.370  -5.241  15.784  1.00 47.76 ? 232 HOH A O   1 
HETATM 1034 O O   . HOH B 2 .   ? 9.432   -16.085 -10.248 1.00 48.10 ? 233 HOH A O   1 
HETATM 1035 O O   . HOH B 2 .   ? 2.816   -14.514 -10.013 1.00 51.69 ? 234 HOH A O   1 
HETATM 1036 O O   . HOH B 2 .   ? 5.856   -14.272 -6.217  1.00 48.64 ? 235 HOH A O   1 
HETATM 1037 O O   . HOH B 2 .   ? -9.934  -5.654  3.818   1.00 23.00 ? 236 HOH A O   1 
HETATM 1038 O O   . HOH B 2 .   ? 11.788  9.013   -4.569  1.00 47.52 ? 237 HOH A O   1 
HETATM 1039 O O   . HOH B 2 .   ? -14.329 7.152   -16.174 1.00 50.89 ? 238 HOH A O   1 
HETATM 1040 O O   . HOH B 2 .   ? -10.139 -10.163 -4.865  1.00 41.84 ? 239 HOH A O   1 
HETATM 1041 O O   . HOH B 2 .   ? 2.609   -12.663 -3.205  1.00 46.42 ? 240 HOH A O   1 
HETATM 1042 O O   . HOH B 2 .   ? -2.320  13.903  -12.770 1.00 41.78 ? 241 HOH A O   1 
HETATM 1043 O O   . HOH B 2 .   ? -5.990  14.477  -5.386  1.00 35.84 ? 242 HOH A O   1 
HETATM 1044 O O   . HOH B 2 .   ? -19.663 7.890   -10.681 1.00 44.20 ? 243 HOH A O   1 
HETATM 1045 O O   . HOH B 2 .   ? -19.337 8.905   -13.031 1.00 43.61 ? 244 HOH A O   1 
HETATM 1046 O O   . HOH B 2 .   ? 19.115  -11.777 7.294   1.00 49.04 ? 245 HOH A O   1 
HETATM 1047 O O   . HOH B 2 .   ? 6.804   -9.711  10.386  1.00 49.04 ? 246 HOH A O   1 
HETATM 1048 O O   . HOH B 2 .   ? -8.497  -12.651 -10.683 1.00 48.52 ? 247 HOH A O   1 
HETATM 1049 O O   . HOH B 2 .   ? -0.152  -16.109 -1.915  1.00 43.16 ? 248 HOH A O   1 
HETATM 1050 O O   . HOH B 2 .   ? 18.317  -0.964  21.398  1.00 46.03 ? 249 HOH A O   1 
HETATM 1051 O O   . HOH B 2 .   ? -12.574 -5.689  0.427   1.00 33.31 ? 250 HOH A O   1 
HETATM 1052 O O   . HOH B 2 .   ? 4.293   12.220  -10.277 1.00 50.12 ? 251 HOH A O   1 
HETATM 1053 O O   . HOH B 2 .   ? -7.756  -9.714  -2.253  1.00 47.48 ? 252 HOH A O   1 
HETATM 1054 O O   . HOH B 2 .   ? 4.948   -14.845 5.666   1.00 47.50 ? 253 HOH A O   1 
HETATM 1055 O O   . HOH B 2 .   ? -17.317 15.456  -2.041  1.00 45.71 ? 254 HOH A O   1 
HETATM 1056 O O   . HOH B 2 .   ? 3.367   13.225  -13.283 1.00 47.12 ? 255 HOH A O   1 
HETATM 1057 O O   . HOH B 2 .   ? 7.047   -12.447 -4.549  1.00 39.00 ? 256 HOH A O   1 
HETATM 1058 O O   . HOH B 2 .   ? 8.272   -11.382 -13.474 1.00 40.52 ? 257 HOH A O   1 
HETATM 1059 O O   . HOH B 2 .   ? -2.228  -10.899 -13.117 1.00 45.11 ? 258 HOH A O   1 
HETATM 1060 O O   . HOH B 2 .   ? 1.223   -3.531  -12.808 1.00 47.49 ? 259 HOH A O   1 
HETATM 1061 O O   . HOH B 2 .   ? 2.925   9.654   -11.256 1.00 27.60 ? 260 HOH A O   1 
HETATM 1062 O O   . HOH B 2 .   ? -12.540 13.768  -10.831 1.00 39.80 ? 261 HOH A O   1 
HETATM 1063 O O   . HOH B 2 .   ? -12.731 6.519   11.730  1.00 44.32 ? 262 HOH A O   1 
HETATM 1064 O O   . HOH B 2 .   ? 5.579   -9.635  3.449   1.00 46.55 ? 263 HOH A O   1 
HETATM 1065 O O   . HOH B 2 .   ? 1.377   -18.107 9.829   1.00 48.48 ? 264 HOH A O   1 
HETATM 1066 O O   . HOH B 2 .   ? -21.254 10.586  -0.652  1.00 50.45 ? 265 HOH A O   1 
HETATM 1067 O O   . HOH B 2 .   ? 9.296   -11.784 12.806  1.00 49.31 ? 266 HOH A O   1 
HETATM 1068 O O   . HOH B 2 .   ? 6.837   -13.808 16.303  1.00 53.68 ? 267 HOH A O   1 
HETATM 1069 O O   . HOH B 2 .   ? 7.276   0.699   9.759   1.00 31.68 ? 268 HOH A O   1 
HETATM 1070 O O   . HOH B 2 .   ? 7.037   0.434   -8.692  1.00 54.42 ? 269 HOH A O   1 
HETATM 1071 O O   . HOH B 2 .   ? 12.682  1.899   -10.301 1.00 38.37 ? 270 HOH A O   1 
HETATM 1072 O O   . HOH B 2 .   ? 17.450  -1.586  3.582   1.00 50.25 ? 271 HOH A O   1 
HETATM 1073 O O   . HOH B 2 .   ? 14.066  -7.492  16.396  1.00 43.87 ? 272 HOH A O   1 
HETATM 1074 O O   . HOH B 2 .   ? -10.454 -3.025  4.465   1.00 31.37 ? 273 HOH A O   1 
HETATM 1075 O O   . HOH B 2 .   ? 4.444   -16.311 3.361   1.00 55.56 ? 274 HOH A O   1 
HETATM 1076 O O   . HOH B 2 .   ? 2.674   -15.499 12.945  1.00 52.72 ? 275 HOH A O   1 
HETATM 1077 O O   . HOH B 2 .   ? 16.136  -6.524  14.841  1.00 50.82 ? 276 HOH A O   1 
HETATM 1078 O O   . HOH B 2 .   ? 18.968  -4.599  18.388  1.00 37.57 ? 277 HOH A O   1 
HETATM 1079 O O   . HOH B 2 .   ? 22.255  -4.448  -1.783  1.00 40.67 ? 278 HOH A O   1 
HETATM 1080 O O   . HOH B 2 .   ? 20.015  -2.459  17.901  1.00 48.76 ? 279 HOH A O   1 
HETATM 1081 O O   . HOH B 2 .   ? 24.345  -1.881  15.073  1.00 48.24 ? 280 HOH A O   1 
HETATM 1082 O O   . HOH B 2 .   ? 21.129  -7.398  4.534   1.00 54.28 ? 281 HOH A O   1 
HETATM 1083 O O   . HOH B 2 .   ? -6.275  -14.694 8.874   1.00 36.89 ? 282 HOH A O   1 
HETATM 1084 O O   . HOH B 2 .   ? 1.928   -13.422 18.988  1.00 46.64 ? 283 HOH A O   1 
HETATM 1085 O O   . HOH B 2 .   ? 11.805  -13.303 12.747  1.00 49.56 ? 284 HOH A O   1 
HETATM 1086 O O   . HOH B 2 .   ? -15.418 2.052   -7.148  1.00 30.70 ? 285 HOH A O   1 
HETATM 1087 O O   . HOH B 2 .   ? -14.668 5.666   -11.372 1.00 52.70 ? 286 HOH A O   1 
HETATM 1088 O O   . HOH B 2 .   ? 1.655   -12.483 -15.503 1.00 58.81 ? 287 HOH A O   1 
HETATM 1089 O O   . HOH B 2 .   ? 7.198   -10.357 -8.710  1.00 58.28 ? 288 HOH A O   1 
HETATM 1090 O O   . HOH B 2 .   ? 7.740   -13.595 -12.343 1.00 54.94 ? 289 HOH A O   1 
HETATM 1091 O O   . HOH B 2 .   ? 10.529  -12.610 -11.681 1.00 55.93 ? 290 HOH A O   1 
HETATM 1092 O O   . HOH B 2 .   ? 11.738  -5.016  -11.500 1.00 53.75 ? 291 HOH A O   1 
HETATM 1093 O O   . HOH B 2 .   ? -9.199  -4.120  5.750   1.00 50.94 ? 292 HOH A O   1 
HETATM 1094 O O   . HOH B 2 .   ? 22.290  -6.017  6.584   1.00 49.57 ? 293 HOH A O   1 
HETATM 1095 O O   . HOH B 2 .   ? 23.016  -10.250 19.128  1.00 53.39 ? 294 HOH A O   1 
HETATM 1096 O O   . HOH B 2 .   ? 18.008  -6.385  12.949  1.00 56.56 ? 295 HOH A O   1 
HETATM 1097 O O   . HOH B 2 .   ? 6.934   -8.789  4.847   1.00 57.46 ? 296 HOH A O   1 
HETATM 1098 O O   . HOH B 2 .   ? -25.713 12.408  5.308   1.00 52.53 ? 297 HOH A O   1 
HETATM 1099 O O   . HOH B 2 .   ? 10.937  -12.260 7.492   1.00 52.62 ? 298 HOH A O   1 
HETATM 1100 O O   . HOH B 2 .   ? 15.120  -6.215  11.350  1.00 59.19 ? 299 HOH A O   1 
HETATM 1101 O O   . HOH B 2 .   ? 7.784   -13.508 13.996  1.00 58.25 ? 300 HOH A O   1 
HETATM 1102 O O   . HOH B 2 .   ? -2.291  -13.160 10.272  1.00 65.25 ? 301 HOH A O   1 
HETATM 1103 O O   . HOH B 2 .   ? -4.810  9.088   -13.506 1.00 32.96 ? 302 HOH A O   1 
HETATM 1104 O O   . HOH B 2 .   ? -8.550  -5.504  2.295   1.00 49.61 ? 303 HOH A O   1 
HETATM 1105 O O   . HOH B 2 .   ? -10.393 -7.945  -8.171  1.00 47.63 ? 304 HOH A O   1 
HETATM 1106 O O   . HOH B 2 .   ? -2.144  2.210   -14.788 1.00 60.40 ? 305 HOH A O   1 
# 
